data_3C3L
#
_entry.id   3C3L
#
_cell.length_a   82.344
_cell.length_b   111.205
_cell.length_c   276.954
_cell.angle_alpha   90.000
_cell.angle_beta   90.000
_cell.angle_gamma   90.000
#
_symmetry.space_group_name_H-M   'P 21 21 21'
#
loop_
_entity.id
_entity.type
_entity.pdbx_description
1 polymer 'P2 Promoter DNA'
2 polymer 'Virion RNA polymerase'
3 water water
#
loop_
_entity_poly.entity_id
_entity_poly.type
_entity_poly.pdbx_seq_one_letter_code
_entity_poly.pdbx_strand_id
1 'polydeoxyribonucleotide'
;(DT)(DG)(DC)(DC)(DT)(DC)(DC)(DC)(DA)(DG)(DG)(DC)(DA)(DG)(DT)(DC)(DA)(DA)(DA)(DA)
(DG)(DA)(DA)(DG)(DC)(DG)(DG)(DA)(DG)(DC)(DT)(DT)(DC)
;
C,D
2 'polypeptide(L)'
;MGGSHHHHHHRSESTVTEELKEGIDAVYPSLVGTADSKAEGIKNYFKLSFTLPEEQKSRTVGSEAPLKDVAQALSSRARY
ELFTEKETANPAFNGEVIKRYKELMEHGEGIADILRSRLAKFLNTKDVGKRFAQGTEANRWVGGKLLNIVEQDGDTFKYN
EQLLQTAVLAGLQWRLTATSNTAIKDAKDVAAITGIDQALLPEGLVEQFDTGMTLTEAVSSLAQKIESYWGLSRNPNAPL
GYTKGIPTAMAAEILAAFVESTDVVENIVDMSEIDPDNKKTIGLYTITELDSFDPINSFPTAIEEAVLVNPTEKMFFGDD
IPPVANTQLRNPAVRNTPEQKAALKAEQATEFYVHTPMVQFYETLGKDRILELMGAGTLNKELLNDNHAKSLEGKNRSVE
DSYNQLFSVIEQVRAQSEDISTVPIHYAYNMTRVGRMQMLGKYNPQSAKLVREAILPTKATLDLSNQNNEDFSAFQLGLA
QALDIKVHTMTREVMSDELTKLLEGNLKPAIDMMVEFNTTGSLPENAVDVLNTALGDRKSFVALMALMEYSRYLVAEDKS
AFVTPLYVEADGVTNGPINAMMLMTGGLFTPDWIRNIAKGGLFIGSPNKTMNEHRSTADNNDLYQASTNALMESLGKLRS
NYASNMPIQSQIDSLLSLMDLFLPDINLGENGALELKRGIAKNPLTITIYGSGARGIAGKLVSSVTDAIYERMSDVLKAR
AKDPNISAAMAMFGKQAASEAHAEELLARFLKDMETLTSTVPVKRKGVLELQSTGTGAKGKINPKTYTIKGEQLKALQEN
MLHFFVEPLRNGITQTVGESLVYSTEQLQKATQIQSVVLEDMFKQRVQEKLAEKAKDPTWKKGDFLTQKELNDIQASLNN
LAPMIETGSQTFYIAGSENAEVANQVLATNLDDRMRVPMSIYAPAQAGVAGIPFMTIGTGDGMMMQTLSTMKGAPKNTLK
IFDGMNIGLNDITDASRKANEAVYTSWQGNPIKNVYESYAKFMKNVDFSKLSPEALEAIGKSALEYDQRENATVDDIANA
ASLIERNLRNIALGVDIRHKVLDKVNLSIDQMAAVGAPYQNNGKIDLSNMTPEQQADELNKLFREELEARKQKVAKA
;
A,B
#
loop_
_chem_comp.id
_chem_comp.type
_chem_comp.name
_chem_comp.formula
DA DNA linking 2'-DEOXYADENOSINE-5'-MONOPHOSPHATE 'C10 H14 N5 O6 P'
DC DNA linking 2'-DEOXYCYTIDINE-5'-MONOPHOSPHATE 'C9 H14 N3 O7 P'
DG DNA linking 2'-DEOXYGUANOSINE-5'-MONOPHOSPHATE 'C10 H14 N5 O7 P'
DT DNA linking THYMIDINE-5'-MONOPHOSPHATE 'C10 H15 N2 O8 P'
#
# COMPACT_ATOMS: atom_id res chain seq x y z
N GLY C 23 16.44 -30.82 -34.30
CA GLY C 23 15.40 -29.79 -34.00
C GLY C 23 15.57 -29.17 -32.63
N ILE C 24 15.33 -29.95 -31.59
CA ILE C 24 15.47 -29.47 -30.22
C ILE C 24 16.94 -29.21 -29.87
N ASP C 25 17.84 -30.01 -30.43
CA ASP C 25 19.26 -29.81 -30.18
C ASP C 25 19.76 -28.54 -30.87
N ALA C 26 19.17 -28.21 -32.02
CA ALA C 26 19.56 -27.03 -32.76
C ALA C 26 19.18 -25.76 -31.98
N VAL C 27 18.17 -25.87 -31.12
CA VAL C 27 17.74 -24.72 -30.32
C VAL C 27 18.58 -24.58 -29.05
N TYR C 28 18.94 -25.71 -28.45
CA TYR C 28 19.76 -25.76 -27.21
C TYR C 28 20.97 -26.68 -27.43
N PRO C 29 21.88 -26.31 -28.33
CA PRO C 29 23.06 -27.13 -28.60
C PRO C 29 24.18 -27.08 -27.58
N SER C 30 24.05 -26.24 -26.56
CA SER C 30 25.11 -26.12 -25.55
C SER C 30 24.81 -26.73 -24.18
N LEU C 31 23.63 -27.32 -24.02
CA LEU C 31 23.30 -27.93 -22.73
C LEU C 31 24.28 -29.06 -22.42
N VAL C 32 24.43 -29.36 -21.14
CA VAL C 32 25.35 -30.42 -20.71
C VAL C 32 24.80 -31.83 -20.82
N GLY C 33 25.48 -32.67 -21.58
CA GLY C 33 25.02 -34.04 -21.72
C GLY C 33 24.68 -34.49 -23.12
N THR C 34 24.40 -35.78 -23.26
CA THR C 34 24.07 -36.38 -24.54
C THR C 34 22.59 -36.74 -24.58
N ALA C 35 21.89 -36.29 -25.60
CA ALA C 35 20.47 -36.58 -25.75
C ALA C 35 20.26 -37.99 -26.28
N ASP C 36 20.65 -38.97 -25.47
CA ASP C 36 20.51 -40.39 -25.79
C ASP C 36 20.49 -41.13 -24.46
N SER C 37 19.35 -41.73 -24.15
CA SER C 37 19.20 -42.46 -22.89
C SER C 37 20.19 -43.61 -22.74
N LYS C 38 20.79 -44.03 -23.85
CA LYS C 38 21.73 -45.14 -23.81
C LYS C 38 23.22 -44.76 -23.69
N ALA C 39 23.51 -43.47 -23.67
CA ALA C 39 24.90 -43.03 -23.54
C ALA C 39 25.40 -43.28 -22.11
N GLU C 40 26.71 -43.39 -21.95
CA GLU C 40 27.31 -43.65 -20.64
C GLU C 40 27.52 -42.43 -19.76
N GLY C 41 28.05 -41.37 -20.35
CA GLY C 41 28.29 -40.16 -19.60
C GLY C 41 27.01 -39.43 -19.22
N ILE C 42 27.14 -38.14 -18.94
CA ILE C 42 26.00 -37.33 -18.57
C ILE C 42 25.00 -37.33 -19.71
N LYS C 43 23.76 -37.64 -19.38
CA LYS C 43 22.70 -37.67 -20.38
C LYS C 43 21.80 -36.46 -20.10
N ASN C 44 21.54 -35.65 -21.12
CA ASN C 44 20.72 -34.47 -20.94
C ASN C 44 19.22 -34.79 -21.07
N TYR C 45 18.55 -34.85 -19.93
CA TYR C 45 17.14 -35.17 -19.90
C TYR C 45 16.17 -34.06 -20.28
N PHE C 46 16.69 -32.86 -20.56
CA PHE C 46 15.79 -31.80 -20.98
C PHE C 46 15.42 -32.11 -22.43
N LYS C 47 16.44 -32.33 -23.25
CA LYS C 47 16.25 -32.63 -24.66
C LYS C 47 15.59 -33.99 -24.86
N LEU C 48 15.82 -34.92 -23.94
CA LEU C 48 15.23 -36.23 -24.05
C LEU C 48 13.74 -36.23 -23.68
N SER C 49 13.31 -35.21 -22.94
CA SER C 49 11.92 -35.16 -22.48
C SER C 49 11.05 -34.17 -23.22
N PHE C 50 11.66 -33.26 -23.97
CA PHE C 50 10.85 -32.29 -24.69
C PHE C 50 11.19 -32.16 -26.16
N THR C 51 10.23 -31.62 -26.91
CA THR C 51 10.41 -31.41 -28.32
C THR C 51 9.65 -30.18 -28.79
N LEU C 52 10.14 -29.56 -29.84
CA LEU C 52 9.51 -28.37 -30.43
C LEU C 52 8.13 -28.74 -30.95
N PRO C 53 7.13 -27.88 -30.70
CA PRO C 53 5.79 -28.19 -31.19
C PRO C 53 5.61 -27.90 -32.67
N GLU C 54 4.57 -28.49 -33.25
CA GLU C 54 4.25 -28.30 -34.66
C GLU C 54 3.97 -26.82 -34.90
N GLU C 55 3.09 -26.26 -34.08
CA GLU C 55 2.70 -24.85 -34.17
C GLU C 55 3.22 -24.07 -32.95
N GLN C 56 3.93 -22.98 -33.20
CA GLN C 56 4.48 -22.16 -32.12
C GLN C 56 3.48 -21.90 -30.99
N LYS C 57 3.95 -22.06 -29.76
CA LYS C 57 3.13 -21.85 -28.58
C LYS C 57 3.65 -20.64 -27.77
N SER C 58 4.96 -20.49 -27.69
CA SER C 58 5.56 -19.36 -26.97
C SER C 58 6.42 -18.53 -27.90
N ARG C 59 6.36 -17.21 -27.77
CA ARG C 59 7.15 -16.36 -28.62
C ARG C 59 8.59 -16.14 -28.11
N THR C 60 8.96 -16.87 -27.05
CA THR C 60 10.32 -16.73 -26.52
C THR C 60 11.26 -17.87 -26.93
N VAL C 61 10.71 -19.00 -27.35
CA VAL C 61 11.57 -20.12 -27.77
C VAL C 61 12.36 -19.66 -28.99
N GLY C 62 13.69 -19.74 -28.88
CA GLY C 62 14.55 -19.32 -29.97
C GLY C 62 15.23 -18.00 -29.64
N SER C 63 14.67 -17.28 -28.67
CA SER C 63 15.20 -15.99 -28.23
C SER C 63 16.38 -16.19 -27.31
N GLU C 64 17.47 -15.47 -27.57
CA GLU C 64 18.67 -15.61 -26.75
C GLU C 64 18.65 -14.80 -25.46
N ALA C 65 17.57 -14.08 -25.23
CA ALA C 65 17.41 -13.28 -24.02
C ALA C 65 15.98 -12.76 -23.90
N PRO C 66 15.05 -13.67 -23.58
CA PRO C 66 13.63 -13.33 -23.43
C PRO C 66 13.30 -12.14 -22.51
N LEU C 67 14.02 -12.00 -21.39
CA LEU C 67 13.79 -10.86 -20.50
C LEU C 67 14.03 -9.54 -21.21
N LYS C 68 15.11 -9.45 -21.97
CA LYS C 68 15.40 -8.22 -22.71
C LYS C 68 14.39 -8.03 -23.84
N ASP C 69 14.14 -9.09 -24.60
CA ASP C 69 13.21 -9.02 -25.72
C ASP C 69 11.77 -8.71 -25.28
N VAL C 70 11.33 -9.36 -24.21
CA VAL C 70 9.98 -9.10 -23.71
C VAL C 70 9.89 -7.71 -23.10
N ALA C 71 10.98 -7.26 -22.48
CA ALA C 71 11.02 -5.93 -21.89
C ALA C 71 10.91 -4.89 -23.00
N GLN C 72 11.55 -5.18 -24.13
CA GLN C 72 11.50 -4.26 -25.24
C GLN C 72 10.08 -4.29 -25.79
N ALA C 73 9.53 -5.50 -25.93
CA ALA C 73 8.19 -5.65 -26.44
C ALA C 73 7.21 -4.84 -25.58
N LEU C 74 7.43 -4.80 -24.27
CA LEU C 74 6.56 -4.07 -23.37
C LEU C 74 6.89 -2.57 -23.28
N SER C 75 7.96 -2.13 -23.92
CA SER C 75 8.38 -0.74 -23.83
C SER C 75 7.42 0.30 -24.44
N SER C 76 6.61 -0.13 -25.40
CA SER C 76 5.66 0.79 -26.02
C SER C 76 4.55 -0.01 -26.68
N ARG C 77 3.41 0.62 -26.90
CA ARG C 77 2.29 -0.05 -27.56
C ARG C 77 2.72 -0.52 -28.95
N ALA C 78 3.45 0.35 -29.65
CA ALA C 78 3.90 0.01 -31.00
C ALA C 78 4.81 -1.21 -30.98
N ARG C 79 5.75 -1.26 -30.05
CA ARG C 79 6.66 -2.41 -30.01
C ARG C 79 5.89 -3.67 -29.60
N TYR C 80 4.93 -3.50 -28.69
CA TYR C 80 4.13 -4.62 -28.22
C TYR C 80 3.41 -5.25 -29.42
N GLU C 81 2.64 -4.44 -30.13
CA GLU C 81 1.87 -4.90 -31.28
C GLU C 81 2.71 -5.68 -32.30
N LEU C 82 3.91 -5.19 -32.61
CA LEU C 82 4.78 -5.88 -33.56
C LEU C 82 5.21 -7.23 -33.00
N PHE C 83 5.71 -7.23 -31.77
CA PHE C 83 6.16 -8.46 -31.13
C PHE C 83 5.10 -9.55 -31.19
N THR C 84 3.87 -9.18 -30.81
CA THR C 84 2.76 -10.13 -30.81
C THR C 84 2.10 -10.26 -32.18
N GLU C 85 2.72 -9.65 -33.19
CA GLU C 85 2.22 -9.70 -34.56
C GLU C 85 0.74 -9.33 -34.64
N LYS C 86 0.29 -8.46 -33.74
CA LYS C 86 -1.10 -8.02 -33.74
C LYS C 86 -1.14 -6.53 -34.10
N GLU C 87 -2.25 -6.09 -34.69
CA GLU C 87 -2.39 -4.70 -35.10
C GLU C 87 -2.72 -3.74 -33.96
N THR C 88 -3.62 -4.16 -33.07
CA THR C 88 -3.99 -3.31 -31.97
C THR C 88 -3.71 -3.99 -30.65
N ALA C 89 -3.39 -3.21 -29.63
CA ALA C 89 -3.11 -3.75 -28.32
C ALA C 89 -4.18 -3.24 -27.36
N ASN C 90 -4.41 -3.97 -26.28
CA ASN C 90 -5.39 -3.58 -25.27
C ASN C 90 -5.18 -2.10 -24.93
N PRO C 91 -6.24 -1.28 -25.07
CA PRO C 91 -6.08 0.14 -24.75
C PRO C 91 -5.68 0.39 -23.29
N ALA C 92 -5.89 -0.62 -22.45
CA ALA C 92 -5.52 -0.51 -21.05
C ALA C 92 -4.01 -0.42 -20.93
N PHE C 93 -3.30 -0.73 -22.02
CA PHE C 93 -1.84 -0.69 -22.05
C PHE C 93 -1.35 0.72 -22.41
N ASN C 94 -1.50 1.63 -21.44
CA ASN C 94 -1.11 3.01 -21.62
C ASN C 94 0.21 3.34 -20.90
N GLY C 95 0.53 4.62 -20.85
CA GLY C 95 1.75 5.10 -20.21
C GLY C 95 2.06 4.58 -18.82
N GLU C 96 1.15 4.81 -17.87
CA GLU C 96 1.36 4.36 -16.50
C GLU C 96 1.62 2.86 -16.42
N VAL C 97 0.81 2.08 -17.12
CA VAL C 97 0.98 0.63 -17.11
C VAL C 97 2.32 0.29 -17.73
N ILE C 98 2.65 0.97 -18.82
CA ILE C 98 3.93 0.74 -19.49
C ILE C 98 5.10 1.04 -18.54
N LYS C 99 4.93 2.05 -17.70
CA LYS C 99 5.99 2.40 -16.76
C LYS C 99 6.11 1.38 -15.63
N ARG C 100 4.99 0.82 -15.19
CA ARG C 100 5.02 -0.17 -14.12
C ARG C 100 5.66 -1.44 -14.64
N TYR C 101 5.36 -1.79 -15.88
CA TYR C 101 5.93 -3.00 -16.48
C TYR C 101 7.42 -2.88 -16.76
N LYS C 102 7.94 -1.66 -16.84
CA LYS C 102 9.37 -1.48 -17.08
C LYS C 102 10.07 -1.77 -15.76
N GLU C 103 9.49 -1.26 -14.68
CA GLU C 103 10.00 -1.46 -13.33
C GLU C 103 9.93 -2.94 -12.97
N LEU C 104 8.89 -3.63 -13.42
CA LEU C 104 8.73 -5.05 -13.12
C LEU C 104 9.74 -5.89 -13.90
N MET C 105 10.11 -5.45 -15.10
CA MET C 105 11.08 -6.18 -15.89
C MET C 105 12.44 -6.12 -15.19
N GLU C 106 12.78 -4.94 -14.68
CA GLU C 106 14.03 -4.74 -13.97
C GLU C 106 14.05 -5.64 -12.75
N HIS C 107 12.87 -5.91 -12.19
CA HIS C 107 12.78 -6.76 -11.02
C HIS C 107 12.96 -8.21 -11.46
N GLY C 108 12.61 -8.48 -12.72
CA GLY C 108 12.78 -9.83 -13.25
C GLY C 108 14.26 -10.16 -13.28
N GLU C 109 15.08 -9.17 -13.62
CA GLU C 109 16.54 -9.33 -13.67
C GLU C 109 17.05 -9.61 -12.25
N GLY C 110 16.34 -9.11 -11.25
CA GLY C 110 16.74 -9.34 -9.88
C GLY C 110 16.47 -10.79 -9.50
N ILE C 111 15.34 -11.32 -9.94
CA ILE C 111 14.99 -12.70 -9.66
C ILE C 111 16.00 -13.59 -10.39
N ALA C 112 16.34 -13.18 -11.61
CA ALA C 112 17.30 -13.91 -12.42
C ALA C 112 18.66 -13.91 -11.72
N ASP C 113 19.08 -12.76 -11.18
CA ASP C 113 20.37 -12.73 -10.51
C ASP C 113 20.37 -13.60 -9.26
N ILE C 114 19.28 -13.56 -8.50
CA ILE C 114 19.21 -14.39 -7.30
C ILE C 114 19.38 -15.85 -7.73
N LEU C 115 18.64 -16.26 -8.76
CA LEU C 115 18.69 -17.64 -9.27
C LEU C 115 20.08 -18.08 -9.69
N ARG C 116 20.76 -17.25 -10.48
CA ARG C 116 22.09 -17.57 -10.95
C ARG C 116 23.03 -17.77 -9.76
N SER C 117 22.89 -16.91 -8.76
CA SER C 117 23.71 -16.99 -7.56
C SER C 117 23.41 -18.27 -6.76
N ARG C 118 22.15 -18.71 -6.74
CA ARG C 118 21.82 -19.93 -6.02
C ARG C 118 22.42 -21.16 -6.73
N LEU C 119 22.45 -21.15 -8.06
CA LEU C 119 23.02 -22.30 -8.78
C LEU C 119 24.50 -22.45 -8.43
N ALA C 120 25.21 -21.32 -8.45
CA ALA C 120 26.63 -21.28 -8.13
C ALA C 120 26.90 -21.83 -6.74
N LYS C 121 26.07 -21.45 -5.78
CA LYS C 121 26.26 -21.93 -4.42
C LYS C 121 26.01 -23.43 -4.35
N PHE C 122 25.07 -23.91 -5.18
CA PHE C 122 24.75 -25.33 -5.23
C PHE C 122 25.89 -26.11 -5.84
N LEU C 123 26.51 -25.53 -6.87
CA LEU C 123 27.61 -26.17 -7.56
C LEU C 123 28.90 -26.22 -6.72
N ASN C 124 29.05 -25.27 -5.79
CA ASN C 124 30.23 -25.23 -4.95
C ASN C 124 30.17 -26.21 -3.79
N THR C 125 29.09 -26.17 -3.04
CA THR C 125 28.89 -27.02 -1.87
C THR C 125 29.01 -28.51 -2.15
N LYS C 126 29.90 -29.17 -1.40
CA LYS C 126 30.16 -30.60 -1.54
C LYS C 126 30.65 -30.93 -2.94
N ASP C 127 31.31 -29.95 -3.56
CA ASP C 127 31.88 -30.10 -4.88
C ASP C 127 30.97 -30.76 -5.91
N VAL C 128 29.67 -30.51 -5.81
CA VAL C 128 28.72 -31.09 -6.75
C VAL C 128 29.12 -30.78 -8.20
N GLY C 129 29.49 -29.53 -8.44
CA GLY C 129 29.89 -29.12 -9.78
C GLY C 129 31.06 -29.93 -10.31
N LYS C 130 32.11 -30.06 -9.51
CA LYS C 130 33.27 -30.82 -9.92
C LYS C 130 32.92 -32.29 -10.10
N ARG C 131 32.10 -32.82 -9.21
CA ARG C 131 31.71 -34.23 -9.31
C ARG C 131 30.83 -34.45 -10.54
N PHE C 132 30.04 -33.44 -10.89
CA PHE C 132 29.16 -33.52 -12.05
C PHE C 132 29.98 -33.48 -13.36
N ALA C 133 31.04 -32.68 -13.36
CA ALA C 133 31.90 -32.57 -14.54
C ALA C 133 32.73 -33.83 -14.72
N GLN C 134 32.92 -34.60 -13.64
CA GLN C 134 33.71 -35.83 -13.72
C GLN C 134 32.86 -37.05 -14.01
N GLY C 135 31.54 -36.88 -14.08
CA GLY C 135 30.69 -38.00 -14.39
C GLY C 135 29.59 -38.34 -13.40
N THR C 136 29.61 -37.75 -12.21
CA THR C 136 28.55 -38.05 -11.25
C THR C 136 27.24 -37.56 -11.85
N GLU C 137 26.29 -38.49 -12.03
CA GLU C 137 25.01 -38.12 -12.63
C GLU C 137 24.10 -37.36 -11.67
N ALA C 138 24.59 -36.21 -11.19
CA ALA C 138 23.83 -35.38 -10.27
C ALA C 138 22.63 -34.73 -10.92
N ASN C 139 22.57 -34.75 -12.24
CA ASN C 139 21.43 -34.16 -12.93
C ASN C 139 20.19 -35.04 -12.85
N ARG C 140 20.30 -36.14 -12.09
CA ARG C 140 19.19 -37.06 -11.92
C ARG C 140 18.74 -37.13 -10.47
N TRP C 141 19.41 -36.38 -9.61
CA TRP C 141 19.06 -36.35 -8.19
C TRP C 141 17.78 -35.54 -8.04
N VAL C 142 17.04 -35.78 -6.96
CA VAL C 142 15.80 -35.02 -6.74
C VAL C 142 16.11 -33.53 -6.66
N GLY C 143 17.35 -33.18 -6.33
CA GLY C 143 17.71 -31.78 -6.23
C GLY C 143 18.60 -31.22 -7.33
N GLY C 144 18.91 -32.03 -8.34
CA GLY C 144 19.78 -31.56 -9.41
C GLY C 144 19.23 -31.64 -10.82
N LYS C 145 17.93 -31.81 -10.96
CA LYS C 145 17.35 -31.90 -12.30
C LYS C 145 17.55 -30.61 -13.09
N LEU C 146 17.69 -29.49 -12.39
CA LEU C 146 17.93 -28.23 -13.08
C LEU C 146 19.29 -28.27 -13.80
N LEU C 147 20.17 -29.17 -13.38
CA LEU C 147 21.47 -29.28 -14.03
C LEU C 147 21.30 -29.70 -15.48
N ASN C 148 20.07 -30.01 -15.87
CA ASN C 148 19.78 -30.39 -17.23
C ASN C 148 19.62 -29.14 -18.11
N ILE C 149 19.56 -27.96 -17.48
CA ILE C 149 19.44 -26.74 -18.27
C ILE C 149 20.63 -25.81 -18.12
N VAL C 150 21.75 -26.33 -17.64
CA VAL C 150 22.96 -25.52 -17.51
C VAL C 150 23.92 -25.85 -18.66
N GLU C 151 24.90 -24.98 -18.87
CA GLU C 151 25.87 -25.20 -19.92
C GLU C 151 27.23 -25.11 -19.28
N GLN C 152 28.23 -25.66 -19.94
CA GLN C 152 29.57 -25.62 -19.38
C GLN C 152 30.14 -24.23 -19.59
N ASP C 153 30.76 -23.69 -18.54
CA ASP C 153 31.39 -22.37 -18.60
C ASP C 153 32.68 -22.42 -17.79
N GLY C 154 33.79 -22.64 -18.49
CA GLY C 154 35.07 -22.70 -17.80
C GLY C 154 35.13 -23.89 -16.86
N ASP C 155 35.49 -23.64 -15.61
CA ASP C 155 35.58 -24.71 -14.62
C ASP C 155 34.28 -24.92 -13.84
N THR C 156 33.17 -24.46 -14.39
CA THR C 156 31.88 -24.61 -13.73
C THR C 156 30.77 -24.67 -14.78
N PHE C 157 29.54 -24.51 -14.32
CA PHE C 157 28.38 -24.52 -15.19
C PHE C 157 27.53 -23.29 -14.94
N LYS C 158 26.66 -23.01 -15.89
CA LYS C 158 25.79 -21.86 -15.79
C LYS C 158 24.46 -22.12 -16.49
N TYR C 159 23.44 -21.36 -16.10
CA TYR C 159 22.13 -21.51 -16.68
C TYR C 159 22.10 -21.15 -18.15
N ASN C 160 21.22 -21.83 -18.89
CA ASN C 160 21.01 -21.51 -20.28
C ASN C 160 20.12 -20.28 -20.10
N GLU C 161 20.57 -19.14 -20.62
CA GLU C 161 19.84 -17.89 -20.47
C GLU C 161 18.42 -17.91 -21.01
N GLN C 162 18.20 -18.60 -22.13
CA GLN C 162 16.87 -18.65 -22.71
C GLN C 162 15.84 -19.31 -21.80
N LEU C 163 16.19 -20.45 -21.24
CA LEU C 163 15.27 -21.19 -20.40
C LEU C 163 15.10 -20.51 -19.06
N LEU C 164 16.21 -20.01 -18.51
CA LEU C 164 16.19 -19.31 -17.22
C LEU C 164 15.27 -18.08 -17.26
N GLN C 165 15.60 -17.14 -18.14
CA GLN C 165 14.84 -15.90 -18.27
C GLN C 165 13.38 -16.13 -18.58
N THR C 166 13.09 -17.05 -19.48
CA THR C 166 11.71 -17.38 -19.85
C THR C 166 10.99 -17.89 -18.60
N ALA C 167 11.70 -18.68 -17.80
CA ALA C 167 11.12 -19.20 -16.58
C ALA C 167 10.83 -18.04 -15.61
N VAL C 168 11.69 -17.03 -15.61
CA VAL C 168 11.50 -15.87 -14.75
C VAL C 168 10.26 -15.09 -15.20
N LEU C 169 10.09 -14.98 -16.53
CA LEU C 169 8.92 -14.29 -17.08
C LEU C 169 7.67 -15.01 -16.58
N ALA C 170 7.72 -16.34 -16.59
CA ALA C 170 6.61 -17.16 -16.11
C ALA C 170 6.40 -16.84 -14.64
N GLY C 171 7.50 -16.72 -13.91
CA GLY C 171 7.44 -16.42 -12.50
C GLY C 171 6.86 -15.05 -12.21
N LEU C 172 7.06 -14.10 -13.11
CA LEU C 172 6.51 -12.76 -12.91
C LEU C 172 5.00 -12.75 -13.09
N GLN C 173 4.53 -13.47 -14.11
CA GLN C 173 3.09 -13.52 -14.36
C GLN C 173 2.40 -14.15 -13.15
N TRP C 174 2.95 -15.27 -12.70
CA TRP C 174 2.43 -16.01 -11.56
C TRP C 174 2.38 -15.11 -10.32
N ARG C 175 3.39 -14.27 -10.15
CA ARG C 175 3.46 -13.38 -9.00
C ARG C 175 2.36 -12.31 -9.04
N LEU C 176 1.97 -11.94 -10.25
CA LEU C 176 0.96 -10.92 -10.45
C LEU C 176 -0.48 -11.41 -10.34
N THR C 177 -0.72 -12.65 -10.74
CA THR C 177 -2.08 -13.15 -10.74
C THR C 177 -2.35 -14.52 -10.11
N ALA C 178 -1.36 -15.11 -9.45
CA ALA C 178 -1.60 -16.42 -8.86
C ALA C 178 -2.70 -16.35 -7.80
N THR C 179 -2.51 -15.48 -6.81
CA THR C 179 -3.46 -15.32 -5.71
C THR C 179 -4.92 -15.27 -6.16
N SER C 180 -5.19 -14.47 -7.19
CA SER C 180 -6.53 -14.30 -7.71
C SER C 180 -7.08 -15.56 -8.37
N ASN C 181 -6.20 -16.50 -8.68
CA ASN C 181 -6.62 -17.75 -9.32
C ASN C 181 -6.67 -18.93 -8.36
N THR C 182 -6.21 -18.72 -7.13
CA THR C 182 -6.19 -19.80 -6.13
C THR C 182 -7.58 -20.33 -5.85
N ALA C 183 -7.63 -21.58 -5.39
CA ALA C 183 -8.89 -22.21 -5.06
C ALA C 183 -9.21 -21.82 -3.64
N ILE C 184 -10.50 -21.85 -3.30
CA ILE C 184 -10.95 -21.52 -1.96
C ILE C 184 -10.88 -22.78 -1.11
N LYS C 185 -10.33 -22.66 0.08
CA LYS C 185 -10.22 -23.80 0.99
C LYS C 185 -11.30 -23.73 2.05
N ASP C 186 -12.07 -24.81 2.17
CA ASP C 186 -13.13 -24.86 3.17
C ASP C 186 -12.58 -25.54 4.44
N ALA C 187 -13.45 -26.08 5.28
CA ALA C 187 -13.02 -26.75 6.48
C ALA C 187 -12.34 -28.07 6.14
N LYS C 188 -12.99 -28.85 5.27
CA LYS C 188 -12.49 -30.14 4.83
C LYS C 188 -11.03 -30.09 4.39
N ASP C 189 -10.73 -29.12 3.52
CA ASP C 189 -9.38 -28.91 3.00
C ASP C 189 -8.38 -28.70 4.14
N VAL C 190 -8.64 -27.68 4.96
CA VAL C 190 -7.76 -27.36 6.07
C VAL C 190 -7.54 -28.59 6.95
N ALA C 191 -8.61 -29.34 7.20
CA ALA C 191 -8.52 -30.53 8.02
C ALA C 191 -7.58 -31.55 7.40
N ALA C 192 -7.68 -31.72 6.08
CA ALA C 192 -6.84 -32.68 5.36
C ALA C 192 -5.38 -32.24 5.34
N ILE C 193 -5.17 -30.94 5.19
CA ILE C 193 -3.83 -30.39 5.13
C ILE C 193 -3.14 -30.48 6.49
N THR C 194 -3.76 -29.90 7.51
CA THR C 194 -3.18 -29.88 8.85
C THR C 194 -3.23 -31.20 9.62
N GLY C 195 -4.05 -32.15 9.17
CA GLY C 195 -4.14 -33.42 9.88
C GLY C 195 -4.92 -33.32 11.19
N ILE C 196 -5.71 -32.26 11.33
CA ILE C 196 -6.53 -32.04 12.51
C ILE C 196 -7.99 -32.25 12.15
N ASP C 197 -8.72 -33.02 12.97
CA ASP C 197 -10.13 -33.27 12.72
C ASP C 197 -10.87 -31.97 12.43
N GLN C 198 -11.67 -31.96 11.36
CA GLN C 198 -12.41 -30.76 10.96
C GLN C 198 -13.17 -30.03 12.07
N ALA C 199 -13.78 -30.79 12.98
CA ALA C 199 -14.54 -30.20 14.06
C ALA C 199 -13.67 -29.55 15.14
N LEU C 200 -12.40 -29.95 15.22
CA LEU C 200 -11.49 -29.42 16.23
C LEU C 200 -10.57 -28.30 15.79
N LEU C 201 -10.65 -27.87 14.53
CA LEU C 201 -9.76 -26.81 14.05
C LEU C 201 -9.91 -25.55 14.90
N PRO C 202 -8.78 -24.98 15.37
CA PRO C 202 -8.93 -23.76 16.18
C PRO C 202 -9.64 -22.73 15.30
N GLU C 203 -9.95 -21.55 15.83
CA GLU C 203 -10.68 -20.58 15.02
C GLU C 203 -10.07 -20.16 13.68
N GLY C 204 -9.40 -19.01 13.66
CA GLY C 204 -8.82 -18.52 12.41
C GLY C 204 -7.88 -19.44 11.66
N LEU C 205 -7.88 -20.73 11.97
CA LEU C 205 -6.98 -21.66 11.29
C LEU C 205 -7.33 -21.80 9.83
N VAL C 206 -8.62 -21.97 9.54
CA VAL C 206 -9.05 -22.12 8.16
C VAL C 206 -8.72 -20.83 7.40
N GLU C 207 -8.90 -19.69 8.06
CA GLU C 207 -8.63 -18.38 7.45
C GLU C 207 -7.14 -18.23 7.13
N GLN C 208 -6.30 -18.68 8.05
CA GLN C 208 -4.85 -18.59 7.86
C GLN C 208 -4.39 -19.41 6.66
N PHE C 209 -4.96 -20.60 6.50
CA PHE C 209 -4.60 -21.49 5.40
C PHE C 209 -5.29 -21.16 4.07
N ASP C 210 -6.42 -20.46 4.13
CA ASP C 210 -7.13 -20.09 2.92
C ASP C 210 -6.43 -18.87 2.34
N THR C 211 -5.80 -18.10 3.22
CA THR C 211 -5.10 -16.90 2.80
C THR C 211 -3.66 -17.14 2.35
N GLY C 212 -3.25 -18.41 2.31
CA GLY C 212 -1.91 -18.74 1.89
C GLY C 212 -1.91 -19.97 0.99
N MET C 213 -0.74 -20.33 0.45
CA MET C 213 -0.64 -21.50 -0.42
C MET C 213 0.28 -22.57 0.18
N THR C 214 -0.09 -23.83 0.00
CA THR C 214 0.76 -24.90 0.49
C THR C 214 1.88 -24.99 -0.55
N LEU C 215 2.94 -25.72 -0.22
CA LEU C 215 4.07 -25.89 -1.14
C LEU C 215 3.54 -26.42 -2.48
N THR C 216 2.79 -27.51 -2.40
CA THR C 216 2.21 -28.16 -3.57
C THR C 216 1.37 -27.22 -4.43
N GLU C 217 0.58 -26.37 -3.78
CA GLU C 217 -0.28 -25.43 -4.47
C GLU C 217 0.53 -24.36 -5.19
N ALA C 218 1.57 -23.86 -4.52
CA ALA C 218 2.44 -22.83 -5.09
C ALA C 218 3.27 -23.36 -6.24
N VAL C 219 4.05 -24.41 -5.97
CA VAL C 219 4.92 -25.01 -6.99
C VAL C 219 4.13 -25.52 -8.18
N SER C 220 3.02 -26.19 -7.91
CA SER C 220 2.18 -26.75 -8.98
C SER C 220 1.75 -25.69 -9.99
N SER C 221 1.17 -24.59 -9.51
CA SER C 221 0.74 -23.54 -10.43
C SER C 221 1.94 -22.86 -11.09
N LEU C 222 3.03 -22.71 -10.34
CA LEU C 222 4.24 -22.08 -10.86
C LEU C 222 4.83 -22.97 -11.96
N ALA C 223 4.92 -24.26 -11.68
CA ALA C 223 5.46 -25.22 -12.64
C ALA C 223 4.65 -25.22 -13.92
N GLN C 224 3.33 -25.24 -13.78
CA GLN C 224 2.46 -25.23 -14.94
C GLN C 224 2.79 -23.99 -15.79
N LYS C 225 2.90 -22.83 -15.16
CA LYS C 225 3.20 -21.59 -15.87
C LYS C 225 4.56 -21.64 -16.59
N ILE C 226 5.58 -22.09 -15.87
CA ILE C 226 6.92 -22.19 -16.46
C ILE C 226 6.92 -23.05 -17.71
N GLU C 227 6.48 -24.29 -17.59
CA GLU C 227 6.45 -25.22 -18.72
C GLU C 227 5.64 -24.67 -19.88
N SER C 228 4.59 -23.92 -19.56
CA SER C 228 3.76 -23.33 -20.60
C SER C 228 4.57 -22.29 -21.37
N TYR C 229 5.24 -21.41 -20.65
CA TYR C 229 6.06 -20.38 -21.28
C TYR C 229 7.23 -21.00 -22.04
N TRP C 230 7.75 -22.14 -21.58
CA TRP C 230 8.86 -22.78 -22.30
C TRP C 230 8.41 -23.20 -23.71
N GLY C 231 7.11 -23.21 -23.92
CA GLY C 231 6.52 -23.53 -25.21
C GLY C 231 6.86 -24.82 -25.96
N LEU C 232 7.32 -25.84 -25.22
CA LEU C 232 7.68 -27.10 -25.84
C LEU C 232 6.61 -28.16 -25.56
N SER C 233 6.80 -29.36 -26.07
CA SER C 233 5.85 -30.44 -25.85
C SER C 233 6.53 -31.61 -25.16
N ARG C 234 5.79 -32.29 -24.30
CA ARG C 234 6.32 -33.44 -23.59
C ARG C 234 6.43 -34.64 -24.49
N ASN C 235 7.56 -35.32 -24.40
CA ASN C 235 7.81 -36.52 -25.19
C ASN C 235 7.12 -37.64 -24.41
N PRO C 236 6.17 -38.34 -25.04
CA PRO C 236 5.42 -39.44 -24.41
C PRO C 236 6.26 -40.63 -23.96
N ASN C 237 7.48 -40.73 -24.48
CA ASN C 237 8.37 -41.82 -24.13
C ASN C 237 9.48 -41.40 -23.17
N ALA C 238 9.31 -40.24 -22.56
CA ALA C 238 10.28 -39.73 -21.61
C ALA C 238 9.72 -39.93 -20.22
N PRO C 239 10.59 -40.27 -19.25
CA PRO C 239 10.19 -40.50 -17.86
C PRO C 239 9.52 -39.26 -17.22
N LEU C 240 8.47 -39.48 -16.44
CA LEU C 240 7.76 -38.39 -15.78
C LEU C 240 8.70 -37.63 -14.84
N GLY C 241 9.66 -38.35 -14.26
CA GLY C 241 10.62 -37.75 -13.36
C GLY C 241 11.34 -36.55 -13.94
N TYR C 242 11.36 -36.46 -15.28
CA TYR C 242 12.01 -35.34 -15.95
C TYR C 242 11.00 -34.40 -16.63
N THR C 243 10.03 -34.95 -17.37
CA THR C 243 9.04 -34.10 -18.05
C THR C 243 8.31 -33.20 -17.04
N LYS C 244 8.05 -33.75 -15.87
CA LYS C 244 7.36 -33.03 -14.82
C LYS C 244 8.40 -32.50 -13.80
N GLY C 245 9.52 -33.21 -13.69
CA GLY C 245 10.55 -32.81 -12.74
C GLY C 245 11.34 -31.55 -13.05
N ILE C 246 11.81 -31.44 -14.28
CA ILE C 246 12.58 -30.27 -14.67
C ILE C 246 11.80 -28.99 -14.42
N PRO C 247 10.54 -28.91 -14.91
CA PRO C 247 9.74 -27.70 -14.70
C PRO C 247 9.41 -27.46 -13.20
N THR C 248 9.18 -28.54 -12.48
CA THR C 248 8.87 -28.42 -11.06
C THR C 248 10.10 -27.94 -10.28
N ALA C 249 11.28 -28.43 -10.69
CA ALA C 249 12.51 -28.04 -10.03
C ALA C 249 12.76 -26.55 -10.30
N MET C 250 12.37 -26.09 -11.49
CA MET C 250 12.57 -24.70 -11.84
C MET C 250 11.63 -23.86 -10.98
N ALA C 251 10.43 -24.39 -10.74
CA ALA C 251 9.42 -23.72 -9.92
C ALA C 251 9.89 -23.57 -8.48
N ALA C 252 10.44 -24.63 -7.90
CA ALA C 252 10.91 -24.56 -6.53
C ALA C 252 11.98 -23.49 -6.39
N GLU C 253 12.92 -23.44 -7.33
CA GLU C 253 13.97 -22.42 -7.26
C GLU C 253 13.39 -21.02 -7.35
N ILE C 254 12.43 -20.83 -8.25
CA ILE C 254 11.81 -19.52 -8.40
C ILE C 254 11.04 -19.17 -7.12
N LEU C 255 10.39 -20.14 -6.51
CA LEU C 255 9.68 -19.87 -5.27
C LEU C 255 10.71 -19.45 -4.21
N ALA C 256 11.82 -20.20 -4.10
CA ALA C 256 12.84 -19.87 -3.11
C ALA C 256 13.37 -18.47 -3.40
N ALA C 257 13.51 -18.14 -4.68
CA ALA C 257 14.02 -16.84 -5.07
C ALA C 257 13.05 -15.74 -4.61
N PHE C 258 11.75 -15.98 -4.75
CA PHE C 258 10.74 -15.01 -4.33
C PHE C 258 10.69 -14.82 -2.82
N VAL C 259 11.21 -15.81 -2.08
CA VAL C 259 11.24 -15.74 -0.63
C VAL C 259 12.40 -14.84 -0.29
N GLU C 260 13.53 -15.06 -0.96
CA GLU C 260 14.71 -14.24 -0.73
C GLU C 260 14.44 -12.78 -1.09
N SER C 261 13.60 -12.56 -2.11
CA SER C 261 13.28 -11.21 -2.57
C SER C 261 12.09 -10.61 -1.83
N THR C 262 11.42 -11.43 -1.03
CA THR C 262 10.26 -10.98 -0.26
C THR C 262 9.04 -10.70 -1.12
N ASP C 263 8.97 -11.30 -2.29
CA ASP C 263 7.80 -11.14 -3.14
C ASP C 263 6.81 -12.16 -2.61
N VAL C 264 7.34 -13.16 -1.92
CA VAL C 264 6.57 -14.25 -1.31
C VAL C 264 7.06 -14.47 0.12
N VAL C 265 6.12 -14.59 1.07
CA VAL C 265 6.47 -14.83 2.46
C VAL C 265 6.21 -16.31 2.77
N GLU C 266 7.22 -16.98 3.30
CA GLU C 266 7.12 -18.38 3.66
C GLU C 266 6.90 -18.46 5.16
N ASN C 267 5.97 -19.30 5.57
CA ASN C 267 5.66 -19.46 6.98
C ASN C 267 5.53 -20.95 7.31
N ILE C 268 6.40 -21.46 8.17
CA ILE C 268 6.34 -22.86 8.56
C ILE C 268 5.48 -22.98 9.81
N VAL C 269 4.25 -23.45 9.62
CA VAL C 269 3.29 -23.60 10.71
C VAL C 269 3.50 -24.91 11.49
N ASP C 270 3.82 -24.80 12.77
CA ASP C 270 4.04 -25.96 13.61
C ASP C 270 2.71 -26.42 14.20
N MET C 271 2.22 -27.57 13.75
CA MET C 271 0.96 -28.09 14.24
C MET C 271 1.02 -28.62 15.67
N SER C 272 2.22 -28.80 16.19
CA SER C 272 2.38 -29.33 17.54
C SER C 272 1.90 -28.37 18.62
N GLU C 273 1.65 -27.11 18.25
CA GLU C 273 1.16 -26.14 19.22
C GLU C 273 -0.37 -26.18 19.20
N ILE C 274 -0.94 -26.29 18.01
CA ILE C 274 -2.38 -26.33 17.83
C ILE C 274 -2.91 -27.75 18.08
N ASP C 275 -2.05 -28.60 18.60
CA ASP C 275 -2.36 -30.00 18.91
C ASP C 275 -1.04 -30.75 19.11
N PRO C 276 -0.60 -30.86 20.37
CA PRO C 276 0.65 -31.53 20.78
C PRO C 276 0.97 -32.91 20.19
N ASP C 277 -0.03 -33.59 19.64
CA ASP C 277 0.19 -34.91 19.05
C ASP C 277 0.55 -34.87 17.56
N ASN C 278 0.30 -33.74 16.92
CA ASN C 278 0.60 -33.57 15.50
C ASN C 278 2.07 -33.17 15.29
N LYS C 279 2.80 -33.96 14.52
CA LYS C 279 4.21 -33.70 14.24
C LYS C 279 4.44 -32.90 12.96
N LYS C 280 3.38 -32.70 12.19
CA LYS C 280 3.45 -31.95 10.93
C LYS C 280 3.80 -30.47 11.10
N THR C 281 4.82 -30.04 10.35
CA THR C 281 5.23 -28.64 10.32
C THR C 281 4.93 -28.34 8.86
N ILE C 282 3.97 -27.45 8.62
CA ILE C 282 3.53 -27.14 7.27
C ILE C 282 3.91 -25.76 6.72
N GLY C 283 4.45 -25.76 5.50
CA GLY C 283 4.84 -24.52 4.86
C GLY C 283 3.65 -23.83 4.20
N LEU C 284 3.54 -22.52 4.44
CA LEU C 284 2.47 -21.70 3.91
C LEU C 284 3.07 -20.53 3.12
N TYR C 285 2.60 -20.34 1.90
CA TYR C 285 3.14 -19.28 1.05
C TYR C 285 2.16 -18.20 0.64
N THR C 286 2.48 -16.97 1.03
CA THR C 286 1.64 -15.84 0.70
C THR C 286 2.37 -14.86 -0.21
N ILE C 287 1.68 -14.42 -1.26
CA ILE C 287 2.27 -13.49 -2.19
C ILE C 287 2.04 -12.08 -1.70
N THR C 288 3.11 -11.31 -1.55
CA THR C 288 2.97 -9.93 -1.11
C THR C 288 2.03 -9.28 -2.12
N GLU C 289 0.96 -8.69 -1.62
CA GLU C 289 -0.01 -8.05 -2.49
C GLU C 289 0.49 -6.67 -2.91
N LEU C 290 0.14 -6.27 -4.13
CA LEU C 290 0.53 -4.96 -4.64
C LEU C 290 -0.52 -3.98 -4.15
N ASP C 291 -0.20 -2.68 -4.21
CA ASP C 291 -1.14 -1.65 -3.79
C ASP C 291 -2.40 -1.77 -4.64
N SER C 292 -3.56 -1.61 -4.03
CA SER C 292 -4.81 -1.72 -4.78
C SER C 292 -4.83 -0.75 -5.97
N PHE C 293 -4.19 0.40 -5.80
CA PHE C 293 -4.12 1.43 -6.83
C PHE C 293 -2.94 1.30 -7.82
N ASP C 294 -2.21 0.19 -7.75
CA ASP C 294 -1.07 -0.02 -8.64
C ASP C 294 -1.58 -0.14 -10.08
N PRO C 295 -0.95 0.58 -11.01
CA PRO C 295 -1.39 0.51 -12.41
C PRO C 295 -1.36 -0.90 -13.04
N ILE C 296 -0.44 -1.76 -12.58
CA ILE C 296 -0.35 -3.11 -13.10
C ILE C 296 -1.69 -3.83 -13.01
N ASN C 297 -2.46 -3.53 -11.96
CA ASN C 297 -3.75 -4.18 -11.77
C ASN C 297 -4.75 -3.94 -12.88
N SER C 298 -4.67 -2.76 -13.52
CA SER C 298 -5.58 -2.45 -14.61
C SER C 298 -5.31 -3.35 -15.82
N PHE C 299 -4.17 -4.03 -15.82
CA PHE C 299 -3.77 -4.92 -16.91
C PHE C 299 -2.60 -5.79 -16.44
N PRO C 300 -2.90 -6.88 -15.71
CA PRO C 300 -1.87 -7.77 -15.18
C PRO C 300 -1.52 -9.00 -16.02
N THR C 301 -1.96 -9.01 -17.27
CA THR C 301 -1.69 -10.13 -18.14
C THR C 301 -0.89 -9.74 -19.38
N ALA C 302 -0.24 -8.59 -19.34
CA ALA C 302 0.56 -8.12 -20.48
C ALA C 302 1.65 -9.13 -20.84
N ILE C 303 2.36 -9.64 -19.84
CA ILE C 303 3.41 -10.62 -20.08
C ILE C 303 2.80 -11.85 -20.72
N GLU C 304 1.83 -12.43 -20.04
CA GLU C 304 1.16 -13.64 -20.54
C GLU C 304 0.71 -13.46 -21.98
N GLU C 305 0.14 -12.29 -22.29
CA GLU C 305 -0.37 -12.05 -23.63
C GLU C 305 0.71 -11.79 -24.68
N ALA C 306 1.91 -11.48 -24.25
CA ALA C 306 2.99 -11.26 -25.20
C ALA C 306 3.69 -12.59 -25.48
N VAL C 307 3.87 -13.36 -24.40
CA VAL C 307 4.54 -14.66 -24.46
C VAL C 307 3.76 -15.78 -25.15
N LEU C 308 2.53 -16.01 -24.71
CA LEU C 308 1.72 -17.07 -25.27
C LEU C 308 0.90 -16.66 -26.48
N VAL C 309 0.86 -17.54 -27.47
CA VAL C 309 0.10 -17.32 -28.69
C VAL C 309 -1.38 -17.53 -28.40
N ASN C 310 -1.66 -18.35 -27.39
CA ASN C 310 -3.02 -18.65 -26.98
C ASN C 310 -3.10 -18.42 -25.47
N PRO C 311 -2.99 -17.15 -25.04
CA PRO C 311 -3.04 -16.74 -23.63
C PRO C 311 -4.21 -17.37 -22.90
N THR C 312 -3.94 -17.97 -21.75
CA THR C 312 -5.02 -18.58 -20.97
C THR C 312 -5.22 -17.75 -19.71
N GLU C 313 -5.02 -16.45 -19.85
CA GLU C 313 -5.19 -15.52 -18.74
C GLU C 313 -5.36 -14.11 -19.33
N LYS C 314 -6.60 -13.65 -19.35
CA LYS C 314 -6.94 -12.35 -19.91
C LYS C 314 -8.43 -12.11 -19.75
N MET C 315 -8.87 -10.91 -20.09
CA MET C 315 -10.28 -10.60 -20.02
C MET C 315 -10.79 -10.72 -21.44
N PHE C 316 -12.09 -10.99 -21.57
CA PHE C 316 -12.70 -11.11 -22.88
C PHE C 316 -13.72 -10.00 -23.13
N PHE C 317 -13.33 -9.04 -23.97
CA PHE C 317 -14.17 -7.89 -24.31
C PHE C 317 -14.71 -7.97 -25.75
N GLY C 318 -15.87 -7.37 -25.97
CA GLY C 318 -16.48 -7.37 -27.29
C GLY C 318 -16.82 -8.77 -27.76
N ASP C 319 -16.46 -9.09 -29.00
CA ASP C 319 -16.72 -10.41 -29.54
C ASP C 319 -15.47 -11.29 -29.51
N ASP C 320 -14.66 -11.10 -28.48
CA ASP C 320 -13.44 -11.88 -28.28
C ASP C 320 -13.89 -12.99 -27.33
N ILE C 321 -14.69 -13.92 -27.84
CA ILE C 321 -15.23 -15.00 -27.02
C ILE C 321 -14.22 -16.04 -26.56
N PRO C 322 -14.36 -16.49 -25.31
CA PRO C 322 -13.49 -17.50 -24.70
C PRO C 322 -13.62 -18.81 -25.46
N PRO C 323 -12.53 -19.59 -25.55
CA PRO C 323 -12.59 -20.87 -26.27
C PRO C 323 -13.27 -21.89 -25.36
N VAL C 324 -13.79 -22.98 -25.94
CA VAL C 324 -14.46 -24.03 -25.17
C VAL C 324 -13.51 -25.11 -24.67
N ALA C 325 -13.48 -25.30 -23.36
CA ALA C 325 -12.63 -26.32 -22.75
C ALA C 325 -13.02 -27.68 -23.27
N ASN C 326 -12.01 -28.45 -23.66
CA ASN C 326 -12.19 -29.78 -24.20
C ASN C 326 -12.36 -30.86 -23.14
N THR C 327 -11.77 -30.64 -21.97
CA THR C 327 -11.85 -31.64 -20.94
C THR C 327 -12.39 -31.11 -19.62
N GLN C 328 -12.99 -32.04 -18.87
CA GLN C 328 -13.55 -31.78 -17.56
C GLN C 328 -12.46 -31.11 -16.70
N LEU C 329 -12.88 -30.21 -15.82
CA LEU C 329 -11.92 -29.51 -14.98
C LEU C 329 -11.13 -30.46 -14.08
N ARG C 330 -9.80 -30.37 -14.19
CA ARG C 330 -8.90 -31.22 -13.42
C ARG C 330 -9.32 -32.68 -13.54
N ASN C 331 -9.56 -33.10 -14.78
CA ASN C 331 -9.94 -34.49 -15.08
C ASN C 331 -9.72 -34.72 -16.56
N PRO C 332 -8.45 -34.73 -17.00
CA PRO C 332 -8.06 -34.93 -18.40
C PRO C 332 -8.61 -36.22 -18.98
N ALA C 333 -8.86 -37.21 -18.14
CA ALA C 333 -9.39 -38.47 -18.63
C ALA C 333 -10.82 -38.31 -19.15
N VAL C 334 -11.49 -37.23 -18.76
CA VAL C 334 -12.88 -37.03 -19.18
C VAL C 334 -13.07 -35.87 -20.14
N ARG C 335 -13.53 -36.18 -21.36
CA ARG C 335 -13.80 -35.14 -22.34
C ARG C 335 -15.20 -34.61 -22.08
N ASN C 336 -15.40 -33.31 -22.25
CA ASN C 336 -16.71 -32.72 -22.07
C ASN C 336 -17.55 -33.25 -23.22
N THR C 337 -18.71 -33.83 -22.93
CA THR C 337 -19.55 -34.35 -24.01
C THR C 337 -20.01 -33.22 -24.92
N PRO C 338 -20.52 -33.58 -26.10
CA PRO C 338 -21.02 -32.61 -27.08
C PRO C 338 -22.06 -31.68 -26.48
N GLU C 339 -23.01 -32.22 -25.72
CA GLU C 339 -24.04 -31.39 -25.12
C GLU C 339 -23.43 -30.41 -24.11
N GLN C 340 -22.48 -30.89 -23.31
CA GLN C 340 -21.85 -30.02 -22.33
C GLN C 340 -21.07 -28.93 -23.06
N LYS C 341 -20.36 -29.30 -24.12
CA LYS C 341 -19.63 -28.29 -24.87
C LYS C 341 -20.59 -27.20 -25.34
N ALA C 342 -21.77 -27.60 -25.83
CA ALA C 342 -22.77 -26.63 -26.28
C ALA C 342 -23.20 -25.78 -25.10
N ALA C 343 -23.31 -26.38 -23.91
CA ALA C 343 -23.69 -25.63 -22.72
C ALA C 343 -22.68 -24.51 -22.45
N LEU C 344 -21.41 -24.90 -22.39
CA LEU C 344 -20.33 -23.96 -22.14
C LEU C 344 -20.34 -22.84 -23.16
N LYS C 345 -20.50 -23.21 -24.44
CA LYS C 345 -20.53 -22.23 -25.53
C LYS C 345 -21.61 -21.18 -25.32
N ALA C 346 -22.82 -21.63 -24.99
CA ALA C 346 -23.92 -20.70 -24.77
C ALA C 346 -23.62 -19.74 -23.61
N GLU C 347 -23.14 -20.28 -22.49
CA GLU C 347 -22.82 -19.46 -21.32
C GLU C 347 -21.70 -18.48 -21.59
N GLN C 348 -20.70 -18.91 -22.35
CA GLN C 348 -19.57 -18.04 -22.66
C GLN C 348 -19.92 -16.96 -23.69
N ALA C 349 -21.02 -17.14 -24.42
CA ALA C 349 -21.40 -16.14 -25.42
C ALA C 349 -22.16 -14.97 -24.80
N THR C 350 -22.67 -15.20 -23.59
CA THR C 350 -23.45 -14.20 -22.88
C THR C 350 -22.63 -12.95 -22.60
N GLU C 351 -23.20 -11.79 -22.88
CA GLU C 351 -22.47 -10.54 -22.63
C GLU C 351 -22.82 -9.95 -21.27
N PHE C 352 -21.80 -9.60 -20.48
CA PHE C 352 -22.04 -8.98 -19.18
C PHE C 352 -21.69 -7.50 -19.30
N TYR C 353 -22.33 -6.69 -18.48
CA TYR C 353 -22.08 -5.25 -18.53
C TYR C 353 -22.00 -4.62 -17.16
N VAL C 354 -21.09 -3.66 -17.04
CA VAL C 354 -20.93 -2.93 -15.82
C VAL C 354 -22.16 -2.04 -15.62
N HIS C 355 -22.64 -1.98 -14.38
CA HIS C 355 -23.77 -1.13 -14.07
C HIS C 355 -23.12 0.02 -13.32
N THR C 356 -22.84 1.11 -14.05
CA THR C 356 -22.17 2.28 -13.49
C THR C 356 -22.73 2.78 -12.16
N PRO C 357 -24.06 2.92 -12.04
CA PRO C 357 -24.57 3.41 -10.75
C PRO C 357 -24.01 2.67 -9.53
N MET C 358 -23.98 1.34 -9.58
CA MET C 358 -23.47 0.57 -8.46
C MET C 358 -21.97 0.77 -8.26
N VAL C 359 -21.22 0.83 -9.36
CA VAL C 359 -19.77 1.04 -9.26
C VAL C 359 -19.52 2.38 -8.58
N GLN C 360 -20.24 3.40 -9.01
CA GLN C 360 -20.11 4.75 -8.47
C GLN C 360 -20.52 4.80 -7.00
N PHE C 361 -21.50 3.96 -6.65
CA PHE C 361 -21.97 3.89 -5.28
C PHE C 361 -20.87 3.25 -4.41
N TYR C 362 -20.37 2.09 -4.82
CA TYR C 362 -19.32 1.44 -4.05
C TYR C 362 -18.16 2.40 -3.87
N GLU C 363 -17.82 3.08 -4.95
CA GLU C 363 -16.72 4.04 -4.98
C GLU C 363 -16.97 5.23 -4.04
N THR C 364 -18.17 5.78 -4.07
CA THR C 364 -18.49 6.91 -3.21
C THR C 364 -18.52 6.45 -1.76
N LEU C 365 -19.01 5.24 -1.51
CA LEU C 365 -19.04 4.70 -0.16
C LEU C 365 -17.60 4.50 0.31
N GLY C 366 -16.77 3.92 -0.59
CA GLY C 366 -15.38 3.68 -0.27
C GLY C 366 -15.16 2.31 0.38
N LYS C 367 -13.99 1.72 0.11
CA LYS C 367 -13.65 0.42 0.66
C LYS C 367 -13.83 0.33 2.17
N ASP C 368 -13.32 1.31 2.89
CA ASP C 368 -13.41 1.37 4.34
C ASP C 368 -14.86 1.25 4.83
N ARG C 369 -15.76 2.02 4.21
CA ARG C 369 -17.16 1.99 4.62
C ARG C 369 -17.93 0.76 4.19
N ILE C 370 -17.56 0.16 3.06
CA ILE C 370 -18.22 -1.07 2.65
C ILE C 370 -17.79 -2.16 3.63
N LEU C 371 -16.56 -2.03 4.16
CA LEU C 371 -16.07 -3.02 5.13
C LEU C 371 -16.88 -2.85 6.40
N GLU C 372 -17.18 -1.60 6.75
CA GLU C 372 -17.96 -1.32 7.95
C GLU C 372 -19.36 -1.86 7.71
N LEU C 373 -19.90 -1.56 6.54
CA LEU C 373 -21.24 -1.96 6.15
C LEU C 373 -21.47 -3.44 5.89
N MET C 374 -20.56 -4.07 5.15
CA MET C 374 -20.73 -5.48 4.82
C MET C 374 -19.75 -6.44 5.49
N GLY C 375 -18.83 -5.90 6.29
CA GLY C 375 -17.87 -6.72 6.99
C GLY C 375 -17.86 -6.37 8.48
N ALA C 376 -16.66 -6.33 9.07
CA ALA C 376 -16.52 -5.99 10.48
C ALA C 376 -15.99 -4.57 10.67
N GLY C 377 -15.85 -3.87 9.54
CA GLY C 377 -15.38 -2.50 9.54
C GLY C 377 -14.54 -1.96 10.69
N THR C 378 -13.22 -2.07 10.55
CA THR C 378 -12.28 -1.57 11.56
C THR C 378 -12.37 -2.24 12.93
N LEU C 379 -11.50 -3.22 13.15
CA LEU C 379 -11.45 -3.94 14.41
C LEU C 379 -10.44 -3.29 15.36
N ASN C 380 -9.76 -2.24 14.88
CA ASN C 380 -8.76 -1.52 15.68
C ASN C 380 -9.09 -1.54 17.16
N LYS C 381 -10.38 -1.54 17.49
CA LYS C 381 -10.81 -1.61 18.87
C LYS C 381 -10.68 -3.11 19.13
N GLU C 382 -9.44 -3.59 19.05
CA GLU C 382 -9.07 -4.99 19.25
C GLU C 382 -9.47 -5.41 20.65
N LEU C 383 -10.59 -4.85 21.10
CA LEU C 383 -11.15 -5.13 22.42
C LEU C 383 -12.50 -5.80 22.19
N LEU C 384 -12.40 -7.06 21.80
CA LEU C 384 -13.52 -7.95 21.53
C LEU C 384 -12.90 -9.35 21.48
N ASN C 385 -13.64 -10.36 21.93
CA ASN C 385 -13.12 -11.72 21.99
C ASN C 385 -12.10 -12.14 20.94
N ASP C 386 -10.96 -12.65 21.41
CA ASP C 386 -9.88 -13.09 20.54
C ASP C 386 -10.32 -14.00 19.38
N ASN C 387 -11.20 -14.96 19.65
CA ASN C 387 -11.65 -15.85 18.59
C ASN C 387 -12.61 -15.17 17.61
N HIS C 388 -13.50 -14.34 18.16
CA HIS C 388 -14.47 -13.62 17.35
C HIS C 388 -13.69 -12.72 16.39
N ALA C 389 -12.66 -12.07 16.91
CA ALA C 389 -11.80 -11.17 16.13
C ALA C 389 -11.21 -11.85 14.91
N LYS C 390 -10.94 -13.15 15.01
CA LYS C 390 -10.34 -13.87 13.90
C LYS C 390 -11.37 -14.18 12.82
N SER C 391 -12.63 -14.29 13.23
CA SER C 391 -13.71 -14.56 12.27
C SER C 391 -14.09 -13.25 11.58
N LEU C 392 -14.19 -12.17 12.35
CA LEU C 392 -14.52 -10.88 11.78
C LEU C 392 -13.47 -10.51 10.72
N GLU C 393 -12.21 -10.81 11.03
CA GLU C 393 -11.10 -10.52 10.14
C GLU C 393 -11.21 -11.29 8.84
N GLY C 394 -11.83 -12.45 8.91
CA GLY C 394 -12.01 -13.26 7.73
C GLY C 394 -13.08 -12.65 6.85
N LYS C 395 -14.17 -12.19 7.46
CA LYS C 395 -15.24 -11.57 6.69
C LYS C 395 -14.74 -10.33 5.99
N ASN C 396 -13.90 -9.55 6.66
CA ASN C 396 -13.32 -8.36 6.06
C ASN C 396 -12.48 -8.71 4.83
N ARG C 397 -11.62 -9.71 4.96
CA ARG C 397 -10.77 -10.12 3.85
C ARG C 397 -11.56 -10.49 2.59
N SER C 398 -12.60 -11.29 2.77
CA SER C 398 -13.42 -11.74 1.65
C SER C 398 -14.04 -10.54 0.92
N VAL C 399 -14.44 -9.53 1.68
CA VAL C 399 -15.06 -8.33 1.11
C VAL C 399 -13.98 -7.47 0.47
N GLU C 400 -12.95 -7.13 1.23
CA GLU C 400 -11.86 -6.31 0.70
C GLU C 400 -11.24 -6.85 -0.61
N ASP C 401 -10.93 -8.13 -0.64
CA ASP C 401 -10.34 -8.73 -1.85
C ASP C 401 -11.38 -8.67 -2.96
N SER C 402 -12.63 -8.85 -2.57
CA SER C 402 -13.72 -8.82 -3.51
C SER C 402 -13.84 -7.43 -4.11
N TYR C 403 -13.65 -6.42 -3.28
CA TYR C 403 -13.73 -5.03 -3.72
C TYR C 403 -12.58 -4.63 -4.65
N ASN C 404 -11.35 -4.91 -4.25
CA ASN C 404 -10.21 -4.55 -5.08
C ASN C 404 -10.28 -5.26 -6.44
N GLN C 405 -10.71 -6.51 -6.44
CA GLN C 405 -10.81 -7.25 -7.68
C GLN C 405 -11.86 -6.65 -8.62
N LEU C 406 -12.95 -6.13 -8.06
CA LEU C 406 -13.99 -5.51 -8.90
C LEU C 406 -13.42 -4.26 -9.54
N PHE C 407 -12.70 -3.46 -8.77
CA PHE C 407 -12.14 -2.24 -9.29
C PHE C 407 -10.94 -2.41 -10.19
N SER C 408 -10.19 -3.49 -10.03
CA SER C 408 -9.06 -3.73 -10.91
C SER C 408 -9.69 -3.98 -12.30
N VAL C 409 -10.80 -4.72 -12.29
CA VAL C 409 -11.54 -5.07 -13.51
C VAL C 409 -12.14 -3.85 -14.21
N ILE C 410 -12.81 -2.96 -13.47
CA ILE C 410 -13.37 -1.81 -14.16
C ILE C 410 -12.26 -0.87 -14.66
N GLU C 411 -11.09 -0.92 -14.01
CA GLU C 411 -9.96 -0.09 -14.44
C GLU C 411 -9.52 -0.49 -15.85
N GLN C 412 -9.68 -1.77 -16.16
CA GLN C 412 -9.30 -2.24 -17.48
C GLN C 412 -10.46 -1.94 -18.44
N VAL C 413 -11.69 -2.15 -17.98
CA VAL C 413 -12.88 -1.90 -18.78
C VAL C 413 -12.92 -0.41 -19.16
N ARG C 414 -12.68 0.43 -18.17
CA ARG C 414 -12.69 1.87 -18.38
C ARG C 414 -11.88 2.29 -19.59
N ALA C 415 -10.72 1.66 -19.78
CA ALA C 415 -9.83 1.98 -20.89
C ALA C 415 -10.37 1.52 -22.25
N GLN C 416 -11.25 0.53 -22.26
CA GLN C 416 -11.79 -0.01 -23.50
C GLN C 416 -12.70 0.95 -24.23
N SER C 417 -13.32 1.88 -23.50
CA SER C 417 -14.22 2.84 -24.13
C SER C 417 -14.61 3.97 -23.18
N GLU C 418 -15.19 5.03 -23.74
CA GLU C 418 -15.61 6.18 -22.95
C GLU C 418 -16.79 5.86 -22.03
N ASP C 419 -17.73 5.07 -22.51
CA ASP C 419 -18.88 4.68 -21.69
C ASP C 419 -18.68 3.23 -21.25
N ILE C 420 -18.21 3.03 -20.01
CA ILE C 420 -17.95 1.69 -19.48
C ILE C 420 -19.18 0.79 -19.40
N SER C 421 -20.38 1.37 -19.42
CA SER C 421 -21.59 0.55 -19.33
C SER C 421 -21.89 -0.19 -20.62
N THR C 422 -21.21 0.19 -21.70
CA THR C 422 -21.45 -0.45 -22.99
C THR C 422 -20.40 -1.45 -23.46
N VAL C 423 -19.38 -1.68 -22.64
CA VAL C 423 -18.32 -2.63 -22.99
C VAL C 423 -18.77 -4.04 -22.65
N PRO C 424 -18.96 -4.90 -23.65
CA PRO C 424 -19.39 -6.28 -23.40
C PRO C 424 -18.29 -7.08 -22.70
N ILE C 425 -18.67 -7.96 -21.78
CA ILE C 425 -17.68 -8.77 -21.07
C ILE C 425 -18.05 -10.24 -21.15
N HIS C 426 -17.11 -11.07 -21.57
CA HIS C 426 -17.35 -12.51 -21.65
C HIS C 426 -16.53 -13.22 -20.59
N TYR C 427 -17.06 -14.31 -20.05
CA TYR C 427 -16.38 -15.09 -19.02
C TYR C 427 -16.22 -16.52 -19.45
N ALA C 428 -15.04 -17.07 -19.18
CA ALA C 428 -14.77 -18.46 -19.49
C ALA C 428 -15.47 -19.33 -18.43
N TYR C 429 -15.88 -20.52 -18.83
CA TYR C 429 -16.53 -21.46 -17.94
C TYR C 429 -15.94 -22.83 -18.23
N ASN C 430 -16.18 -23.76 -17.34
CA ASN C 430 -15.73 -25.13 -17.56
C ASN C 430 -16.60 -26.03 -16.72
N MET C 431 -16.71 -27.28 -17.14
CA MET C 431 -17.52 -28.27 -16.44
C MET C 431 -16.69 -28.89 -15.33
N THR C 432 -17.28 -29.10 -14.16
CA THR C 432 -16.55 -29.70 -13.05
C THR C 432 -16.84 -31.18 -12.95
N ARG C 433 -16.16 -31.85 -12.02
CA ARG C 433 -16.33 -33.28 -11.76
C ARG C 433 -17.79 -33.66 -11.57
N VAL C 434 -18.55 -32.80 -10.89
CA VAL C 434 -19.95 -33.07 -10.64
C VAL C 434 -20.90 -32.43 -11.64
N GLY C 435 -20.38 -32.11 -12.83
CA GLY C 435 -21.18 -31.53 -13.89
C GLY C 435 -21.73 -30.11 -13.78
N ARG C 436 -21.11 -29.26 -12.97
CA ARG C 436 -21.59 -27.88 -12.85
C ARG C 436 -20.77 -26.95 -13.74
N MET C 437 -21.43 -25.95 -14.31
CA MET C 437 -20.78 -24.97 -15.17
C MET C 437 -20.26 -23.84 -14.31
N GLN C 438 -18.99 -23.94 -13.95
CA GLN C 438 -18.38 -22.95 -13.09
C GLN C 438 -17.65 -21.86 -13.81
N MET C 439 -18.02 -20.62 -13.51
CA MET C 439 -17.35 -19.47 -14.10
C MET C 439 -15.93 -19.57 -13.52
N LEU C 440 -14.91 -19.43 -14.36
CA LEU C 440 -13.53 -19.53 -13.87
C LEU C 440 -13.09 -18.26 -13.19
N GLY C 441 -12.36 -18.40 -12.08
CA GLY C 441 -11.89 -17.23 -11.37
C GLY C 441 -12.52 -17.15 -10.00
N LYS C 442 -11.73 -16.80 -8.99
CA LYS C 442 -12.24 -16.71 -7.63
C LYS C 442 -13.32 -15.63 -7.41
N TYR C 443 -13.10 -14.43 -7.96
CA TYR C 443 -14.04 -13.33 -7.79
C TYR C 443 -14.72 -12.92 -9.09
N ASN C 444 -15.95 -13.38 -9.29
CA ASN C 444 -16.72 -13.06 -10.49
C ASN C 444 -18.22 -13.07 -10.18
N PRO C 445 -19.06 -12.59 -11.10
CA PRO C 445 -20.52 -12.54 -10.91
C PRO C 445 -21.12 -13.82 -10.32
N GLN C 446 -20.66 -14.97 -10.78
CA GLN C 446 -21.18 -16.22 -10.27
C GLN C 446 -20.74 -16.51 -8.85
N SER C 447 -19.51 -16.11 -8.50
CA SER C 447 -18.99 -16.42 -7.16
C SER C 447 -18.96 -15.30 -6.11
N ALA C 448 -18.86 -14.04 -6.51
CA ALA C 448 -18.79 -12.97 -5.52
C ALA C 448 -20.01 -12.05 -5.56
N LYS C 449 -20.78 -12.04 -4.47
CA LYS C 449 -21.96 -11.19 -4.38
C LYS C 449 -21.71 -9.72 -4.69
N LEU C 450 -20.59 -9.18 -4.21
CA LEU C 450 -20.26 -7.77 -4.46
C LEU C 450 -20.11 -7.47 -5.95
N VAL C 451 -19.40 -8.36 -6.65
CA VAL C 451 -19.20 -8.22 -8.08
C VAL C 451 -20.50 -8.47 -8.84
N ARG C 452 -21.29 -9.43 -8.37
CA ARG C 452 -22.56 -9.77 -9.01
C ARG C 452 -23.50 -8.58 -9.21
N GLU C 453 -23.46 -7.62 -8.29
CA GLU C 453 -24.32 -6.46 -8.39
C GLU C 453 -23.71 -5.32 -9.19
N ALA C 454 -22.50 -5.54 -9.69
CA ALA C 454 -21.78 -4.54 -10.46
C ALA C 454 -21.62 -4.94 -11.92
N ILE C 455 -21.52 -6.24 -12.19
CA ILE C 455 -21.37 -6.73 -13.57
C ILE C 455 -22.47 -7.74 -13.86
N LEU C 456 -23.46 -7.31 -14.64
CA LEU C 456 -24.62 -8.15 -14.95
C LEU C 456 -24.84 -8.49 -16.42
N PRO C 457 -25.50 -9.63 -16.70
CA PRO C 457 -25.81 -10.11 -18.04
C PRO C 457 -27.26 -9.76 -18.31
N THR C 458 -27.92 -9.27 -17.27
CA THR C 458 -29.31 -8.92 -17.33
C THR C 458 -29.52 -7.44 -17.66
N LYS C 459 -30.67 -7.13 -18.23
CA LYS C 459 -30.98 -5.76 -18.56
C LYS C 459 -32.33 -5.73 -19.25
N ALA C 460 -33.04 -4.63 -19.09
CA ALA C 460 -34.34 -4.54 -19.71
C ALA C 460 -34.80 -3.10 -19.75
N THR C 461 -35.65 -2.79 -20.71
CA THR C 461 -36.19 -1.46 -20.80
C THR C 461 -37.64 -1.66 -20.40
N LEU C 462 -38.00 -1.10 -19.27
CA LEU C 462 -39.34 -1.25 -18.72
C LEU C 462 -40.17 0.02 -18.72
N ASP C 463 -41.49 -0.15 -18.80
CA ASP C 463 -42.41 0.98 -18.77
C ASP C 463 -43.04 1.01 -17.38
N LEU C 464 -42.38 1.73 -16.47
CA LEU C 464 -42.84 1.86 -15.10
C LEU C 464 -43.67 3.13 -14.92
N SER C 465 -44.20 3.67 -16.02
CA SER C 465 -44.99 4.89 -15.96
C SER C 465 -46.32 4.61 -15.26
N ASN C 466 -46.74 3.36 -15.30
CA ASN C 466 -47.98 2.96 -14.66
C ASN C 466 -47.70 1.75 -13.77
N GLN C 467 -48.01 1.88 -12.48
CA GLN C 467 -47.77 0.81 -11.54
C GLN C 467 -48.73 -0.36 -11.67
N ASN C 468 -49.54 -0.34 -12.72
CA ASN C 468 -50.49 -1.42 -12.99
C ASN C 468 -49.96 -2.24 -14.16
N ASN C 469 -48.86 -1.79 -14.75
CA ASN C 469 -48.24 -2.48 -15.88
C ASN C 469 -47.64 -3.78 -15.39
N GLU C 470 -47.40 -4.70 -16.32
CA GLU C 470 -46.79 -5.97 -15.96
C GLU C 470 -45.33 -5.69 -15.66
N ASP C 471 -44.77 -4.69 -16.35
CA ASP C 471 -43.38 -4.30 -16.16
C ASP C 471 -43.13 -3.87 -14.73
N PHE C 472 -44.03 -3.07 -14.17
CA PHE C 472 -43.85 -2.63 -12.79
C PHE C 472 -43.93 -3.82 -11.85
N SER C 473 -44.85 -4.73 -12.16
CA SER C 473 -45.05 -5.95 -11.38
C SER C 473 -43.80 -6.82 -11.35
N ALA C 474 -43.04 -6.82 -12.45
CA ALA C 474 -41.81 -7.60 -12.52
C ALA C 474 -40.77 -6.85 -11.70
N PHE C 475 -40.81 -5.53 -11.83
CA PHE C 475 -39.91 -4.65 -11.11
C PHE C 475 -40.09 -4.87 -9.60
N GLN C 476 -41.34 -4.93 -9.13
CA GLN C 476 -41.58 -5.15 -7.69
C GLN C 476 -41.04 -6.50 -7.27
N LEU C 477 -41.28 -7.51 -8.10
CA LEU C 477 -40.80 -8.85 -7.81
C LEU C 477 -39.29 -8.82 -7.60
N GLY C 478 -38.60 -8.11 -8.50
CA GLY C 478 -37.15 -7.98 -8.40
C GLY C 478 -36.72 -7.26 -7.14
N LEU C 479 -37.38 -6.15 -6.82
CA LEU C 479 -37.05 -5.38 -5.63
C LEU C 479 -37.37 -6.16 -4.36
N ALA C 480 -38.54 -6.82 -4.32
CA ALA C 480 -38.91 -7.58 -3.14
C ALA C 480 -37.96 -8.75 -2.84
N GLN C 481 -37.59 -9.50 -3.88
CA GLN C 481 -36.71 -10.65 -3.71
C GLN C 481 -35.29 -10.21 -3.28
N ALA C 482 -34.90 -9.03 -3.72
CA ALA C 482 -33.60 -8.49 -3.37
C ALA C 482 -33.66 -8.00 -1.93
N LEU C 483 -34.85 -7.62 -1.48
CA LEU C 483 -35.03 -7.12 -0.11
C LEU C 483 -35.31 -8.20 0.94
N ASP C 484 -35.18 -9.46 0.54
CA ASP C 484 -35.40 -10.62 1.41
C ASP C 484 -36.81 -10.96 1.79
N ILE C 485 -37.75 -10.68 0.90
CA ILE C 485 -39.13 -11.05 1.14
C ILE C 485 -39.23 -12.45 0.51
N LYS C 486 -39.88 -13.38 1.20
CA LYS C 486 -40.02 -14.74 0.69
C LYS C 486 -40.98 -14.74 -0.48
N VAL C 487 -40.47 -14.25 -1.60
CA VAL C 487 -41.21 -14.12 -2.84
C VAL C 487 -41.88 -15.40 -3.37
N HIS C 488 -41.32 -16.56 -3.09
CA HIS C 488 -41.94 -17.80 -3.59
C HIS C 488 -43.05 -18.32 -2.67
N THR C 489 -43.26 -17.67 -1.54
CA THR C 489 -44.29 -18.13 -0.59
C THR C 489 -45.59 -17.35 -0.69
N MET C 490 -45.66 -16.42 -1.61
CA MET C 490 -46.88 -15.62 -1.77
C MET C 490 -47.09 -15.29 -3.24
N THR C 491 -48.28 -14.80 -3.57
CA THR C 491 -48.60 -14.43 -4.95
C THR C 491 -48.08 -13.04 -5.24
N ARG C 492 -47.93 -12.71 -6.53
CA ARG C 492 -47.46 -11.38 -6.93
C ARG C 492 -48.18 -10.30 -6.15
N GLU C 493 -49.50 -10.40 -6.15
CA GLU C 493 -50.35 -9.44 -5.50
C GLU C 493 -49.95 -9.22 -4.04
N VAL C 494 -49.95 -10.30 -3.26
CA VAL C 494 -49.60 -10.21 -1.86
C VAL C 494 -48.18 -9.67 -1.61
N MET C 495 -47.20 -10.01 -2.46
CA MET C 495 -45.85 -9.49 -2.26
C MET C 495 -45.81 -8.03 -2.66
N SER C 496 -46.64 -7.69 -3.64
CA SER C 496 -46.75 -6.32 -4.11
C SER C 496 -47.09 -5.42 -2.93
N ASP C 497 -48.00 -5.86 -2.06
CA ASP C 497 -48.37 -5.06 -0.90
C ASP C 497 -47.27 -5.02 0.15
N GLU C 498 -46.57 -6.14 0.32
CA GLU C 498 -45.48 -6.25 1.30
C GLU C 498 -44.27 -5.43 0.89
N LEU C 499 -44.02 -5.33 -0.42
CA LEU C 499 -42.90 -4.54 -0.89
C LEU C 499 -43.22 -3.08 -0.57
N THR C 500 -44.40 -2.65 -0.96
CA THR C 500 -44.86 -1.28 -0.72
C THR C 500 -44.76 -0.86 0.75
N LYS C 501 -45.33 -1.68 1.63
CA LYS C 501 -45.31 -1.39 3.06
C LYS C 501 -43.89 -1.21 3.59
N LEU C 502 -42.92 -1.77 2.86
CA LEU C 502 -41.52 -1.69 3.27
C LEU C 502 -40.83 -0.45 2.69
N LEU C 503 -41.09 -0.17 1.42
CA LEU C 503 -40.49 0.99 0.76
C LEU C 503 -40.93 2.24 1.50
N GLU C 504 -42.22 2.29 1.82
CA GLU C 504 -42.80 3.42 2.54
C GLU C 504 -42.59 3.30 4.05
N GLY C 505 -41.99 2.19 4.49
CA GLY C 505 -41.77 1.98 5.91
C GLY C 505 -40.36 2.23 6.40
N ASN C 506 -39.70 1.16 6.84
CA ASN C 506 -38.34 1.24 7.39
C ASN C 506 -37.28 1.65 6.37
N LEU C 507 -37.51 1.32 5.11
CA LEU C 507 -36.54 1.63 4.06
C LEU C 507 -36.58 3.05 3.52
N LYS C 508 -37.66 3.78 3.79
CA LYS C 508 -37.78 5.13 3.24
C LYS C 508 -36.60 6.06 3.49
N PRO C 509 -36.01 6.02 4.70
CA PRO C 509 -34.86 6.90 4.97
C PRO C 509 -33.66 6.57 4.07
N ALA C 510 -33.49 5.28 3.77
CA ALA C 510 -32.39 4.86 2.92
C ALA C 510 -32.73 5.21 1.46
N ILE C 511 -34.01 5.09 1.11
CA ILE C 511 -34.46 5.41 -0.24
C ILE C 511 -34.20 6.88 -0.51
N ASP C 512 -34.68 7.74 0.39
CA ASP C 512 -34.47 9.19 0.26
C ASP C 512 -33.01 9.52 0.06
N MET C 513 -32.14 8.81 0.80
CA MET C 513 -30.70 9.03 0.67
C MET C 513 -30.22 8.65 -0.73
N MET C 514 -30.67 7.50 -1.21
CA MET C 514 -30.28 7.04 -2.54
C MET C 514 -30.77 8.01 -3.60
N VAL C 515 -31.96 8.58 -3.37
CA VAL C 515 -32.51 9.57 -4.29
C VAL C 515 -31.51 10.72 -4.41
N GLU C 516 -31.00 11.18 -3.27
CA GLU C 516 -30.03 12.27 -3.28
C GLU C 516 -28.74 11.85 -3.97
N PHE C 517 -28.32 10.61 -3.74
CA PHE C 517 -27.11 10.12 -4.36
C PHE C 517 -27.28 10.11 -5.88
N ASN C 518 -28.44 9.65 -6.35
CA ASN C 518 -28.70 9.60 -7.79
C ASN C 518 -29.13 10.95 -8.32
N THR C 519 -28.86 12.00 -7.55
CA THR C 519 -29.20 13.35 -7.98
C THR C 519 -27.95 14.20 -8.02
N THR C 520 -27.18 14.21 -6.93
CA THR C 520 -25.95 15.01 -6.86
C THR C 520 -24.65 14.19 -6.79
N GLY C 521 -24.76 12.88 -6.61
CA GLY C 521 -23.57 12.05 -6.55
C GLY C 521 -22.89 11.97 -5.20
N SER C 522 -23.53 12.49 -4.15
CA SER C 522 -22.93 12.47 -2.82
C SER C 522 -23.71 11.63 -1.80
N LEU C 523 -22.99 11.19 -0.77
CA LEU C 523 -23.59 10.40 0.29
C LEU C 523 -23.42 11.17 1.58
N PRO C 524 -24.33 10.94 2.54
CA PRO C 524 -24.23 11.64 3.82
C PRO C 524 -23.05 11.03 4.57
N GLU C 525 -22.66 11.65 5.68
CA GLU C 525 -21.55 11.11 6.45
C GLU C 525 -21.97 9.92 7.29
N ASN C 526 -23.29 9.73 7.44
CA ASN C 526 -23.80 8.62 8.22
C ASN C 526 -24.49 7.59 7.33
N ALA C 527 -24.02 7.49 6.09
CA ALA C 527 -24.56 6.55 5.11
C ALA C 527 -24.59 5.11 5.63
N VAL C 528 -23.50 4.67 6.27
CA VAL C 528 -23.44 3.31 6.78
C VAL C 528 -24.54 3.06 7.80
N ASP C 529 -24.78 4.05 8.67
CA ASP C 529 -25.81 3.94 9.70
C ASP C 529 -27.23 3.93 9.12
N VAL C 530 -27.48 4.82 8.16
CA VAL C 530 -28.78 4.90 7.51
C VAL C 530 -29.10 3.60 6.78
N LEU C 531 -28.08 3.03 6.14
CA LEU C 531 -28.27 1.78 5.41
C LEU C 531 -28.46 0.62 6.36
N ASN C 532 -27.56 0.52 7.33
CA ASN C 532 -27.63 -0.57 8.30
C ASN C 532 -28.92 -0.56 9.10
N THR C 533 -29.43 0.63 9.42
CA THR C 533 -30.66 0.73 10.19
C THR C 533 -31.90 0.42 9.36
N ALA C 534 -31.92 0.87 8.11
CA ALA C 534 -33.08 0.64 7.27
C ALA C 534 -33.15 -0.81 6.80
N LEU C 535 -32.01 -1.45 6.62
CA LEU C 535 -31.99 -2.83 6.14
C LEU C 535 -32.17 -3.90 7.20
N GLY C 536 -31.64 -3.68 8.39
CA GLY C 536 -31.76 -4.71 9.42
C GLY C 536 -31.11 -5.97 8.89
N ASP C 537 -31.73 -7.13 9.10
CA ASP C 537 -31.12 -8.36 8.61
C ASP C 537 -31.38 -8.61 7.12
N ARG C 538 -32.04 -7.66 6.47
CA ARG C 538 -32.32 -7.77 5.05
C ARG C 538 -31.08 -7.30 4.27
N LYS C 539 -30.10 -6.78 4.99
CA LYS C 539 -28.87 -6.28 4.38
C LYS C 539 -28.03 -7.29 3.59
N SER C 540 -27.65 -6.88 2.38
CA SER C 540 -26.82 -7.71 1.50
C SER C 540 -26.50 -6.85 0.29
N PHE C 541 -25.64 -7.34 -0.60
CA PHE C 541 -25.30 -6.56 -1.77
C PHE C 541 -26.48 -6.40 -2.72
N VAL C 542 -27.24 -7.48 -2.92
CA VAL C 542 -28.40 -7.44 -3.80
C VAL C 542 -29.48 -6.49 -3.25
N ALA C 543 -29.45 -6.24 -1.96
CA ALA C 543 -30.41 -5.34 -1.34
C ALA C 543 -29.97 -3.90 -1.63
N LEU C 544 -28.67 -3.70 -1.71
CA LEU C 544 -28.13 -2.39 -2.01
C LEU C 544 -28.51 -2.04 -3.45
N MET C 545 -28.52 -3.07 -4.32
CA MET C 545 -28.90 -2.87 -5.72
C MET C 545 -30.36 -2.46 -5.79
N ALA C 546 -31.19 -3.09 -4.97
CA ALA C 546 -32.62 -2.80 -4.92
C ALA C 546 -32.88 -1.36 -4.50
N LEU C 547 -32.21 -0.93 -3.44
CA LEU C 547 -32.39 0.43 -2.96
C LEU C 547 -31.88 1.35 -4.05
N MET C 548 -30.83 0.91 -4.75
CA MET C 548 -30.25 1.70 -5.84
C MET C 548 -31.19 1.82 -7.02
N GLU C 549 -31.78 0.69 -7.43
CA GLU C 549 -32.67 0.70 -8.59
C GLU C 549 -34.00 1.38 -8.35
N TYR C 550 -34.55 1.26 -7.15
CA TYR C 550 -35.81 1.90 -6.87
C TYR C 550 -35.65 3.42 -6.87
N SER C 551 -34.58 3.91 -6.24
CA SER C 551 -34.35 5.35 -6.19
C SER C 551 -33.98 5.90 -7.57
N ARG C 552 -33.40 5.07 -8.43
CA ARG C 552 -33.06 5.51 -9.80
C ARG C 552 -34.38 5.73 -10.54
N TYR C 553 -35.30 4.80 -10.34
CA TYR C 553 -36.62 4.87 -10.97
C TYR C 553 -37.34 6.14 -10.55
N LEU C 554 -37.23 6.47 -9.27
CA LEU C 554 -37.87 7.67 -8.72
C LEU C 554 -37.44 8.98 -9.39
N VAL C 555 -36.15 9.16 -9.60
CA VAL C 555 -35.67 10.39 -10.22
C VAL C 555 -35.63 10.29 -11.75
N ALA C 556 -35.88 9.10 -12.28
CA ALA C 556 -35.85 8.90 -13.74
C ALA C 556 -36.73 9.88 -14.51
N GLU C 557 -36.16 10.46 -15.57
CA GLU C 557 -36.89 11.40 -16.41
C GLU C 557 -38.03 10.70 -17.13
N ASP C 558 -37.66 9.68 -17.90
CA ASP C 558 -38.62 8.89 -18.68
C ASP C 558 -38.86 7.55 -18.00
N LYS C 559 -39.90 7.47 -17.17
CA LYS C 559 -40.20 6.23 -16.47
C LYS C 559 -40.76 5.17 -17.44
N SER C 560 -41.16 5.61 -18.62
CA SER C 560 -41.74 4.70 -19.63
C SER C 560 -40.71 3.84 -20.35
N ALA C 561 -39.44 4.15 -20.11
CA ALA C 561 -38.34 3.42 -20.73
C ALA C 561 -37.15 3.36 -19.77
N PHE C 562 -37.38 2.75 -18.61
CA PHE C 562 -36.36 2.61 -17.59
C PHE C 562 -35.43 1.44 -17.92
N VAL C 563 -34.14 1.71 -17.96
CA VAL C 563 -33.17 0.67 -18.25
C VAL C 563 -32.53 0.22 -16.95
N THR C 564 -32.69 -1.06 -16.61
CA THR C 564 -32.17 -1.60 -15.38
C THR C 564 -31.64 -3.01 -15.51
N PRO C 565 -30.62 -3.35 -14.74
CA PRO C 565 -30.04 -4.70 -14.78
C PRO C 565 -30.64 -5.53 -13.64
N LEU C 566 -31.48 -4.89 -12.82
CA LEU C 566 -32.13 -5.56 -11.69
C LEU C 566 -32.68 -6.88 -12.19
N TYR C 567 -32.64 -7.90 -11.36
CA TYR C 567 -33.12 -9.20 -11.80
C TYR C 567 -34.00 -9.94 -10.81
N VAL C 568 -34.61 -11.01 -11.31
CA VAL C 568 -35.43 -11.87 -10.50
C VAL C 568 -34.77 -13.22 -10.71
N GLU C 569 -34.48 -13.91 -9.61
CA GLU C 569 -33.86 -15.23 -9.73
C GLU C 569 -34.87 -16.37 -9.62
N ALA C 570 -34.91 -17.23 -10.63
CA ALA C 570 -35.76 -18.42 -10.56
C ALA C 570 -34.92 -19.30 -9.64
N ASP C 571 -35.31 -19.37 -8.37
CA ASP C 571 -34.59 -20.11 -7.33
C ASP C 571 -35.16 -21.47 -6.95
N GLY C 572 -34.33 -22.50 -7.03
CA GLY C 572 -34.78 -23.84 -6.65
C GLY C 572 -35.15 -23.96 -5.19
N VAL C 573 -36.30 -24.57 -4.92
CA VAL C 573 -36.77 -24.74 -3.55
C VAL C 573 -36.29 -26.09 -3.00
N THR C 574 -35.32 -26.05 -2.08
CA THR C 574 -34.74 -27.26 -1.50
C THR C 574 -34.32 -28.20 -2.64
N ASN C 575 -33.71 -27.60 -3.64
CA ASN C 575 -33.23 -28.24 -4.86
C ASN C 575 -32.53 -29.60 -4.76
N GLY C 576 -31.42 -29.64 -4.03
CA GLY C 576 -30.68 -30.88 -3.89
C GLY C 576 -31.50 -32.03 -3.33
N PRO C 577 -32.15 -31.83 -2.18
CA PRO C 577 -32.97 -32.89 -1.58
C PRO C 577 -34.15 -33.27 -2.47
N ILE C 578 -34.74 -32.29 -3.14
CA ILE C 578 -35.87 -32.59 -4.01
C ILE C 578 -35.38 -33.38 -5.23
N ASN C 579 -34.25 -32.99 -5.80
CA ASN C 579 -33.70 -33.69 -6.96
C ASN C 579 -33.42 -35.16 -6.61
N ALA C 580 -32.81 -35.39 -5.45
CA ALA C 580 -32.49 -36.75 -5.02
C ALA C 580 -33.78 -37.58 -4.90
N MET C 581 -34.78 -37.03 -4.23
CA MET C 581 -36.05 -37.74 -4.05
C MET C 581 -36.63 -38.09 -5.40
N MET C 582 -36.61 -37.13 -6.31
CA MET C 582 -37.17 -37.34 -7.63
C MET C 582 -36.35 -38.32 -8.50
N LEU C 583 -35.02 -38.24 -8.40
CA LEU C 583 -34.13 -39.09 -9.20
C LEU C 583 -33.85 -40.49 -8.70
N MET C 584 -33.85 -40.69 -7.39
CA MET C 584 -33.53 -42.00 -6.87
C MET C 584 -34.50 -42.74 -5.94
N THR C 585 -35.76 -42.31 -5.90
CA THR C 585 -36.74 -43.04 -5.09
C THR C 585 -37.18 -44.16 -6.04
N GLY C 586 -36.98 -45.42 -5.67
CA GLY C 586 -37.36 -46.50 -6.57
C GLY C 586 -38.43 -47.51 -6.21
N GLY C 587 -39.36 -47.18 -5.34
CA GLY C 587 -40.40 -48.14 -5.02
C GLY C 587 -41.76 -47.72 -5.54
N LEU C 588 -42.81 -48.25 -4.94
CA LEU C 588 -44.17 -47.88 -5.32
C LEU C 588 -44.39 -46.47 -4.79
N PHE C 589 -45.41 -45.78 -5.28
CA PHE C 589 -45.68 -44.44 -4.81
C PHE C 589 -46.33 -44.46 -3.44
N THR C 590 -45.99 -43.46 -2.65
CA THR C 590 -46.46 -43.31 -1.27
C THR C 590 -47.14 -41.95 -1.08
N PRO C 591 -48.17 -41.87 -0.21
CA PRO C 591 -48.79 -40.55 -0.06
C PRO C 591 -47.91 -39.53 0.69
N ASP C 592 -47.05 -39.98 1.62
CA ASP C 592 -46.18 -39.03 2.32
C ASP C 592 -45.26 -38.38 1.31
N TRP C 593 -44.77 -39.23 0.38
CA TRP C 593 -43.86 -38.81 -0.69
C TRP C 593 -44.51 -37.79 -1.61
N ILE C 594 -45.79 -37.99 -1.91
CA ILE C 594 -46.51 -37.07 -2.80
C ILE C 594 -46.70 -35.70 -2.14
N ARG C 595 -46.95 -35.69 -0.83
CA ARG C 595 -47.11 -34.42 -0.13
C ARG C 595 -45.76 -33.74 -0.02
N ASN C 596 -44.75 -34.51 0.38
CA ASN C 596 -43.41 -33.96 0.54
C ASN C 596 -42.78 -33.46 -0.75
N ILE C 597 -43.04 -34.12 -1.87
CA ILE C 597 -42.45 -33.69 -3.13
C ILE C 597 -43.14 -32.43 -3.64
N ALA C 598 -44.34 -32.17 -3.15
CA ALA C 598 -45.10 -31.00 -3.52
C ALA C 598 -44.43 -29.78 -2.91
N LYS C 599 -43.76 -29.98 -1.78
CA LYS C 599 -43.07 -28.89 -1.12
C LYS C 599 -41.84 -28.46 -1.96
N GLY C 600 -41.58 -29.20 -3.04
CA GLY C 600 -40.44 -28.90 -3.89
C GLY C 600 -40.85 -28.50 -5.30
N GLY C 601 -42.14 -28.26 -5.50
CA GLY C 601 -42.61 -27.85 -6.81
C GLY C 601 -43.28 -28.86 -7.73
N LEU C 602 -43.30 -30.14 -7.36
CA LEU C 602 -43.95 -31.13 -8.21
C LEU C 602 -45.39 -31.32 -7.73
N PHE C 603 -46.34 -30.70 -8.43
CA PHE C 603 -47.75 -30.79 -8.08
C PHE C 603 -48.48 -31.78 -8.99
N ILE C 604 -49.21 -32.71 -8.39
CA ILE C 604 -49.96 -33.72 -9.15
C ILE C 604 -51.47 -33.42 -9.18
N GLY C 605 -52.04 -33.39 -10.37
CA GLY C 605 -53.47 -33.13 -10.50
C GLY C 605 -53.87 -31.69 -10.18
N SER C 606 -53.00 -30.74 -10.49
CA SER C 606 -53.28 -29.32 -10.22
C SER C 606 -52.81 -28.45 -11.39
N PRO C 607 -53.63 -28.39 -12.46
CA PRO C 607 -53.26 -27.59 -13.63
C PRO C 607 -52.81 -26.16 -13.31
N ASN C 608 -51.61 -25.81 -13.78
CA ASN C 608 -51.05 -24.47 -13.60
C ASN C 608 -50.82 -24.04 -12.16
N LYS C 609 -50.76 -24.98 -11.23
CA LYS C 609 -50.53 -24.60 -9.84
C LYS C 609 -49.08 -24.09 -9.74
N THR C 610 -48.87 -23.11 -8.85
CA THR C 610 -47.54 -22.52 -8.65
C THR C 610 -47.08 -22.69 -7.21
N MET C 611 -45.77 -22.51 -6.99
CA MET C 611 -45.25 -22.62 -5.64
C MET C 611 -45.87 -21.51 -4.77
N ASN C 612 -46.13 -20.35 -5.35
CA ASN C 612 -46.73 -19.25 -4.59
C ASN C 612 -48.10 -19.64 -4.01
N GLU C 613 -48.94 -20.27 -4.83
CA GLU C 613 -50.26 -20.68 -4.36
C GLU C 613 -50.15 -21.86 -3.39
N HIS C 614 -49.22 -22.77 -3.66
CA HIS C 614 -49.03 -23.92 -2.80
C HIS C 614 -48.68 -23.51 -1.37
N ARG C 615 -47.76 -22.56 -1.25
CA ARG C 615 -47.32 -22.08 0.05
C ARG C 615 -48.33 -21.27 0.80
N SER C 616 -49.21 -20.60 0.06
CA SER C 616 -50.22 -19.78 0.71
C SER C 616 -51.58 -20.46 0.88
N THR C 617 -51.83 -21.50 0.10
CA THR C 617 -53.11 -22.19 0.12
C THR C 617 -53.13 -23.62 0.62
N ALA C 618 -52.08 -24.39 0.34
CA ALA C 618 -52.08 -25.79 0.75
C ALA C 618 -51.10 -26.23 1.84
N ASP C 619 -49.86 -25.77 1.76
CA ASP C 619 -48.85 -26.20 2.72
C ASP C 619 -47.76 -25.14 2.89
N ASN C 620 -47.79 -24.45 4.02
CA ASN C 620 -46.80 -23.42 4.29
C ASN C 620 -45.49 -23.97 4.83
N ASN C 621 -45.34 -25.30 4.83
CA ASN C 621 -44.11 -25.91 5.32
C ASN C 621 -43.25 -26.54 4.22
N ASP C 622 -42.04 -26.03 4.04
CA ASP C 622 -41.14 -26.60 3.03
C ASP C 622 -40.42 -27.82 3.60
N LEU C 623 -39.56 -28.43 2.78
CA LEU C 623 -38.83 -29.63 3.19
C LEU C 623 -37.95 -29.43 4.43
N TYR C 624 -37.47 -28.21 4.65
CA TYR C 624 -36.62 -27.91 5.81
C TYR C 624 -37.46 -27.96 7.09
N GLN C 625 -38.67 -27.39 7.03
CA GLN C 625 -39.58 -27.36 8.17
C GLN C 625 -40.06 -28.77 8.51
N ALA C 626 -40.48 -29.50 7.49
CA ALA C 626 -40.97 -30.86 7.66
C ALA C 626 -39.89 -31.67 8.38
N SER C 627 -38.63 -31.40 8.02
CA SER C 627 -37.50 -32.08 8.64
C SER C 627 -37.47 -31.69 10.12
N THR C 628 -37.50 -30.38 10.35
CA THR C 628 -37.47 -29.86 11.71
C THR C 628 -38.63 -30.39 12.55
N ASN C 629 -39.82 -30.47 11.94
CA ASN C 629 -40.99 -30.98 12.64
C ASN C 629 -40.86 -32.48 12.94
N ALA C 630 -40.18 -33.22 12.05
CA ALA C 630 -39.99 -34.65 12.25
C ALA C 630 -38.93 -34.85 13.33
N LEU C 631 -38.00 -33.90 13.38
CA LEU C 631 -36.94 -33.92 14.38
C LEU C 631 -37.57 -33.75 15.76
N MET C 632 -38.50 -32.80 15.86
CA MET C 632 -39.17 -32.52 17.13
C MET C 632 -39.92 -33.74 17.66
N GLU C 633 -40.49 -34.54 16.76
CA GLU C 633 -41.22 -35.73 17.18
C GLU C 633 -40.28 -36.85 17.58
N SER C 634 -39.21 -37.00 16.82
CA SER C 634 -38.21 -38.02 17.09
C SER C 634 -37.44 -37.60 18.34
N LEU C 635 -37.46 -36.30 18.63
CA LEU C 635 -36.78 -35.75 19.79
C LEU C 635 -37.58 -36.08 21.04
N GLY C 636 -38.87 -35.78 20.99
CA GLY C 636 -39.73 -36.08 22.12
C GLY C 636 -39.69 -37.58 22.38
N LYS C 637 -39.59 -38.35 21.30
CA LYS C 637 -39.54 -39.80 21.40
C LYS C 637 -38.30 -40.22 22.20
N LEU C 638 -37.16 -39.58 21.92
CA LEU C 638 -35.92 -39.89 22.62
C LEU C 638 -36.09 -39.69 24.13
N ARG C 639 -36.77 -38.61 24.51
CA ARG C 639 -37.01 -38.30 25.91
C ARG C 639 -37.80 -39.38 26.64
N SER C 640 -38.82 -39.94 26.00
CA SER C 640 -39.64 -40.98 26.61
C SER C 640 -38.83 -42.22 26.98
N ASN C 641 -38.02 -42.69 26.04
CA ASN C 641 -37.20 -43.87 26.24
C ASN C 641 -36.30 -43.72 27.47
N TYR C 642 -36.20 -42.50 27.98
CA TYR C 642 -35.38 -42.22 29.16
C TYR C 642 -36.15 -41.31 30.09
N ALA C 643 -37.48 -41.41 30.03
CA ALA C 643 -38.36 -40.60 30.84
C ALA C 643 -37.99 -40.53 32.33
N SER C 644 -37.61 -41.66 32.91
CA SER C 644 -37.25 -41.69 34.32
C SER C 644 -35.86 -41.17 34.59
N ASN C 645 -34.91 -41.49 33.72
CA ASN C 645 -33.52 -41.08 33.88
C ASN C 645 -33.38 -39.56 34.02
N MET C 646 -33.47 -39.07 35.25
CA MET C 646 -33.36 -37.65 35.55
C MET C 646 -32.09 -37.01 34.99
N PRO C 647 -30.94 -37.66 35.20
CA PRO C 647 -29.68 -37.09 34.67
C PRO C 647 -29.61 -36.93 33.15
N ILE C 648 -30.27 -37.81 32.40
CA ILE C 648 -30.24 -37.68 30.95
C ILE C 648 -31.18 -36.55 30.53
N GLN C 649 -32.38 -36.53 31.10
CA GLN C 649 -33.34 -35.47 30.80
C GLN C 649 -32.66 -34.11 30.96
N SER C 650 -31.85 -33.98 32.01
CA SER C 650 -31.14 -32.73 32.28
C SER C 650 -30.09 -32.38 31.25
N GLN C 651 -29.43 -33.38 30.68
CA GLN C 651 -28.39 -33.12 29.67
C GLN C 651 -29.06 -32.57 28.42
N ILE C 652 -30.12 -33.26 27.99
CA ILE C 652 -30.86 -32.84 26.82
C ILE C 652 -31.35 -31.42 27.06
N ASP C 653 -32.00 -31.21 28.21
CA ASP C 653 -32.54 -29.90 28.55
C ASP C 653 -31.47 -28.83 28.56
N SER C 654 -30.26 -29.18 29.01
CA SER C 654 -29.16 -28.21 29.04
C SER C 654 -28.62 -27.90 27.65
N LEU C 655 -28.58 -28.90 26.78
CA LEU C 655 -28.10 -28.70 25.42
C LEU C 655 -29.13 -27.83 24.72
N LEU C 656 -30.41 -28.11 24.97
CA LEU C 656 -31.47 -27.35 24.35
C LEU C 656 -31.45 -25.91 24.87
N SER C 657 -31.04 -25.76 26.12
CA SER C 657 -30.94 -24.46 26.77
C SER C 657 -29.79 -23.64 26.21
N LEU C 658 -28.66 -24.30 25.97
CA LEU C 658 -27.50 -23.61 25.43
C LEU C 658 -27.82 -23.09 24.03
N MET C 659 -28.39 -23.94 23.18
CA MET C 659 -28.74 -23.54 21.83
C MET C 659 -29.75 -22.38 21.83
N ASP C 660 -30.78 -22.47 22.66
CA ASP C 660 -31.78 -21.40 22.73
C ASP C 660 -31.17 -20.07 23.17
N LEU C 661 -30.08 -20.14 23.92
CA LEU C 661 -29.42 -18.94 24.41
C LEU C 661 -28.76 -18.18 23.26
N PHE C 662 -28.20 -18.90 22.29
CA PHE C 662 -27.50 -18.25 21.19
C PHE C 662 -28.03 -18.43 19.76
N LEU C 663 -28.78 -19.50 19.48
CA LEU C 663 -29.30 -19.72 18.14
C LEU C 663 -30.75 -19.29 17.95
N PRO C 664 -31.01 -18.43 16.96
CA PRO C 664 -32.36 -17.93 16.68
C PRO C 664 -33.37 -19.01 16.34
N ASP C 665 -32.90 -20.12 15.78
CA ASP C 665 -33.78 -21.22 15.36
C ASP C 665 -34.34 -22.09 16.49
N ILE C 666 -33.85 -21.90 17.71
CA ILE C 666 -34.34 -22.68 18.84
C ILE C 666 -35.06 -21.76 19.81
N ASN C 667 -36.20 -22.21 20.33
CA ASN C 667 -36.94 -21.42 21.28
C ASN C 667 -37.61 -22.24 22.37
N LEU C 668 -37.00 -22.26 23.55
CA LEU C 668 -37.57 -22.94 24.71
C LEU C 668 -38.47 -21.84 25.23
N GLY C 669 -39.72 -22.15 25.52
CA GLY C 669 -40.61 -21.09 25.99
C GLY C 669 -41.31 -21.27 27.31
N GLU C 670 -41.12 -20.28 28.20
CA GLU C 670 -41.72 -20.24 29.53
C GLU C 670 -42.09 -21.61 30.11
N ASN C 671 -43.23 -22.15 29.68
CA ASN C 671 -43.69 -23.45 30.16
C ASN C 671 -42.87 -24.64 29.62
N GLY C 672 -41.86 -24.36 28.79
CA GLY C 672 -41.03 -25.41 28.23
C GLY C 672 -41.34 -25.79 26.79
N ALA C 673 -42.26 -25.05 26.18
CA ALA C 673 -42.66 -25.31 24.80
C ALA C 673 -41.47 -25.16 23.85
N LEU C 674 -41.08 -26.27 23.24
CA LEU C 674 -39.97 -26.29 22.30
C LEU C 674 -40.46 -26.11 20.87
N GLU C 675 -40.01 -25.04 20.23
CA GLU C 675 -40.37 -24.71 18.86
C GLU C 675 -39.08 -24.54 18.05
N LEU C 676 -39.07 -25.05 16.83
CA LEU C 676 -37.87 -24.97 15.99
C LEU C 676 -38.14 -24.38 14.62
N LYS C 677 -37.19 -23.59 14.11
CA LYS C 677 -37.33 -23.00 12.78
C LYS C 677 -36.68 -23.89 11.73
N ARG C 678 -37.21 -23.84 10.51
CA ARG C 678 -36.70 -24.62 9.38
C ARG C 678 -35.19 -24.42 9.20
N GLY C 679 -34.68 -23.30 9.72
CA GLY C 679 -33.28 -22.97 9.59
C GLY C 679 -32.24 -23.99 10.06
N ILE C 680 -32.44 -24.55 11.25
CA ILE C 680 -31.48 -25.52 11.78
C ILE C 680 -31.36 -26.79 10.95
N ALA C 681 -32.27 -27.01 10.02
CA ALA C 681 -32.22 -28.22 9.19
C ALA C 681 -31.69 -27.93 7.80
N LYS C 682 -31.59 -26.66 7.44
CA LYS C 682 -31.12 -26.27 6.11
C LYS C 682 -29.79 -26.93 5.71
N ASN C 683 -28.71 -26.57 6.40
CA ASN C 683 -27.41 -27.13 6.07
C ASN C 683 -27.34 -28.64 6.27
N PRO C 684 -27.83 -29.15 7.42
CA PRO C 684 -27.78 -30.59 7.65
C PRO C 684 -28.57 -31.42 6.65
N LEU C 685 -29.76 -30.95 6.27
CA LEU C 685 -30.54 -31.69 5.28
C LEU C 685 -29.75 -31.74 3.98
N THR C 686 -29.20 -30.59 3.61
CA THR C 686 -28.41 -30.46 2.39
C THR C 686 -27.20 -31.39 2.35
N ILE C 687 -26.29 -31.25 3.32
CA ILE C 687 -25.09 -32.08 3.33
C ILE C 687 -25.37 -33.55 3.58
N THR C 688 -26.56 -33.88 4.05
CA THR C 688 -26.90 -35.27 4.28
C THR C 688 -27.24 -35.84 2.90
N ILE C 689 -27.53 -34.95 1.96
CA ILE C 689 -27.85 -35.35 0.59
C ILE C 689 -26.53 -35.49 -0.16
N TYR C 690 -25.51 -34.81 0.33
CA TYR C 690 -24.19 -34.87 -0.25
C TYR C 690 -23.39 -35.98 0.45
N GLY C 691 -24.09 -36.82 1.21
CA GLY C 691 -23.45 -37.94 1.90
C GLY C 691 -22.75 -37.70 3.24
N SER C 692 -22.98 -36.55 3.88
CA SER C 692 -22.34 -36.24 5.16
C SER C 692 -22.68 -37.21 6.30
N GLY C 693 -21.76 -37.33 7.25
CA GLY C 693 -21.98 -38.18 8.39
C GLY C 693 -22.63 -37.40 9.53
N ALA C 694 -23.13 -38.11 10.54
CA ALA C 694 -23.78 -37.45 11.66
C ALA C 694 -22.80 -36.63 12.49
N ARG C 695 -21.63 -37.18 12.74
CA ARG C 695 -20.62 -36.49 13.53
C ARG C 695 -20.26 -35.16 12.90
N GLY C 696 -20.14 -35.15 11.58
CA GLY C 696 -19.80 -33.92 10.87
C GLY C 696 -20.86 -32.84 11.07
N ILE C 697 -22.12 -33.24 11.00
CA ILE C 697 -23.21 -32.30 11.20
C ILE C 697 -23.14 -31.72 12.61
N ALA C 698 -22.94 -32.59 13.60
CA ALA C 698 -22.87 -32.18 14.99
C ALA C 698 -21.83 -31.09 15.20
N GLY C 699 -20.65 -31.27 14.60
CA GLY C 699 -19.59 -30.29 14.72
C GLY C 699 -19.96 -28.96 14.08
N LYS C 700 -20.76 -29.01 13.03
CA LYS C 700 -21.17 -27.79 12.36
C LYS C 700 -22.05 -27.00 13.34
N LEU C 701 -23.03 -27.68 13.92
CA LEU C 701 -23.94 -27.06 14.88
C LEU C 701 -23.16 -26.50 16.07
N VAL C 702 -22.26 -27.29 16.64
CA VAL C 702 -21.49 -26.81 17.76
C VAL C 702 -20.81 -25.51 17.37
N SER C 703 -20.14 -25.51 16.23
CA SER C 703 -19.44 -24.32 15.76
C SER C 703 -20.38 -23.10 15.72
N SER C 704 -21.64 -23.30 15.36
CA SER C 704 -22.59 -22.18 15.33
C SER C 704 -22.72 -21.63 16.73
N VAL C 705 -22.94 -22.53 17.69
CA VAL C 705 -23.08 -22.13 19.07
C VAL C 705 -21.86 -21.34 19.55
N THR C 706 -20.68 -21.93 19.37
CA THR C 706 -19.45 -21.27 19.82
C THR C 706 -19.20 -19.94 19.12
N ASP C 707 -19.47 -19.88 17.81
CA ASP C 707 -19.27 -18.62 17.08
C ASP C 707 -20.09 -17.52 17.73
N ALA C 708 -21.30 -17.86 18.17
CA ALA C 708 -22.18 -16.88 18.81
C ALA C 708 -21.70 -16.52 20.22
N ILE C 709 -21.18 -17.51 20.96
CA ILE C 709 -20.68 -17.27 22.32
C ILE C 709 -19.51 -16.30 22.24
N TYR C 710 -18.55 -16.60 21.37
CA TYR C 710 -17.38 -15.76 21.19
C TYR C 710 -17.80 -14.33 20.88
N GLU C 711 -18.89 -14.20 20.12
CA GLU C 711 -19.43 -12.90 19.74
C GLU C 711 -20.04 -12.20 20.95
N ARG C 712 -20.75 -12.96 21.77
CA ARG C 712 -21.38 -12.42 22.98
C ARG C 712 -20.31 -11.99 23.97
N MET C 713 -19.12 -12.59 23.85
CA MET C 713 -18.03 -12.24 24.73
C MET C 713 -17.52 -10.85 24.36
N SER C 714 -17.60 -10.53 23.07
CA SER C 714 -17.17 -9.22 22.59
C SER C 714 -18.17 -8.19 23.09
N ASP C 715 -19.45 -8.57 23.08
CA ASP C 715 -20.51 -7.68 23.55
C ASP C 715 -20.25 -7.29 25.01
N VAL C 716 -19.88 -8.28 25.83
CA VAL C 716 -19.60 -8.04 27.24
C VAL C 716 -18.47 -7.04 27.38
N LEU C 717 -17.36 -7.31 26.70
CA LEU C 717 -16.21 -6.40 26.72
C LEU C 717 -16.68 -4.98 26.40
N LYS C 718 -17.47 -4.87 25.34
CA LYS C 718 -18.03 -3.61 24.88
C LYS C 718 -19.13 -3.07 25.80
N ALA C 719 -19.57 -3.90 26.74
CA ALA C 719 -20.62 -3.50 27.67
C ALA C 719 -20.05 -2.83 28.91
N ARG C 720 -18.90 -3.30 29.38
CA ARG C 720 -18.29 -2.71 30.57
C ARG C 720 -17.35 -1.55 30.22
N ALA C 721 -17.00 -1.44 28.96
CA ALA C 721 -16.14 -0.35 28.50
C ALA C 721 -17.08 0.86 28.45
N LYS C 722 -18.35 0.55 28.31
CA LYS C 722 -19.41 1.55 28.24
C LYS C 722 -19.92 1.81 29.66
N ASP C 723 -19.33 1.11 30.63
CA ASP C 723 -19.68 1.21 32.05
C ASP C 723 -18.90 0.15 32.83
N PRO C 724 -17.82 0.55 33.52
CA PRO C 724 -16.99 -0.37 34.30
C PRO C 724 -17.70 -1.16 35.41
N ASN C 725 -18.93 -0.75 35.72
CA ASN C 725 -19.68 -1.41 36.80
C ASN C 725 -20.86 -2.26 36.35
N ILE C 726 -21.11 -2.32 35.04
CA ILE C 726 -22.24 -3.10 34.55
C ILE C 726 -22.18 -4.54 35.06
N SER C 727 -23.33 -5.07 35.42
CA SER C 727 -23.45 -6.43 35.93
C SER C 727 -22.91 -7.45 34.92
N ALA C 728 -22.11 -8.40 35.41
CA ALA C 728 -21.56 -9.42 34.55
C ALA C 728 -22.69 -10.06 33.75
N ALA C 729 -23.79 -10.35 34.45
CA ALA C 729 -24.96 -10.95 33.84
C ALA C 729 -25.65 -9.98 32.88
N MET C 730 -25.77 -8.73 33.32
CA MET C 730 -26.41 -7.69 32.52
C MET C 730 -25.58 -7.34 31.28
N ALA C 731 -24.26 -7.51 31.38
CA ALA C 731 -23.37 -7.21 30.28
C ALA C 731 -23.44 -8.29 29.19
N MET C 732 -23.82 -9.51 29.59
CA MET C 732 -23.90 -10.62 28.66
C MET C 732 -25.31 -10.95 28.18
N PHE C 733 -26.32 -10.53 28.93
CA PHE C 733 -27.70 -10.80 28.52
C PHE C 733 -28.62 -9.59 28.65
N GLY C 734 -28.03 -8.41 28.82
CA GLY C 734 -28.83 -7.20 28.95
C GLY C 734 -29.79 -7.07 27.78
N LYS C 735 -29.38 -7.58 26.62
CA LYS C 735 -30.22 -7.52 25.44
C LYS C 735 -31.35 -8.54 25.52
N GLN C 736 -30.99 -9.81 25.43
CA GLN C 736 -31.97 -10.89 25.48
C GLN C 736 -32.95 -10.81 26.65
N ALA C 737 -32.48 -10.29 27.78
CA ALA C 737 -33.33 -10.18 28.97
C ALA C 737 -34.24 -8.95 28.95
N ALA C 738 -35.14 -8.90 29.93
CA ALA C 738 -36.09 -7.80 30.06
C ALA C 738 -35.90 -7.11 31.41
N SER C 739 -35.07 -7.71 32.25
CA SER C 739 -34.80 -7.17 33.59
C SER C 739 -33.41 -7.51 34.11
N GLU C 740 -33.24 -7.40 35.42
CA GLU C 740 -31.97 -7.69 36.08
C GLU C 740 -31.93 -9.15 36.51
N ALA C 741 -32.83 -9.52 37.40
CA ALA C 741 -32.90 -10.90 37.87
C ALA C 741 -33.14 -11.81 36.68
N HIS C 742 -33.64 -11.24 35.59
CA HIS C 742 -33.90 -12.01 34.38
C HIS C 742 -32.59 -12.29 33.66
N ALA C 743 -31.80 -11.25 33.44
CA ALA C 743 -30.51 -11.40 32.79
C ALA C 743 -29.62 -12.27 33.68
N GLU C 744 -30.10 -12.54 34.88
CA GLU C 744 -29.38 -13.37 35.84
C GLU C 744 -29.74 -14.83 35.61
N GLU C 745 -30.98 -15.06 35.19
CA GLU C 745 -31.45 -16.42 34.93
C GLU C 745 -30.72 -16.99 33.71
N LEU C 746 -30.43 -16.13 32.75
CA LEU C 746 -29.75 -16.55 31.53
C LEU C 746 -28.28 -16.83 31.83
N LEU C 747 -27.68 -15.98 32.67
CA LEU C 747 -26.29 -16.18 33.04
C LEU C 747 -26.16 -17.48 33.83
N ALA C 748 -27.22 -17.83 34.55
CA ALA C 748 -27.23 -19.06 35.34
C ALA C 748 -27.31 -20.29 34.44
N ARG C 749 -28.11 -20.18 33.38
CA ARG C 749 -28.25 -21.29 32.44
C ARG C 749 -26.93 -21.50 31.70
N PHE C 750 -26.32 -20.40 31.27
CA PHE C 750 -25.06 -20.48 30.54
C PHE C 750 -23.99 -21.25 31.28
N LEU C 751 -23.55 -20.71 32.41
CA LEU C 751 -22.50 -21.33 33.20
C LEU C 751 -22.84 -22.78 33.54
N LYS C 752 -24.10 -23.05 33.82
CA LYS C 752 -24.53 -24.40 34.15
C LYS C 752 -24.55 -25.30 32.90
N ASP C 753 -25.00 -24.76 31.77
CA ASP C 753 -25.04 -25.55 30.54
C ASP C 753 -23.61 -25.88 30.12
N MET C 754 -22.72 -24.89 30.15
CA MET C 754 -21.32 -25.14 29.77
C MET C 754 -20.73 -26.14 30.75
N GLU C 755 -21.36 -26.24 31.92
CA GLU C 755 -20.90 -27.14 32.96
C GLU C 755 -21.19 -28.61 32.63
N THR C 756 -22.48 -28.96 32.59
CA THR C 756 -22.91 -30.32 32.30
C THR C 756 -22.50 -30.79 30.92
N LEU C 757 -22.44 -29.86 29.98
CA LEU C 757 -22.08 -30.22 28.61
C LEU C 757 -20.60 -30.50 28.35
N THR C 758 -19.69 -29.92 29.12
CA THR C 758 -18.26 -30.21 28.91
C THR C 758 -17.67 -31.24 29.87
N SER C 759 -18.37 -31.50 30.98
CA SER C 759 -17.85 -32.47 31.94
C SER C 759 -18.49 -33.86 31.79
N THR C 760 -19.69 -33.91 31.22
CA THR C 760 -20.39 -35.17 31.01
C THR C 760 -20.82 -35.35 29.54
N VAL C 761 -20.60 -36.54 29.00
CA VAL C 761 -20.97 -36.82 27.61
C VAL C 761 -21.70 -38.14 27.43
N PRO C 762 -22.59 -38.21 26.43
CA PRO C 762 -23.33 -39.43 26.15
C PRO C 762 -22.50 -40.45 25.39
N VAL C 763 -22.60 -41.70 25.83
CA VAL C 763 -21.88 -42.80 25.21
C VAL C 763 -22.89 -43.89 24.87
N LYS C 764 -22.77 -44.46 23.68
CA LYS C 764 -23.69 -45.51 23.24
C LYS C 764 -23.10 -46.88 23.60
N ARG C 765 -23.69 -47.50 24.61
CA ARG C 765 -23.24 -48.81 25.06
C ARG C 765 -24.40 -49.81 24.97
N LYS C 766 -24.13 -50.93 24.34
CA LYS C 766 -25.14 -51.98 24.20
C LYS C 766 -26.39 -51.39 23.55
N GLY C 767 -26.19 -50.48 22.59
CA GLY C 767 -27.32 -49.87 21.92
C GLY C 767 -28.15 -48.96 22.80
N VAL C 768 -27.56 -48.51 23.91
CA VAL C 768 -28.26 -47.63 24.85
C VAL C 768 -27.37 -46.45 25.28
N LEU C 769 -27.98 -45.31 25.60
CA LEU C 769 -27.23 -44.14 26.02
C LEU C 769 -26.89 -44.14 27.51
N GLU C 770 -25.67 -43.75 27.84
CA GLU C 770 -25.19 -43.70 29.21
C GLU C 770 -24.29 -42.48 29.40
N LEU C 771 -24.48 -41.77 30.50
CA LEU C 771 -23.66 -40.59 30.75
C LEU C 771 -22.32 -40.99 31.34
N GLN C 772 -21.27 -40.30 30.91
CA GLN C 772 -19.91 -40.59 31.36
C GLN C 772 -19.18 -39.27 31.61
N SER C 773 -18.47 -39.17 32.74
CA SER C 773 -17.73 -37.95 33.05
C SER C 773 -16.50 -37.86 32.15
N THR C 774 -16.07 -36.64 31.86
CA THR C 774 -14.89 -36.42 31.01
C THR C 774 -13.68 -36.03 31.85
N GLY C 775 -13.94 -35.59 33.08
CA GLY C 775 -12.87 -35.17 33.95
C GLY C 775 -12.10 -34.05 33.27
N THR C 776 -12.79 -33.27 32.45
CA THR C 776 -12.19 -32.16 31.74
C THR C 776 -13.24 -31.10 31.53
N GLY C 777 -14.17 -31.03 32.49
CA GLY C 777 -15.24 -30.05 32.40
C GLY C 777 -14.74 -28.64 32.46
N ALA C 778 -15.61 -27.69 32.11
CA ALA C 778 -15.26 -26.27 32.13
C ALA C 778 -15.44 -25.71 33.54
N LYS C 779 -14.37 -25.11 34.07
CA LYS C 779 -14.40 -24.53 35.40
C LYS C 779 -13.35 -23.43 35.53
N GLY C 780 -13.77 -22.30 36.10
CA GLY C 780 -12.86 -21.18 36.26
C GLY C 780 -13.53 -19.86 35.95
N LYS C 781 -12.89 -18.77 36.36
CA LYS C 781 -13.42 -17.43 36.12
C LYS C 781 -13.34 -17.09 34.63
N ILE C 782 -14.49 -16.78 34.03
CA ILE C 782 -14.54 -16.45 32.61
C ILE C 782 -13.89 -15.11 32.24
N ASN C 783 -12.97 -15.14 31.29
CA ASN C 783 -12.30 -13.94 30.80
C ASN C 783 -12.79 -13.69 29.38
N PRO C 784 -13.72 -12.75 29.22
CA PRO C 784 -14.32 -12.36 27.93
C PRO C 784 -13.41 -12.09 26.73
N LYS C 785 -12.11 -11.96 26.96
CA LYS C 785 -11.19 -11.70 25.85
C LYS C 785 -10.33 -12.89 25.46
N THR C 786 -9.91 -13.67 26.45
CA THR C 786 -9.09 -14.83 26.19
C THR C 786 -9.95 -16.08 26.01
N TYR C 787 -11.19 -16.02 26.52
CA TYR C 787 -12.12 -17.13 26.45
C TYR C 787 -11.95 -17.99 25.20
N THR C 788 -12.07 -19.30 25.37
CA THR C 788 -11.92 -20.23 24.28
C THR C 788 -12.37 -21.62 24.68
N ILE C 789 -13.21 -22.23 23.86
CA ILE C 789 -13.68 -23.57 24.12
C ILE C 789 -12.68 -24.47 23.40
N LYS C 790 -11.78 -25.08 24.19
CA LYS C 790 -10.73 -25.95 23.66
C LYS C 790 -11.17 -27.28 23.07
N GLY C 791 -10.19 -28.10 22.71
CA GLY C 791 -10.45 -29.40 22.12
C GLY C 791 -11.30 -30.38 22.92
N GLU C 792 -10.80 -30.76 24.10
CA GLU C 792 -11.52 -31.70 24.95
C GLU C 792 -12.92 -31.22 25.32
N GLN C 793 -13.11 -29.90 25.30
CA GLN C 793 -14.40 -29.31 25.60
C GLN C 793 -15.24 -29.23 24.33
N LEU C 794 -14.58 -29.08 23.18
CA LEU C 794 -15.31 -29.02 21.92
C LEU C 794 -15.81 -30.41 21.60
N LYS C 795 -15.00 -31.42 21.92
CA LYS C 795 -15.36 -32.82 21.68
C LYS C 795 -16.58 -33.18 22.53
N ALA C 796 -16.60 -32.68 23.77
CA ALA C 796 -17.71 -32.95 24.67
C ALA C 796 -19.00 -32.37 24.10
N LEU C 797 -18.97 -31.10 23.71
CA LEU C 797 -20.14 -30.47 23.13
C LEU C 797 -20.57 -31.27 21.90
N GLN C 798 -19.57 -31.76 21.18
CA GLN C 798 -19.78 -32.55 19.99
C GLN C 798 -20.60 -33.81 20.27
N GLU C 799 -20.20 -34.57 21.29
CA GLU C 799 -20.91 -35.80 21.64
C GLU C 799 -22.34 -35.54 22.13
N ASN C 800 -22.52 -34.50 22.95
CA ASN C 800 -23.86 -34.18 23.44
C ASN C 800 -24.75 -33.80 22.27
N MET C 801 -24.21 -32.97 21.39
CA MET C 801 -24.93 -32.50 20.21
C MET C 801 -25.28 -33.64 19.29
N LEU C 802 -24.35 -34.58 19.16
CA LEU C 802 -24.52 -35.74 18.31
C LEU C 802 -25.69 -36.61 18.74
N HIS C 803 -25.66 -37.11 19.97
CA HIS C 803 -26.70 -38.01 20.48
C HIS C 803 -28.01 -37.41 20.97
N PHE C 804 -28.04 -36.11 21.23
CA PHE C 804 -29.28 -35.52 21.72
C PHE C 804 -29.95 -34.60 20.70
N PHE C 805 -29.31 -34.39 19.55
CA PHE C 805 -29.90 -33.53 18.54
C PHE C 805 -29.77 -34.09 17.11
N VAL C 806 -28.53 -34.23 16.66
CA VAL C 806 -28.27 -34.75 15.33
C VAL C 806 -28.91 -36.12 15.08
N GLU C 807 -28.74 -37.04 16.02
CA GLU C 807 -29.33 -38.38 15.86
C GLU C 807 -30.83 -38.26 15.56
N PRO C 808 -31.60 -37.61 16.46
CA PRO C 808 -33.03 -37.50 16.15
C PRO C 808 -33.29 -36.71 14.85
N LEU C 809 -32.40 -35.77 14.55
CA LEU C 809 -32.53 -34.97 13.32
C LEU C 809 -32.35 -35.86 12.11
N ARG C 810 -31.35 -36.75 12.16
CA ARG C 810 -31.08 -37.66 11.05
C ARG C 810 -32.26 -38.59 10.80
N ASN C 811 -32.93 -39.04 11.87
CA ASN C 811 -34.11 -39.90 11.72
C ASN C 811 -35.23 -39.07 11.08
N GLY C 812 -35.32 -37.81 11.51
CA GLY C 812 -36.34 -36.92 10.96
C GLY C 812 -36.15 -36.71 9.47
N ILE C 813 -34.91 -36.47 9.06
CA ILE C 813 -34.57 -36.27 7.66
C ILE C 813 -34.97 -37.51 6.85
N THR C 814 -34.50 -38.66 7.31
CA THR C 814 -34.81 -39.92 6.65
C THR C 814 -36.32 -40.09 6.50
N GLN C 815 -37.05 -39.77 7.57
CA GLN C 815 -38.51 -39.90 7.56
C GLN C 815 -39.13 -38.92 6.55
N THR C 816 -38.41 -37.83 6.27
CA THR C 816 -38.90 -36.82 5.34
C THR C 816 -38.57 -37.09 3.86
N VAL C 817 -37.32 -37.40 3.54
CA VAL C 817 -36.94 -37.67 2.15
C VAL C 817 -37.35 -39.08 1.72
N GLY C 818 -37.52 -39.97 2.69
CA GLY C 818 -37.93 -41.33 2.37
C GLY C 818 -36.85 -42.41 2.50
N GLU C 819 -37.20 -43.51 3.15
CA GLU C 819 -36.27 -44.61 3.33
C GLU C 819 -35.85 -45.12 1.97
N SER C 820 -36.78 -45.18 1.03
CA SER C 820 -36.47 -45.67 -0.31
C SER C 820 -35.28 -44.92 -0.89
N LEU C 821 -35.28 -43.60 -0.76
CA LEU C 821 -34.18 -42.80 -1.27
C LEU C 821 -32.87 -43.11 -0.53
N VAL C 822 -32.95 -43.33 0.78
CA VAL C 822 -31.76 -43.63 1.55
C VAL C 822 -31.17 -44.96 1.09
N TYR C 823 -32.04 -45.92 0.79
CA TYR C 823 -31.58 -47.22 0.32
C TYR C 823 -30.83 -47.05 -1.02
N SER C 824 -31.39 -46.24 -1.91
CA SER C 824 -30.75 -46.00 -3.20
C SER C 824 -29.36 -45.41 -3.03
N THR C 825 -29.24 -44.39 -2.18
CA THR C 825 -27.95 -43.76 -1.97
C THR C 825 -26.94 -44.71 -1.32
N GLU C 826 -27.42 -45.63 -0.50
CA GLU C 826 -26.55 -46.62 0.13
C GLU C 826 -25.99 -47.54 -0.97
N GLN C 827 -26.90 -48.12 -1.76
CA GLN C 827 -26.49 -49.01 -2.85
C GLN C 827 -25.56 -48.29 -3.83
N LEU C 828 -25.83 -47.00 -4.06
CA LEU C 828 -25.01 -46.21 -4.97
C LEU C 828 -23.61 -46.03 -4.38
N GLN C 829 -23.56 -45.67 -3.11
CA GLN C 829 -22.29 -45.45 -2.45
C GLN C 829 -21.46 -46.73 -2.52
N LYS C 830 -22.06 -47.82 -2.03
CA LYS C 830 -21.42 -49.13 -2.00
C LYS C 830 -20.87 -49.52 -3.37
N ALA C 831 -21.71 -49.43 -4.39
CA ALA C 831 -21.34 -49.79 -5.76
C ALA C 831 -20.16 -48.98 -6.27
N THR C 832 -20.25 -47.66 -6.18
CA THR C 832 -19.19 -46.76 -6.63
C THR C 832 -17.93 -46.91 -5.79
N GLN C 833 -18.09 -47.21 -4.51
CA GLN C 833 -16.93 -47.39 -3.64
C GLN C 833 -16.15 -48.63 -4.06
N ILE C 834 -16.83 -49.78 -4.03
CA ILE C 834 -16.23 -51.05 -4.40
C ILE C 834 -15.46 -50.91 -5.70
N GLN C 835 -16.09 -50.27 -6.68
CA GLN C 835 -15.48 -50.08 -7.99
C GLN C 835 -14.23 -49.21 -7.91
N SER C 836 -14.29 -48.14 -7.11
CA SER C 836 -13.15 -47.24 -6.98
C SER C 836 -11.96 -47.95 -6.35
N VAL C 837 -12.26 -48.88 -5.43
CA VAL C 837 -11.24 -49.65 -4.74
C VAL C 837 -10.43 -50.51 -5.72
N VAL C 838 -11.12 -51.32 -6.52
CA VAL C 838 -10.44 -52.17 -7.50
C VAL C 838 -9.59 -51.33 -8.43
N LEU C 839 -10.20 -50.36 -9.09
CA LEU C 839 -9.47 -49.47 -10.00
C LEU C 839 -8.20 -48.96 -9.34
N GLU C 840 -8.32 -48.54 -8.09
CA GLU C 840 -7.20 -48.01 -7.33
C GLU C 840 -6.13 -49.06 -7.12
N ASP C 841 -6.53 -50.18 -6.53
CA ASP C 841 -5.59 -51.26 -6.25
C ASP C 841 -4.94 -51.83 -7.50
N MET C 842 -5.70 -51.89 -8.59
CA MET C 842 -5.18 -52.42 -9.85
C MET C 842 -4.19 -51.49 -10.51
N PHE C 843 -4.52 -50.20 -10.52
CA PHE C 843 -3.64 -49.20 -11.12
C PHE C 843 -2.33 -49.21 -10.33
N LYS C 844 -2.43 -49.16 -9.00
CA LYS C 844 -1.23 -49.19 -8.17
C LYS C 844 -0.38 -50.42 -8.46
N GLN C 845 -1.01 -51.60 -8.48
CA GLN C 845 -0.28 -52.84 -8.75
C GLN C 845 0.41 -52.84 -10.10
N ARG C 846 -0.30 -52.43 -11.14
CA ARG C 846 0.28 -52.42 -12.48
C ARG C 846 1.37 -51.37 -12.63
N VAL C 847 1.43 -50.46 -11.67
CA VAL C 847 2.48 -49.45 -11.67
C VAL C 847 3.69 -50.15 -11.05
N GLN C 848 3.44 -51.02 -10.08
CA GLN C 848 4.50 -51.77 -9.41
C GLN C 848 5.13 -52.81 -10.34
N GLU C 849 4.33 -53.37 -11.23
CA GLU C 849 4.81 -54.37 -12.18
C GLU C 849 5.74 -53.75 -13.22
N LYS C 850 5.35 -52.59 -13.74
CA LYS C 850 6.17 -51.91 -14.75
C LYS C 850 7.46 -51.40 -14.13
N LEU C 851 7.37 -50.82 -12.93
CA LEU C 851 8.56 -50.34 -12.25
C LEU C 851 9.48 -51.52 -12.01
N ALA C 852 8.88 -52.71 -11.86
CA ALA C 852 9.67 -53.92 -11.64
C ALA C 852 10.48 -54.24 -12.89
N GLU C 853 9.95 -53.91 -14.06
CA GLU C 853 10.67 -54.15 -15.30
C GLU C 853 11.75 -53.09 -15.49
N LYS C 854 11.34 -51.83 -15.40
CA LYS C 854 12.24 -50.69 -15.56
C LYS C 854 13.51 -50.88 -14.73
N ALA C 855 13.36 -51.48 -13.55
CA ALA C 855 14.49 -51.72 -12.66
C ALA C 855 15.51 -52.67 -13.27
N LYS C 856 15.12 -53.32 -14.37
CA LYS C 856 16.00 -54.25 -15.07
C LYS C 856 16.61 -53.57 -16.29
N ASP C 857 16.29 -52.29 -16.47
CA ASP C 857 16.81 -51.53 -17.58
C ASP C 857 17.98 -50.69 -17.10
N PRO C 858 19.12 -50.76 -17.81
CA PRO C 858 20.31 -49.99 -17.43
C PRO C 858 20.21 -48.47 -17.63
N THR C 859 19.32 -48.03 -18.51
CA THR C 859 19.17 -46.60 -18.75
C THR C 859 18.23 -45.94 -17.73
N TRP C 860 17.41 -46.77 -17.08
CA TRP C 860 16.45 -46.30 -16.09
C TRP C 860 17.10 -46.21 -14.72
N LYS C 861 16.54 -45.36 -13.87
CA LYS C 861 17.04 -45.17 -12.52
C LYS C 861 15.88 -45.05 -11.54
N LYS C 862 16.09 -45.57 -10.34
CA LYS C 862 15.10 -45.56 -9.27
C LYS C 862 14.30 -44.25 -9.17
N GLY C 863 14.94 -43.12 -9.44
CA GLY C 863 14.23 -41.86 -9.34
C GLY C 863 13.24 -41.55 -10.46
N ASP C 864 13.53 -42.00 -11.67
CA ASP C 864 12.63 -41.76 -12.79
C ASP C 864 11.37 -42.55 -12.49
N PHE C 865 10.25 -42.15 -13.08
CA PHE C 865 9.02 -42.89 -12.85
C PHE C 865 8.71 -43.63 -14.15
N LEU C 866 7.46 -43.61 -14.58
CA LEU C 866 7.08 -44.27 -15.82
C LEU C 866 6.90 -43.16 -16.84
N THR C 867 6.72 -43.53 -18.11
CA THR C 867 6.52 -42.50 -19.13
C THR C 867 5.03 -42.23 -19.20
N GLN C 868 4.63 -41.19 -19.93
CA GLN C 868 3.22 -40.90 -20.04
C GLN C 868 2.54 -42.02 -20.81
N LYS C 869 3.29 -42.63 -21.72
CA LYS C 869 2.80 -43.72 -22.55
C LYS C 869 2.50 -44.93 -21.68
N GLU C 870 3.42 -45.26 -20.78
CA GLU C 870 3.25 -46.39 -19.89
C GLU C 870 2.08 -46.18 -18.92
N LEU C 871 1.80 -44.92 -18.59
CA LEU C 871 0.70 -44.61 -17.68
C LEU C 871 -0.60 -44.65 -18.48
N ASN C 872 -0.57 -44.18 -19.72
CA ASN C 872 -1.75 -44.21 -20.58
C ASN C 872 -2.13 -45.66 -20.90
N ASP C 873 -1.15 -46.55 -20.91
CA ASP C 873 -1.41 -47.96 -21.18
C ASP C 873 -2.05 -48.63 -19.97
N ILE C 874 -1.54 -48.29 -18.78
CA ILE C 874 -2.05 -48.84 -17.54
C ILE C 874 -3.50 -48.39 -17.33
N GLN C 875 -3.79 -47.14 -17.72
CA GLN C 875 -5.13 -46.61 -17.59
C GLN C 875 -6.04 -47.38 -18.55
N ALA C 876 -5.56 -47.56 -19.77
CA ALA C 876 -6.30 -48.29 -20.79
C ALA C 876 -6.59 -49.72 -20.31
N SER C 877 -5.66 -50.32 -19.58
CA SER C 877 -5.86 -51.69 -19.10
C SER C 877 -6.98 -51.78 -18.07
N LEU C 878 -7.59 -50.64 -17.76
CA LEU C 878 -8.68 -50.59 -16.80
C LEU C 878 -10.04 -50.32 -17.43
N ASN C 879 -10.07 -49.99 -18.72
CA ASN C 879 -11.33 -49.70 -19.39
C ASN C 879 -12.41 -50.75 -19.10
N ASN C 880 -12.06 -52.04 -19.20
CA ASN C 880 -13.04 -53.10 -18.98
C ASN C 880 -13.66 -53.14 -17.58
N LEU C 881 -13.19 -52.24 -16.71
CA LEU C 881 -13.71 -52.15 -15.37
C LEU C 881 -14.65 -50.94 -15.33
N ALA C 882 -14.87 -50.37 -16.51
CA ALA C 882 -15.74 -49.23 -16.70
C ALA C 882 -15.57 -48.13 -15.67
N PRO C 883 -14.40 -47.48 -15.65
CA PRO C 883 -14.21 -46.39 -14.68
C PRO C 883 -15.14 -45.20 -14.91
N MET C 884 -15.71 -45.10 -16.12
CA MET C 884 -16.60 -43.99 -16.46
C MET C 884 -18.08 -44.32 -16.35
N ILE C 885 -18.88 -43.32 -16.00
CA ILE C 885 -20.32 -43.48 -15.89
C ILE C 885 -20.89 -42.54 -16.96
N GLU C 886 -21.73 -43.07 -17.85
CA GLU C 886 -22.31 -42.24 -18.91
C GLU C 886 -23.81 -42.12 -18.74
N THR C 887 -24.35 -40.97 -19.13
CA THR C 887 -25.79 -40.73 -19.04
C THR C 887 -26.32 -40.54 -20.45
N GLY C 888 -25.40 -40.18 -21.35
CA GLY C 888 -25.77 -39.93 -22.73
C GLY C 888 -25.52 -38.47 -23.07
N SER C 889 -25.37 -37.66 -22.03
CA SER C 889 -25.13 -36.24 -22.20
C SER C 889 -24.09 -35.74 -21.20
N GLN C 890 -23.75 -36.59 -20.23
CA GLN C 890 -22.75 -36.24 -19.23
C GLN C 890 -21.87 -37.45 -18.97
N THR C 891 -20.61 -37.18 -18.61
CA THR C 891 -19.67 -38.24 -18.28
C THR C 891 -19.08 -38.00 -16.88
N PHE C 892 -19.05 -39.05 -16.07
CA PHE C 892 -18.52 -38.97 -14.72
C PHE C 892 -17.43 -40.02 -14.45
N TYR C 893 -16.42 -39.59 -13.72
CA TYR C 893 -15.30 -40.44 -13.36
C TYR C 893 -15.11 -40.18 -11.88
N ILE C 894 -15.84 -40.93 -11.07
CA ILE C 894 -15.80 -40.78 -9.62
C ILE C 894 -14.44 -41.03 -8.96
N ALA C 895 -13.72 -42.03 -9.44
CA ALA C 895 -12.42 -42.36 -8.85
C ALA C 895 -11.30 -41.39 -9.23
N GLY C 896 -11.47 -40.67 -10.32
CA GLY C 896 -10.44 -39.75 -10.77
C GLY C 896 -9.86 -38.86 -9.69
N SER C 897 -8.54 -38.70 -9.70
CA SER C 897 -7.86 -37.85 -8.73
C SER C 897 -6.35 -37.71 -8.99
N GLU C 898 -5.72 -36.89 -8.16
CA GLU C 898 -4.29 -36.66 -8.23
C GLU C 898 -3.69 -36.92 -6.87
N ASN C 899 -3.22 -38.14 -6.65
CA ASN C 899 -2.62 -38.49 -5.37
C ASN C 899 -1.11 -38.62 -5.47
N ALA C 900 -0.45 -38.55 -4.32
CA ALA C 900 1.00 -38.69 -4.24
C ALA C 900 1.27 -40.13 -3.83
N GLU C 901 0.21 -40.88 -3.53
CA GLU C 901 0.34 -42.26 -3.10
C GLU C 901 0.89 -43.23 -4.15
N VAL C 902 0.52 -43.03 -5.41
CA VAL C 902 0.97 -43.93 -6.48
C VAL C 902 2.48 -43.88 -6.70
N ALA C 903 3.04 -42.67 -6.79
CA ALA C 903 4.47 -42.52 -6.99
C ALA C 903 5.23 -42.74 -5.69
N ASN C 904 4.69 -42.19 -4.61
CA ASN C 904 5.32 -42.33 -3.29
C ASN C 904 6.79 -41.92 -3.35
N GLN C 905 7.05 -40.69 -3.80
CA GLN C 905 8.42 -40.18 -3.89
C GLN C 905 8.47 -38.71 -4.24
N VAL C 906 9.58 -38.07 -3.88
CA VAL C 906 9.79 -36.66 -4.15
C VAL C 906 9.99 -36.48 -5.64
N LEU C 907 9.45 -35.39 -6.20
CA LEU C 907 9.60 -35.13 -7.63
C LEU C 907 10.81 -34.21 -7.83
N ALA C 908 11.00 -33.27 -6.91
CA ALA C 908 12.10 -32.33 -6.95
C ALA C 908 12.10 -31.48 -5.69
N THR C 909 13.25 -30.86 -5.40
CA THR C 909 13.42 -29.99 -4.25
C THR C 909 14.14 -28.76 -4.82
N ASN C 910 14.30 -27.72 -4.01
CA ASN C 910 15.04 -26.56 -4.50
C ASN C 910 16.53 -26.83 -4.27
N LEU C 911 17.37 -25.91 -4.71
CA LEU C 911 18.81 -26.10 -4.59
C LEU C 911 19.36 -26.10 -3.16
N ASP C 912 18.48 -25.99 -2.17
CA ASP C 912 18.88 -25.98 -0.75
C ASP C 912 18.43 -27.25 -0.08
N ASP C 913 17.96 -28.19 -0.88
CA ASP C 913 17.46 -29.47 -0.38
C ASP C 913 16.15 -29.33 0.41
N ARG C 914 15.39 -28.27 0.13
CA ARG C 914 14.12 -28.04 0.81
C ARG C 914 13.02 -27.90 -0.25
N MET C 915 11.82 -27.53 0.16
CA MET C 915 10.73 -27.40 -0.80
C MET C 915 10.66 -28.69 -1.61
N ARG C 916 10.58 -29.81 -0.89
CA ARG C 916 10.53 -31.12 -1.52
C ARG C 916 9.10 -31.44 -1.94
N VAL C 917 8.83 -31.25 -3.23
CA VAL C 917 7.51 -31.47 -3.81
C VAL C 917 7.24 -32.92 -4.16
N PRO C 918 6.20 -33.50 -3.54
CA PRO C 918 5.85 -34.89 -3.80
C PRO C 918 5.40 -35.07 -5.25
N MET C 919 5.58 -36.26 -5.79
CA MET C 919 5.20 -36.55 -7.17
C MET C 919 3.73 -36.99 -7.26
N SER C 920 2.90 -36.16 -7.87
CA SER C 920 1.48 -36.48 -8.03
C SER C 920 1.22 -37.04 -9.41
N ILE C 921 0.42 -38.09 -9.47
CA ILE C 921 0.07 -38.72 -10.74
C ILE C 921 -1.45 -38.86 -10.86
N TYR C 922 -1.99 -38.59 -12.05
CA TYR C 922 -3.43 -38.73 -12.26
C TYR C 922 -3.74 -40.22 -12.16
N ALA C 923 -4.40 -40.62 -11.08
CA ALA C 923 -4.72 -42.02 -10.90
C ALA C 923 -6.02 -42.17 -10.14
N PRO C 924 -6.74 -43.28 -10.36
CA PRO C 924 -8.00 -43.48 -9.65
C PRO C 924 -7.75 -43.68 -8.16
N ALA C 925 -8.69 -43.22 -7.35
CA ALA C 925 -8.56 -43.35 -5.91
C ALA C 925 -9.89 -43.81 -5.33
N GLN C 926 -9.88 -44.18 -4.06
CA GLN C 926 -11.07 -44.63 -3.36
C GLN C 926 -12.09 -43.49 -3.37
N ALA C 927 -13.36 -43.83 -3.63
CA ALA C 927 -14.42 -42.83 -3.72
C ALA C 927 -15.05 -42.41 -2.41
N GLY C 928 -15.07 -43.29 -1.42
CA GLY C 928 -15.72 -42.92 -0.17
C GLY C 928 -17.18 -42.75 -0.54
N VAL C 929 -17.83 -41.71 -0.03
CA VAL C 929 -19.24 -41.43 -0.31
C VAL C 929 -19.39 -40.53 -1.53
N ALA C 930 -18.27 -40.14 -2.13
CA ALA C 930 -18.29 -39.24 -3.29
C ALA C 930 -19.28 -39.64 -4.39
N GLY C 931 -19.60 -40.93 -4.49
CA GLY C 931 -20.53 -41.36 -5.51
C GLY C 931 -21.88 -40.64 -5.43
N ILE C 932 -22.31 -40.33 -4.21
CA ILE C 932 -23.60 -39.69 -3.99
C ILE C 932 -23.66 -38.26 -4.52
N PRO C 933 -22.72 -37.39 -4.11
CA PRO C 933 -22.70 -36.00 -4.56
C PRO C 933 -22.49 -35.91 -6.06
N PHE C 934 -21.62 -36.77 -6.57
CA PHE C 934 -21.33 -36.76 -8.00
C PHE C 934 -22.58 -36.96 -8.85
N MET C 935 -23.36 -37.97 -8.50
CA MET C 935 -24.56 -38.30 -9.27
C MET C 935 -25.79 -37.43 -8.96
N THR C 936 -26.02 -37.11 -7.69
CA THR C 936 -27.16 -36.27 -7.35
C THR C 936 -26.99 -34.87 -7.93
N ILE C 937 -25.81 -34.30 -7.75
CA ILE C 937 -25.51 -32.98 -8.27
C ILE C 937 -25.40 -33.05 -9.79
N GLY C 938 -24.67 -34.04 -10.26
CA GLY C 938 -24.48 -34.21 -11.69
C GLY C 938 -25.77 -34.37 -12.46
N THR C 939 -26.60 -35.36 -12.14
CA THR C 939 -27.84 -35.56 -12.88
C THR C 939 -28.99 -34.70 -12.38
N GLY C 940 -28.76 -33.99 -11.28
CA GLY C 940 -29.78 -33.12 -10.75
C GLY C 940 -29.62 -31.73 -11.32
N ASP C 941 -29.10 -30.80 -10.53
CA ASP C 941 -28.93 -29.42 -10.98
C ASP C 941 -27.91 -29.27 -12.11
N GLY C 942 -26.93 -30.18 -12.15
CA GLY C 942 -25.94 -30.13 -13.21
C GLY C 942 -26.60 -30.34 -14.56
N MET C 943 -27.36 -31.42 -14.70
CA MET C 943 -28.06 -31.74 -15.96
C MET C 943 -29.11 -30.69 -16.32
N MET C 944 -29.77 -30.14 -15.31
CA MET C 944 -30.81 -29.14 -15.50
C MET C 944 -30.31 -27.87 -16.16
N MET C 945 -29.24 -27.29 -15.61
CA MET C 945 -28.65 -26.07 -16.14
C MET C 945 -28.07 -26.30 -17.52
N GLN C 946 -27.51 -27.48 -17.73
CA GLN C 946 -26.93 -27.84 -19.01
C GLN C 946 -28.07 -27.80 -20.01
N THR C 947 -29.16 -28.44 -19.63
CA THR C 947 -30.36 -28.52 -20.45
C THR C 947 -30.92 -27.12 -20.72
N LEU C 948 -31.07 -26.34 -19.65
CA LEU C 948 -31.59 -24.98 -19.73
C LEU C 948 -30.82 -24.10 -20.70
N SER C 949 -29.51 -24.29 -20.83
CA SER C 949 -28.78 -23.45 -21.77
C SER C 949 -28.66 -23.99 -23.18
N THR C 950 -29.19 -25.17 -23.43
CA THR C 950 -29.09 -25.75 -24.78
C THR C 950 -30.42 -26.17 -25.37
N MET C 951 -31.46 -26.19 -24.54
CA MET C 951 -32.79 -26.56 -24.96
C MET C 951 -33.32 -25.60 -26.02
N LYS C 952 -34.34 -26.02 -26.73
CA LYS C 952 -34.96 -25.21 -27.76
C LYS C 952 -35.49 -23.95 -27.08
N GLY C 953 -35.10 -22.79 -27.58
CA GLY C 953 -35.57 -21.54 -27.01
C GLY C 953 -34.92 -21.16 -25.69
N ALA C 954 -33.71 -21.68 -25.46
CA ALA C 954 -32.93 -21.42 -24.25
C ALA C 954 -32.92 -19.95 -23.83
N PRO C 955 -33.23 -19.66 -22.55
CA PRO C 955 -33.22 -18.26 -22.09
C PRO C 955 -31.87 -17.59 -22.36
N LYS C 956 -31.92 -16.37 -22.87
CA LYS C 956 -30.71 -15.61 -23.16
C LYS C 956 -30.47 -14.58 -22.07
N ASN C 957 -29.21 -14.15 -21.99
CA ASN C 957 -28.82 -13.13 -21.03
C ASN C 957 -29.19 -13.41 -19.58
N THR C 958 -28.71 -14.52 -19.06
CA THR C 958 -28.98 -14.87 -17.67
C THR C 958 -27.67 -15.19 -16.99
N LEU C 959 -27.74 -15.39 -15.67
CA LEU C 959 -26.59 -15.78 -14.88
C LEU C 959 -27.08 -17.02 -14.16
N LYS C 960 -26.43 -18.16 -14.41
CA LYS C 960 -26.81 -19.41 -13.77
C LYS C 960 -25.84 -19.71 -12.64
N ILE C 961 -26.40 -20.00 -11.47
CA ILE C 961 -25.60 -20.32 -10.31
C ILE C 961 -26.00 -21.68 -9.74
N PHE C 962 -25.88 -22.71 -10.58
CA PHE C 962 -26.16 -24.09 -10.20
C PHE C 962 -27.60 -24.48 -9.84
N ASP C 963 -28.17 -23.86 -8.82
CA ASP C 963 -29.52 -24.20 -8.41
C ASP C 963 -30.45 -22.99 -8.44
N GLY C 964 -30.12 -22.04 -9.31
CA GLY C 964 -30.92 -20.84 -9.44
C GLY C 964 -30.40 -20.07 -10.65
N MET C 965 -31.27 -19.27 -11.26
CA MET C 965 -30.89 -18.48 -12.42
C MET C 965 -31.42 -17.06 -12.33
N ASN C 966 -30.57 -16.10 -12.63
CA ASN C 966 -30.96 -14.69 -12.59
C ASN C 966 -31.51 -14.33 -13.96
N ILE C 967 -32.66 -13.68 -13.99
CA ILE C 967 -33.31 -13.30 -15.23
C ILE C 967 -33.64 -11.81 -15.29
N GLY C 968 -33.44 -11.19 -16.45
CA GLY C 968 -33.77 -9.79 -16.63
C GLY C 968 -35.27 -9.62 -16.50
N LEU C 969 -35.70 -8.51 -15.92
CA LEU C 969 -37.12 -8.25 -15.68
C LEU C 969 -38.05 -8.45 -16.88
N ASN C 970 -37.48 -8.33 -18.08
CA ASN C 970 -38.24 -8.48 -19.30
C ASN C 970 -38.64 -9.91 -19.67
N ASP C 971 -37.91 -10.91 -19.20
CA ASP C 971 -38.19 -12.30 -19.58
C ASP C 971 -38.40 -13.29 -18.43
N ILE C 972 -38.70 -12.78 -17.24
CA ILE C 972 -38.87 -13.63 -16.07
C ILE C 972 -39.94 -14.72 -16.20
N THR C 973 -40.94 -14.49 -17.04
CA THR C 973 -42.01 -15.46 -17.22
C THR C 973 -41.56 -16.64 -18.06
N ASP C 974 -41.14 -16.37 -19.29
CA ASP C 974 -40.71 -17.45 -20.16
C ASP C 974 -39.44 -18.14 -19.71
N ALA C 975 -38.48 -17.38 -19.19
CA ALA C 975 -37.26 -17.98 -18.72
C ALA C 975 -37.54 -18.93 -17.53
N SER C 976 -38.41 -18.48 -16.60
CA SER C 976 -38.75 -19.32 -15.44
C SER C 976 -39.45 -20.59 -15.89
N ARG C 977 -40.31 -20.48 -16.90
CA ARG C 977 -41.01 -21.67 -17.40
C ARG C 977 -40.04 -22.66 -18.03
N LYS C 978 -39.07 -22.14 -18.77
CA LYS C 978 -38.06 -22.99 -19.42
C LYS C 978 -37.22 -23.68 -18.33
N ALA C 979 -36.95 -22.95 -17.24
CA ALA C 979 -36.18 -23.48 -16.13
C ALA C 979 -36.91 -24.67 -15.55
N ASN C 980 -38.23 -24.50 -15.33
CA ASN C 980 -39.03 -25.59 -14.78
C ASN C 980 -39.13 -26.74 -15.78
N GLU C 981 -39.10 -26.42 -17.08
CA GLU C 981 -39.16 -27.48 -18.07
C GLU C 981 -37.84 -28.25 -17.99
N ALA C 982 -36.74 -27.49 -17.91
CA ALA C 982 -35.41 -28.11 -17.81
C ALA C 982 -35.37 -29.00 -16.58
N VAL C 983 -36.02 -28.55 -15.51
CA VAL C 983 -36.06 -29.35 -14.29
C VAL C 983 -36.78 -30.64 -14.61
N TYR C 984 -37.83 -30.54 -15.41
CA TYR C 984 -38.61 -31.72 -15.78
C TYR C 984 -37.83 -32.72 -16.63
N THR C 985 -37.05 -32.24 -17.58
CA THR C 985 -36.32 -33.17 -18.42
C THR C 985 -35.16 -33.80 -17.64
N SER C 986 -34.65 -33.09 -16.64
CA SER C 986 -33.56 -33.63 -15.84
C SER C 986 -34.14 -34.70 -14.91
N TRP C 987 -35.43 -34.61 -14.63
CA TRP C 987 -36.10 -35.58 -13.77
C TRP C 987 -36.38 -36.87 -14.52
N GLN C 988 -36.08 -36.88 -15.82
CA GLN C 988 -36.28 -38.08 -16.64
C GLN C 988 -35.00 -38.88 -16.54
N GLY C 989 -34.03 -38.34 -15.79
CA GLY C 989 -32.77 -39.02 -15.61
C GLY C 989 -32.93 -40.26 -14.75
N ASN C 990 -31.87 -41.05 -14.65
CA ASN C 990 -31.91 -42.27 -13.85
C ASN C 990 -30.46 -42.54 -13.49
N PRO C 991 -29.92 -41.78 -12.54
CA PRO C 991 -28.53 -41.99 -12.15
C PRO C 991 -28.19 -43.42 -11.73
N ILE C 992 -29.09 -44.07 -11.00
CA ILE C 992 -28.82 -45.44 -10.55
C ILE C 992 -28.64 -46.33 -11.78
N LYS C 993 -29.50 -46.16 -12.77
CA LYS C 993 -29.40 -46.94 -13.98
C LYS C 993 -28.01 -46.77 -14.58
N ASN C 994 -27.54 -45.53 -14.69
CA ASN C 994 -26.22 -45.25 -15.27
C ASN C 994 -25.13 -45.96 -14.47
N VAL C 995 -25.24 -45.93 -13.15
CA VAL C 995 -24.26 -46.60 -12.32
C VAL C 995 -24.35 -48.11 -12.53
N TYR C 996 -25.58 -48.61 -12.63
CA TYR C 996 -25.81 -50.04 -12.85
C TYR C 996 -25.05 -50.47 -14.11
N GLU C 997 -25.30 -49.76 -15.20
CA GLU C 997 -24.66 -50.02 -16.49
C GLU C 997 -23.15 -50.16 -16.31
N SER C 998 -22.54 -49.22 -15.59
CA SER C 998 -21.11 -49.24 -15.37
C SER C 998 -20.64 -50.35 -14.42
N TYR C 999 -21.34 -50.52 -13.30
CA TYR C 999 -21.01 -51.54 -12.31
C TYR C 999 -21.18 -52.96 -12.88
N ALA C 1000 -22.14 -53.14 -13.78
CA ALA C 1000 -22.40 -54.44 -14.39
C ALA C 1000 -21.25 -54.86 -15.31
N LYS C 1001 -20.73 -53.92 -16.09
CA LYS C 1001 -19.62 -54.23 -16.97
C LYS C 1001 -18.40 -54.58 -16.12
N PHE C 1002 -18.25 -53.81 -15.05
CA PHE C 1002 -17.17 -53.98 -14.08
C PHE C 1002 -17.20 -55.39 -13.49
N MET C 1003 -18.39 -55.79 -13.05
CA MET C 1003 -18.60 -57.09 -12.43
C MET C 1003 -18.33 -58.30 -13.30
N LYS C 1004 -18.21 -58.10 -14.61
CA LYS C 1004 -17.95 -59.25 -15.47
C LYS C 1004 -16.48 -59.33 -15.88
N ASN C 1005 -15.68 -58.35 -15.47
CA ASN C 1005 -14.27 -58.34 -15.81
C ASN C 1005 -13.35 -58.30 -14.60
N VAL C 1006 -13.93 -58.06 -13.44
CA VAL C 1006 -13.14 -57.98 -12.22
C VAL C 1006 -12.77 -59.35 -11.65
N ASP C 1007 -11.59 -59.40 -11.02
CA ASP C 1007 -11.12 -60.62 -10.36
C ASP C 1007 -10.70 -60.18 -8.98
N PHE C 1008 -11.54 -60.47 -7.98
CA PHE C 1008 -11.25 -60.09 -6.62
C PHE C 1008 -10.07 -60.82 -5.99
N SER C 1009 -9.51 -61.79 -6.68
CA SER C 1009 -8.37 -62.52 -6.13
C SER C 1009 -7.06 -61.79 -6.44
N LYS C 1010 -7.09 -60.91 -7.43
CA LYS C 1010 -5.89 -60.16 -7.79
C LYS C 1010 -5.70 -58.97 -6.87
N LEU C 1011 -6.62 -58.79 -5.94
CA LEU C 1011 -6.55 -57.68 -5.00
C LEU C 1011 -5.74 -57.96 -3.74
N SER C 1012 -5.09 -56.91 -3.24
CA SER C 1012 -4.30 -57.02 -2.02
C SER C 1012 -5.28 -57.28 -0.88
N PRO C 1013 -4.80 -57.78 0.25
CA PRO C 1013 -5.75 -58.02 1.35
C PRO C 1013 -6.29 -56.67 1.85
N GLU C 1014 -5.54 -55.62 1.56
CA GLU C 1014 -5.91 -54.27 1.95
C GLU C 1014 -7.21 -53.88 1.26
N ALA C 1015 -7.19 -53.85 -0.07
CA ALA C 1015 -8.35 -53.49 -0.86
C ALA C 1015 -9.48 -54.51 -0.72
N LEU C 1016 -9.11 -55.77 -0.58
CA LEU C 1016 -10.07 -56.86 -0.44
C LEU C 1016 -10.92 -56.68 0.82
N GLU C 1017 -10.36 -56.00 1.80
CA GLU C 1017 -11.03 -55.74 3.08
C GLU C 1017 -12.01 -54.58 2.99
N ALA C 1018 -11.63 -53.54 2.24
CA ALA C 1018 -12.49 -52.38 2.06
C ALA C 1018 -13.75 -52.83 1.35
N ILE C 1019 -13.57 -53.65 0.31
CA ILE C 1019 -14.70 -54.14 -0.46
C ILE C 1019 -15.68 -54.86 0.45
N GLY C 1020 -15.16 -55.69 1.36
CA GLY C 1020 -16.00 -56.43 2.28
C GLY C 1020 -16.83 -55.53 3.17
N LYS C 1021 -16.29 -54.35 3.45
CA LYS C 1021 -16.97 -53.38 4.29
C LYS C 1021 -18.25 -52.89 3.62
N SER C 1022 -18.22 -52.73 2.30
CA SER C 1022 -19.39 -52.24 1.57
C SER C 1022 -20.42 -53.31 1.23
N ALA C 1023 -19.94 -54.49 0.83
CA ALA C 1023 -20.84 -55.57 0.43
C ALA C 1023 -21.21 -56.61 1.48
N LEU C 1024 -20.44 -56.69 2.57
CA LEU C 1024 -20.73 -57.68 3.60
C LEU C 1024 -21.03 -57.07 4.96
N GLU C 1025 -21.97 -57.67 5.68
CA GLU C 1025 -22.32 -57.18 7.01
C GLU C 1025 -21.21 -57.55 7.99
N TYR C 1026 -20.72 -56.54 8.69
CA TYR C 1026 -19.63 -56.66 9.67
C TYR C 1026 -19.20 -58.05 10.12
N ASP C 1027 -20.17 -58.91 10.43
CA ASP C 1027 -19.85 -60.26 10.88
C ASP C 1027 -19.07 -61.10 9.87
N GLN C 1028 -19.64 -61.25 8.67
CA GLN C 1028 -19.05 -62.05 7.60
C GLN C 1028 -17.69 -61.58 7.10
N ARG C 1029 -17.25 -60.39 7.52
CA ARG C 1029 -15.98 -59.85 7.06
C ARG C 1029 -14.75 -60.68 7.39
N GLU C 1030 -14.57 -61.05 8.65
CA GLU C 1030 -13.42 -61.86 9.06
C GLU C 1030 -13.35 -63.17 8.28
N ASN C 1031 -14.35 -64.02 8.50
CA ASN C 1031 -14.43 -65.32 7.83
C ASN C 1031 -14.99 -65.18 6.42
N ALA C 1032 -14.36 -64.34 5.61
CA ALA C 1032 -14.81 -64.10 4.25
C ALA C 1032 -13.73 -64.39 3.22
N THR C 1033 -14.07 -65.22 2.24
CA THR C 1033 -13.15 -65.58 1.19
C THR C 1033 -13.37 -64.64 0.00
N VAL C 1034 -12.45 -64.70 -0.97
CA VAL C 1034 -12.58 -63.87 -2.15
C VAL C 1034 -13.94 -64.18 -2.75
N ASP C 1035 -14.25 -65.47 -2.78
CA ASP C 1035 -15.52 -65.94 -3.34
C ASP C 1035 -16.70 -65.40 -2.56
N ASP C 1036 -16.49 -65.06 -1.29
CA ASP C 1036 -17.56 -64.53 -0.45
C ASP C 1036 -17.92 -63.09 -0.85
N ILE C 1037 -16.91 -62.23 -0.94
CA ILE C 1037 -17.16 -60.84 -1.28
C ILE C 1037 -17.54 -60.71 -2.76
N ALA C 1038 -17.18 -61.69 -3.56
CA ALA C 1038 -17.48 -61.68 -4.98
C ALA C 1038 -18.96 -61.95 -5.17
N ASN C 1039 -19.50 -62.80 -4.31
CA ASN C 1039 -20.92 -63.16 -4.35
C ASN C 1039 -21.73 -61.97 -3.86
N ALA C 1040 -21.27 -61.36 -2.79
CA ALA C 1040 -21.93 -60.21 -2.19
C ALA C 1040 -21.92 -59.02 -3.15
N ALA C 1041 -20.75 -58.72 -3.70
CA ALA C 1041 -20.59 -57.62 -4.64
C ALA C 1041 -21.54 -57.84 -5.80
N SER C 1042 -21.72 -59.11 -6.16
CA SER C 1042 -22.61 -59.46 -7.25
C SER C 1042 -24.07 -59.23 -6.84
N LEU C 1043 -24.32 -59.28 -5.53
CA LEU C 1043 -25.67 -59.06 -5.03
C LEU C 1043 -26.00 -57.59 -5.17
N ILE C 1044 -24.99 -56.75 -5.00
CA ILE C 1044 -25.17 -55.30 -5.13
C ILE C 1044 -25.56 -54.95 -6.56
N GLU C 1045 -25.08 -55.71 -7.53
CA GLU C 1045 -25.43 -55.44 -8.93
C GLU C 1045 -26.93 -55.56 -9.10
N ARG C 1046 -27.49 -56.64 -8.55
CA ARG C 1046 -28.92 -56.87 -8.65
C ARG C 1046 -29.72 -55.79 -7.93
N ASN C 1047 -29.21 -55.33 -6.80
CA ASN C 1047 -29.90 -54.30 -6.06
C ASN C 1047 -30.05 -53.07 -6.96
N LEU C 1048 -28.94 -52.62 -7.56
CA LEU C 1048 -28.99 -51.45 -8.44
C LEU C 1048 -29.92 -51.72 -9.61
N ARG C 1049 -29.80 -52.89 -10.21
CA ARG C 1049 -30.65 -53.23 -11.34
C ARG C 1049 -32.12 -53.04 -10.96
N ASN C 1050 -32.50 -53.52 -9.79
CA ASN C 1050 -33.87 -53.40 -9.33
C ASN C 1050 -34.28 -51.96 -9.09
N ILE C 1051 -33.42 -51.19 -8.45
CA ILE C 1051 -33.73 -49.79 -8.19
C ILE C 1051 -33.91 -49.03 -9.50
N ALA C 1052 -32.95 -49.19 -10.41
CA ALA C 1052 -32.97 -48.52 -11.70
C ALA C 1052 -34.26 -48.82 -12.45
N LEU C 1053 -34.70 -50.07 -12.35
CA LEU C 1053 -35.92 -50.52 -13.01
C LEU C 1053 -37.13 -49.83 -12.38
N GLY C 1054 -37.07 -49.61 -11.07
CA GLY C 1054 -38.16 -48.95 -10.40
C GLY C 1054 -38.24 -47.47 -10.75
N VAL C 1055 -37.09 -46.81 -10.71
CA VAL C 1055 -37.04 -45.39 -11.03
C VAL C 1055 -37.56 -45.20 -12.42
N ASP C 1056 -37.17 -46.08 -13.33
CA ASP C 1056 -37.62 -45.97 -14.71
C ASP C 1056 -39.14 -46.09 -14.88
N ILE C 1057 -39.78 -46.96 -14.09
CA ILE C 1057 -41.23 -47.14 -14.18
C ILE C 1057 -41.93 -45.89 -13.64
N ARG C 1058 -41.49 -45.44 -12.47
CA ARG C 1058 -42.05 -44.25 -11.83
C ARG C 1058 -42.07 -43.08 -12.80
N HIS C 1059 -40.93 -42.83 -13.44
CA HIS C 1059 -40.80 -41.72 -14.38
C HIS C 1059 -41.77 -41.79 -15.53
N LYS C 1060 -41.92 -42.97 -16.13
CA LYS C 1060 -42.84 -43.13 -17.25
C LYS C 1060 -44.27 -42.93 -16.77
N VAL C 1061 -44.60 -43.58 -15.65
CA VAL C 1061 -45.94 -43.49 -15.09
C VAL C 1061 -46.30 -42.06 -14.69
N LEU C 1062 -45.36 -41.36 -14.06
CA LEU C 1062 -45.60 -40.00 -13.65
C LEU C 1062 -45.80 -39.09 -14.86
N ASP C 1063 -45.20 -39.46 -15.99
CA ASP C 1063 -45.34 -38.65 -17.19
C ASP C 1063 -46.69 -38.79 -17.90
N LYS C 1064 -47.49 -39.76 -17.50
CA LYS C 1064 -48.80 -39.98 -18.13
C LYS C 1064 -49.92 -39.26 -17.36
N VAL C 1065 -49.55 -38.62 -16.25
CA VAL C 1065 -50.49 -37.88 -15.41
C VAL C 1065 -50.29 -36.36 -15.55
N ASN C 1066 -51.33 -35.58 -15.27
CA ASN C 1066 -51.18 -34.13 -15.40
C ASN C 1066 -50.38 -33.52 -14.24
N LEU C 1067 -49.20 -33.00 -14.58
CA LEU C 1067 -48.28 -32.42 -13.62
C LEU C 1067 -47.99 -30.95 -13.88
N SER C 1068 -47.81 -30.19 -12.80
CA SER C 1068 -47.47 -28.78 -12.88
C SER C 1068 -46.17 -28.69 -12.10
N ILE C 1069 -45.10 -28.26 -12.74
CA ILE C 1069 -43.83 -28.18 -12.05
C ILE C 1069 -43.35 -26.76 -11.85
N ASP C 1070 -43.12 -26.39 -10.59
CA ASP C 1070 -42.61 -25.08 -10.27
C ASP C 1070 -41.56 -25.24 -9.18
N GLN C 1071 -40.42 -25.79 -9.57
CA GLN C 1071 -39.29 -26.02 -8.66
C GLN C 1071 -38.38 -24.79 -8.59
N MET C 1072 -38.27 -24.07 -9.72
CA MET C 1072 -37.44 -22.86 -9.79
C MET C 1072 -38.41 -21.71 -9.55
N ALA C 1073 -38.90 -21.65 -8.33
CA ALA C 1073 -39.90 -20.67 -7.93
C ALA C 1073 -39.49 -19.21 -7.83
N ALA C 1074 -40.53 -18.37 -7.70
CA ALA C 1074 -40.44 -16.92 -7.54
C ALA C 1074 -41.47 -16.25 -8.43
N VAL C 1075 -41.27 -16.39 -9.73
CA VAL C 1075 -42.13 -15.77 -10.73
C VAL C 1075 -43.56 -16.31 -10.81
N GLY C 1076 -43.72 -17.62 -10.71
CA GLY C 1076 -45.05 -18.19 -10.79
C GLY C 1076 -45.40 -18.67 -12.19
N ALA C 1077 -44.41 -19.21 -12.89
CA ALA C 1077 -44.61 -19.72 -14.26
C ALA C 1077 -44.24 -21.20 -14.28
N PRO C 1078 -45.15 -22.07 -13.85
CA PRO C 1078 -44.94 -23.52 -13.82
C PRO C 1078 -44.97 -24.16 -15.19
N TYR C 1079 -44.26 -25.28 -15.32
CA TYR C 1079 -44.20 -26.02 -16.57
C TYR C 1079 -45.28 -27.11 -16.55
N GLN C 1080 -46.07 -27.17 -17.61
CA GLN C 1080 -47.13 -28.18 -17.72
C GLN C 1080 -46.66 -29.32 -18.63
N ASN C 1081 -46.66 -30.54 -18.12
CA ASN C 1081 -46.20 -31.71 -18.89
C ASN C 1081 -47.28 -32.29 -19.80
N ASN C 1082 -48.48 -31.74 -19.76
CA ASN C 1082 -49.58 -32.23 -20.60
C ASN C 1082 -49.99 -33.67 -20.33
N GLY C 1083 -49.76 -34.16 -19.12
CA GLY C 1083 -50.16 -35.53 -18.82
C GLY C 1083 -51.63 -35.69 -19.16
N LYS C 1084 -51.97 -36.76 -19.88
CA LYS C 1084 -53.36 -36.99 -20.27
C LYS C 1084 -54.22 -37.48 -19.11
N ILE C 1085 -53.72 -38.43 -18.34
CA ILE C 1085 -54.47 -38.96 -17.19
C ILE C 1085 -54.62 -37.87 -16.15
N ASP C 1086 -55.87 -37.54 -15.81
CA ASP C 1086 -56.20 -36.49 -14.86
C ASP C 1086 -56.30 -37.01 -13.42
N LEU C 1087 -55.53 -36.43 -12.51
CA LEU C 1087 -55.56 -36.85 -11.11
C LEU C 1087 -55.99 -35.74 -10.16
N SER C 1088 -56.84 -34.83 -10.65
CA SER C 1088 -57.33 -33.73 -9.83
C SER C 1088 -58.50 -34.22 -9.00
N ASN C 1089 -58.83 -33.50 -7.93
CA ASN C 1089 -59.94 -33.90 -7.08
C ASN C 1089 -59.65 -35.26 -6.44
N MET C 1090 -58.42 -35.45 -6.02
CA MET C 1090 -58.01 -36.69 -5.40
C MET C 1090 -57.03 -36.41 -4.28
N THR C 1091 -57.11 -37.17 -3.20
CA THR C 1091 -56.19 -36.99 -2.10
C THR C 1091 -54.89 -37.65 -2.52
N PRO C 1092 -53.80 -37.41 -1.80
CA PRO C 1092 -52.54 -38.04 -2.18
C PRO C 1092 -52.70 -39.57 -2.17
N GLU C 1093 -53.46 -40.07 -1.22
CA GLU C 1093 -53.71 -41.50 -1.11
C GLU C 1093 -54.33 -42.03 -2.41
N GLN C 1094 -55.38 -41.36 -2.89
CA GLN C 1094 -55.99 -41.78 -4.13
C GLN C 1094 -54.98 -41.70 -5.27
N GLN C 1095 -54.21 -40.62 -5.29
CA GLN C 1095 -53.21 -40.45 -6.35
C GLN C 1095 -52.16 -41.54 -6.31
N ALA C 1096 -51.80 -41.99 -5.11
CA ALA C 1096 -50.81 -43.05 -4.98
C ALA C 1096 -51.35 -44.36 -5.56
N ASP C 1097 -52.59 -44.71 -5.21
CA ASP C 1097 -53.19 -45.95 -5.71
C ASP C 1097 -53.31 -45.93 -7.23
N GLU C 1098 -53.69 -44.78 -7.78
CA GLU C 1098 -53.80 -44.67 -9.22
C GLU C 1098 -52.42 -44.81 -9.88
N LEU C 1099 -51.42 -44.15 -9.32
CA LEU C 1099 -50.08 -44.23 -9.88
C LEU C 1099 -49.52 -45.64 -9.78
N ASN C 1100 -49.88 -46.35 -8.72
CA ASN C 1100 -49.41 -47.71 -8.53
C ASN C 1100 -50.13 -48.67 -9.47
N LYS C 1101 -51.35 -48.31 -9.85
CA LYS C 1101 -52.11 -49.13 -10.79
C LYS C 1101 -51.38 -49.04 -12.13
N LEU C 1102 -50.93 -47.83 -12.47
CA LEU C 1102 -50.21 -47.61 -13.72
C LEU C 1102 -48.83 -48.25 -13.60
N PHE C 1103 -48.33 -48.33 -12.37
CA PHE C 1103 -47.02 -48.92 -12.09
C PHE C 1103 -47.07 -50.43 -12.33
N ARG C 1104 -47.91 -51.12 -11.57
CA ARG C 1104 -48.06 -52.58 -11.69
C ARG C 1104 -48.35 -52.93 -13.15
N GLU C 1105 -49.20 -52.11 -13.76
CA GLU C 1105 -49.56 -52.29 -15.15
C GLU C 1105 -48.32 -52.21 -16.05
N GLU C 1106 -47.50 -51.19 -15.84
CA GLU C 1106 -46.29 -51.03 -16.65
C GLU C 1106 -45.33 -52.20 -16.48
N LEU C 1107 -45.29 -52.78 -15.29
CA LEU C 1107 -44.43 -53.92 -15.01
C LEU C 1107 -44.84 -55.07 -15.91
N GLU C 1108 -46.16 -55.30 -15.99
CA GLU C 1108 -46.72 -56.35 -16.82
C GLU C 1108 -46.29 -56.12 -18.27
N ALA C 1109 -46.41 -54.88 -18.73
CA ALA C 1109 -46.03 -54.53 -20.09
C ALA C 1109 -44.64 -55.06 -20.41
N ARG C 1110 -43.68 -54.78 -19.52
CA ARG C 1110 -42.31 -55.24 -19.71
C ARG C 1110 -42.24 -56.77 -19.65
N LYS C 1111 -43.02 -57.34 -18.74
CA LYS C 1111 -43.09 -58.79 -18.55
C LYS C 1111 -43.57 -59.47 -19.84
N GLY D 23 48.85 -6.00 9.46
CA GLY D 23 47.78 -5.15 10.09
C GLY D 23 46.46 -5.30 9.36
N ILE D 24 46.23 -4.47 8.35
CA ILE D 24 45.01 -4.54 7.56
C ILE D 24 45.07 -5.80 6.69
N ASP D 25 46.27 -6.21 6.35
CA ASP D 25 46.44 -7.42 5.53
C ASP D 25 46.08 -8.68 6.31
N ALA D 26 45.99 -8.57 7.63
CA ALA D 26 45.66 -9.73 8.46
C ALA D 26 44.16 -9.93 8.44
N VAL D 27 43.42 -8.83 8.39
CA VAL D 27 41.98 -8.92 8.38
C VAL D 27 41.52 -9.36 6.99
N TYR D 28 42.27 -8.96 5.97
CA TYR D 28 41.93 -9.33 4.59
C TYR D 28 43.14 -9.88 3.84
N PRO D 29 43.57 -11.10 4.19
CA PRO D 29 44.74 -11.68 3.52
C PRO D 29 44.56 -12.11 2.07
N SER D 30 43.33 -12.46 1.69
CA SER D 30 43.12 -12.94 0.33
C SER D 30 42.68 -11.99 -0.78
N LEU D 31 42.59 -10.70 -0.50
CA LEU D 31 42.22 -9.77 -1.57
C LEU D 31 43.28 -9.88 -2.67
N VAL D 32 42.86 -9.67 -3.91
CA VAL D 32 43.75 -9.77 -5.07
C VAL D 32 44.83 -8.68 -5.12
N GLY D 33 46.05 -9.05 -5.48
CA GLY D 33 47.12 -8.06 -5.60
C GLY D 33 48.01 -7.84 -4.38
N THR D 34 49.00 -6.96 -4.55
CA THR D 34 49.95 -6.62 -3.50
C THR D 34 49.72 -5.21 -2.98
N ALA D 35 49.77 -5.05 -1.66
CA ALA D 35 49.59 -3.74 -1.04
C ALA D 35 50.87 -2.92 -1.11
N ASP D 36 51.37 -2.73 -2.33
CA ASP D 36 52.59 -1.95 -2.54
C ASP D 36 52.38 -1.08 -3.77
N SER D 37 52.28 0.23 -3.53
CA SER D 37 52.05 1.20 -4.58
C SER D 37 53.03 1.12 -5.76
N LYS D 38 54.25 0.62 -5.51
CA LYS D 38 55.26 0.52 -6.56
C LYS D 38 55.40 -0.87 -7.16
N ALA D 39 54.70 -1.84 -6.58
CA ALA D 39 54.74 -3.21 -7.05
C ALA D 39 54.39 -3.34 -8.54
N GLU D 40 54.95 -4.36 -9.17
CA GLU D 40 54.69 -4.63 -10.58
C GLU D 40 53.52 -5.60 -10.59
N GLY D 41 52.56 -5.39 -11.48
CA GLY D 41 51.41 -6.27 -11.52
C GLY D 41 50.25 -5.66 -10.75
N ILE D 42 49.23 -6.46 -10.47
CA ILE D 42 48.06 -5.99 -9.76
C ILE D 42 48.33 -5.54 -8.31
N LYS D 43 48.00 -4.28 -8.04
CA LYS D 43 48.17 -3.68 -6.72
C LYS D 43 46.79 -3.57 -6.06
N ASN D 44 46.66 -4.05 -4.83
CA ASN D 44 45.35 -3.96 -4.17
C ASN D 44 45.19 -2.61 -3.49
N TYR D 45 44.35 -1.76 -4.07
CA TYR D 45 44.14 -0.43 -3.50
C TYR D 45 43.19 -0.33 -2.33
N PHE D 46 42.62 -1.46 -1.91
CA PHE D 46 41.76 -1.42 -0.73
C PHE D 46 42.66 -1.35 0.50
N LYS D 47 43.69 -2.21 0.52
CA LYS D 47 44.61 -2.24 1.64
C LYS D 47 45.49 -1.00 1.63
N LEU D 48 45.81 -0.50 0.43
CA LEU D 48 46.63 0.70 0.31
C LEU D 48 45.87 1.95 0.75
N SER D 49 44.55 1.90 0.69
CA SER D 49 43.73 3.06 1.05
C SER D 49 43.23 3.07 2.48
N PHE D 50 42.96 1.91 3.06
CA PHE D 50 42.46 1.89 4.43
C PHE D 50 43.36 1.21 5.45
N THR D 51 43.16 1.56 6.71
CA THR D 51 43.93 1.00 7.82
C THR D 51 42.98 0.66 8.97
N LEU D 52 43.39 -0.25 9.84
CA LEU D 52 42.54 -0.60 10.97
C LEU D 52 42.55 0.59 11.91
N PRO D 53 41.39 0.96 12.45
CA PRO D 53 41.33 2.10 13.37
C PRO D 53 41.97 1.83 14.71
N GLU D 54 42.44 2.89 15.35
CA GLU D 54 43.07 2.79 16.66
C GLU D 54 42.05 2.16 17.61
N GLU D 55 40.83 2.69 17.59
CA GLU D 55 39.74 2.18 18.42
C GLU D 55 38.66 1.62 17.50
N GLN D 56 38.15 0.42 17.83
CA GLN D 56 37.11 -0.22 17.03
C GLN D 56 35.95 0.73 16.78
N LYS D 57 35.44 0.72 15.55
CA LYS D 57 34.34 1.59 15.16
C LYS D 57 33.16 0.77 14.68
N SER D 58 33.45 -0.40 14.12
CA SER D 58 32.43 -1.30 13.61
C SER D 58 32.58 -2.66 14.27
N ARG D 59 31.48 -3.26 14.71
CA ARG D 59 31.53 -4.57 15.35
C ARG D 59 31.58 -5.72 14.34
N THR D 60 31.48 -5.41 13.05
CA THR D 60 31.53 -6.44 12.01
C THR D 60 32.96 -6.65 11.51
N VAL D 61 33.87 -5.71 11.78
CA VAL D 61 35.23 -5.90 11.33
C VAL D 61 35.77 -7.16 11.97
N GLY D 62 36.22 -8.10 11.14
CA GLY D 62 36.75 -9.35 11.66
C GLY D 62 35.79 -10.51 11.44
N SER D 63 34.52 -10.19 11.21
CA SER D 63 33.53 -11.22 10.99
C SER D 63 33.62 -11.80 9.58
N GLU D 64 33.67 -13.12 9.49
CA GLU D 64 33.76 -13.77 8.20
C GLU D 64 32.37 -13.92 7.59
N ALA D 65 31.33 -13.49 8.31
CA ALA D 65 29.96 -13.56 7.83
C ALA D 65 29.09 -12.57 8.60
N PRO D 66 29.32 -11.25 8.38
CA PRO D 66 28.57 -10.19 9.06
C PRO D 66 27.05 -10.27 8.94
N LEU D 67 26.53 -10.66 7.77
CA LEU D 67 25.09 -10.76 7.59
C LEU D 67 24.51 -11.84 8.51
N LYS D 68 25.24 -12.92 8.68
CA LYS D 68 24.78 -14.00 9.54
C LYS D 68 24.93 -13.59 11.02
N ASP D 69 26.06 -13.01 11.37
CA ASP D 69 26.36 -12.58 12.74
C ASP D 69 25.50 -11.43 13.26
N VAL D 70 25.05 -10.56 12.37
CA VAL D 70 24.21 -9.46 12.82
C VAL D 70 22.77 -9.96 12.97
N ALA D 71 22.33 -10.82 12.06
CA ALA D 71 20.97 -11.36 12.14
C ALA D 71 20.91 -12.20 13.40
N GLN D 72 22.06 -12.75 13.78
CA GLN D 72 22.17 -13.57 14.97
C GLN D 72 21.95 -12.68 16.18
N ALA D 73 22.64 -11.53 16.20
CA ALA D 73 22.52 -10.58 17.30
C ALA D 73 21.11 -10.00 17.36
N LEU D 74 20.48 -9.84 16.21
CA LEU D 74 19.13 -9.31 16.13
C LEU D 74 18.05 -10.35 16.42
N SER D 75 18.46 -11.60 16.63
CA SER D 75 17.49 -12.67 16.88
C SER D 75 16.76 -12.61 18.23
N SER D 76 17.29 -11.85 19.18
CA SER D 76 16.64 -11.70 20.49
C SER D 76 17.30 -10.61 21.33
N ARG D 77 16.58 -10.10 22.32
CA ARG D 77 17.10 -9.05 23.19
C ARG D 77 18.43 -9.45 23.83
N ALA D 78 18.51 -10.71 24.27
CA ALA D 78 19.73 -11.22 24.90
C ALA D 78 20.92 -11.24 23.95
N ARG D 79 20.74 -11.87 22.78
CA ARG D 79 21.81 -11.94 21.79
C ARG D 79 22.27 -10.51 21.49
N TYR D 80 21.31 -9.62 21.36
CA TYR D 80 21.58 -8.21 21.04
C TYR D 80 22.37 -7.50 22.12
N GLU D 81 22.03 -7.75 23.38
CA GLU D 81 22.73 -7.10 24.48
C GLU D 81 24.18 -7.55 24.57
N LEU D 82 24.43 -8.84 24.33
CA LEU D 82 25.79 -9.37 24.40
C LEU D 82 26.63 -8.94 23.20
N PHE D 83 26.00 -8.84 22.03
CA PHE D 83 26.70 -8.42 20.83
C PHE D 83 27.06 -6.94 20.94
N THR D 84 26.08 -6.14 21.37
CA THR D 84 26.31 -4.69 21.51
C THR D 84 27.02 -4.36 22.81
N GLU D 85 27.18 -5.37 23.66
CA GLU D 85 27.89 -5.18 24.91
C GLU D 85 27.21 -4.20 25.86
N LYS D 86 25.88 -4.24 25.90
CA LYS D 86 25.10 -3.35 26.76
C LYS D 86 24.12 -4.21 27.57
N GLU D 87 23.92 -3.88 28.84
CA GLU D 87 23.02 -4.63 29.68
C GLU D 87 21.56 -4.59 29.20
N THR D 88 21.04 -3.38 29.05
CA THR D 88 19.66 -3.22 28.60
C THR D 88 19.60 -2.57 27.23
N ALA D 89 18.89 -3.22 26.32
CA ALA D 89 18.73 -2.72 24.97
C ALA D 89 17.49 -1.82 24.92
N ASN D 90 17.40 -1.03 23.86
CA ASN D 90 16.26 -0.15 23.67
C ASN D 90 15.03 -1.03 23.88
N PRO D 91 14.19 -0.70 24.87
CA PRO D 91 13.00 -1.53 25.11
C PRO D 91 12.08 -1.65 23.90
N ALA D 92 12.24 -0.77 22.92
CA ALA D 92 11.43 -0.80 21.71
C ALA D 92 11.75 -2.05 20.87
N PHE D 93 12.90 -2.67 21.16
CA PHE D 93 13.33 -3.87 20.45
C PHE D 93 12.64 -5.06 21.10
N ASN D 94 11.39 -5.28 20.71
CA ASN D 94 10.59 -6.34 21.27
C ASN D 94 10.39 -7.51 20.32
N GLY D 95 9.48 -8.41 20.68
CA GLY D 95 9.24 -9.58 19.88
C GLY D 95 8.68 -9.33 18.49
N GLU D 96 7.84 -8.31 18.36
CA GLU D 96 7.25 -8.00 17.06
C GLU D 96 8.28 -7.35 16.13
N VAL D 97 9.15 -6.51 16.69
CA VAL D 97 10.16 -5.83 15.92
C VAL D 97 11.28 -6.80 15.54
N ILE D 98 11.63 -7.69 16.44
CA ILE D 98 12.66 -8.68 16.17
C ILE D 98 12.18 -9.54 15.00
N LYS D 99 10.88 -9.81 14.96
CA LYS D 99 10.27 -10.62 13.92
C LYS D 99 10.46 -9.96 12.56
N ARG D 100 10.30 -8.64 12.51
CA ARG D 100 10.45 -7.89 11.28
C ARG D 100 11.91 -7.82 10.83
N TYR D 101 12.83 -7.71 11.77
CA TYR D 101 14.22 -7.64 11.37
C TYR D 101 14.67 -8.99 10.83
N LYS D 102 14.12 -10.06 11.40
CA LYS D 102 14.45 -11.41 10.95
C LYS D 102 14.23 -11.49 9.44
N GLU D 103 13.06 -11.05 9.00
CA GLU D 103 12.68 -11.06 7.60
C GLU D 103 13.57 -10.15 6.74
N LEU D 104 13.88 -8.96 7.26
CA LEU D 104 14.73 -8.01 6.54
C LEU D 104 16.13 -8.57 6.36
N MET D 105 16.56 -9.43 7.28
CA MET D 105 17.88 -10.03 7.17
C MET D 105 17.88 -11.03 6.02
N GLU D 106 16.75 -11.72 5.84
CA GLU D 106 16.60 -12.66 4.75
C GLU D 106 16.63 -11.85 3.45
N HIS D 107 15.95 -10.71 3.47
CA HIS D 107 15.93 -9.83 2.31
C HIS D 107 17.39 -9.47 2.01
N GLY D 108 18.19 -9.29 3.07
CA GLY D 108 19.59 -8.96 2.89
C GLY D 108 20.36 -10.08 2.18
N GLU D 109 19.89 -11.31 2.34
CA GLU D 109 20.55 -12.44 1.68
C GLU D 109 20.24 -12.32 0.19
N GLY D 110 19.06 -11.81 -0.12
CA GLY D 110 18.66 -11.62 -1.49
C GLY D 110 19.52 -10.59 -2.20
N ILE D 111 19.76 -9.45 -1.54
CA ILE D 111 20.59 -8.40 -2.13
C ILE D 111 21.97 -8.97 -2.43
N ALA D 112 22.55 -9.64 -1.43
CA ALA D 112 23.86 -10.25 -1.54
C ALA D 112 23.98 -11.14 -2.77
N ASP D 113 22.97 -11.98 -3.01
CA ASP D 113 22.96 -12.87 -4.17
C ASP D 113 22.86 -12.10 -5.48
N ILE D 114 22.09 -11.03 -5.49
CA ILE D 114 21.96 -10.22 -6.69
C ILE D 114 23.33 -9.64 -7.05
N LEU D 115 24.03 -9.11 -6.03
CA LEU D 115 25.33 -8.51 -6.20
C LEU D 115 26.38 -9.52 -6.65
N ARG D 116 26.31 -10.76 -6.17
CA ARG D 116 27.30 -11.75 -6.57
C ARG D 116 27.20 -12.10 -8.06
N SER D 117 25.97 -12.12 -8.60
CA SER D 117 25.75 -12.40 -10.02
C SER D 117 26.23 -11.24 -10.86
N ARG D 118 25.83 -10.03 -10.44
CA ARG D 118 26.23 -8.85 -11.19
C ARG D 118 27.74 -8.87 -11.34
N LEU D 119 28.45 -9.27 -10.29
CA LEU D 119 29.91 -9.35 -10.38
C LEU D 119 30.33 -10.41 -11.40
N ALA D 120 29.69 -11.58 -11.35
CA ALA D 120 30.00 -12.68 -12.27
C ALA D 120 29.76 -12.25 -13.72
N LYS D 121 28.66 -11.57 -13.98
CA LYS D 121 28.37 -11.09 -15.32
C LYS D 121 29.47 -10.13 -15.72
N PHE D 122 29.87 -9.26 -14.79
CA PHE D 122 30.91 -8.28 -15.05
C PHE D 122 32.25 -8.92 -15.41
N LEU D 123 32.56 -10.04 -14.76
CA LEU D 123 33.83 -10.74 -15.00
C LEU D 123 33.84 -11.51 -16.32
N ASN D 124 32.65 -11.94 -16.76
CA ASN D 124 32.54 -12.67 -18.00
C ASN D 124 32.56 -11.75 -19.23
N THR D 125 31.66 -10.76 -19.21
CA THR D 125 31.54 -9.79 -20.31
C THR D 125 32.85 -9.13 -20.72
N LYS D 126 33.17 -9.25 -22.01
CA LYS D 126 34.39 -8.68 -22.58
C LYS D 126 35.68 -9.22 -21.96
N ASP D 127 35.60 -10.43 -21.42
CA ASP D 127 36.76 -11.11 -20.83
C ASP D 127 37.48 -10.34 -19.73
N VAL D 128 36.79 -9.37 -19.13
CA VAL D 128 37.39 -8.58 -18.07
C VAL D 128 37.99 -9.48 -17.02
N GLY D 129 37.27 -10.54 -16.66
CA GLY D 129 37.77 -11.48 -15.68
C GLY D 129 39.11 -12.11 -16.06
N LYS D 130 39.15 -12.80 -17.20
CA LYS D 130 40.39 -13.45 -17.65
C LYS D 130 41.50 -12.45 -17.92
N ARG D 131 41.13 -11.24 -18.32
CA ARG D 131 42.11 -10.19 -18.60
C ARG D 131 42.67 -9.58 -17.31
N PHE D 132 41.88 -9.60 -16.26
CA PHE D 132 42.32 -9.09 -14.95
C PHE D 132 43.39 -10.07 -14.42
N ALA D 133 43.07 -11.36 -14.50
CA ALA D 133 43.96 -12.42 -14.06
C ALA D 133 45.23 -12.38 -14.87
N GLN D 134 45.10 -11.96 -16.13
CA GLN D 134 46.24 -11.88 -17.02
C GLN D 134 47.14 -10.68 -16.70
N GLY D 135 46.67 -9.76 -15.86
CA GLY D 135 47.48 -8.61 -15.50
C GLY D 135 46.94 -7.21 -15.74
N THR D 136 45.92 -7.07 -16.59
CA THR D 136 45.36 -5.75 -16.87
C THR D 136 44.81 -5.16 -15.58
N GLU D 137 45.19 -3.92 -15.27
CA GLU D 137 44.73 -3.29 -14.04
C GLU D 137 43.30 -2.80 -14.13
N ALA D 138 42.37 -3.74 -14.21
CA ALA D 138 40.96 -3.39 -14.30
C ALA D 138 40.51 -2.76 -12.98
N ASN D 139 41.19 -3.14 -11.90
CA ASN D 139 40.85 -2.61 -10.58
C ASN D 139 41.11 -1.13 -10.49
N ARG D 140 41.49 -0.53 -11.62
CA ARG D 140 41.75 0.90 -11.61
C ARG D 140 40.86 1.65 -12.58
N TRP D 141 40.05 0.92 -13.34
CA TRP D 141 39.11 1.53 -14.27
C TRP D 141 38.01 2.15 -13.40
N VAL D 142 37.28 3.13 -13.92
CA VAL D 142 36.22 3.74 -13.12
C VAL D 142 35.12 2.74 -12.75
N GLY D 143 34.91 1.72 -13.56
CA GLY D 143 33.88 0.74 -13.24
C GLY D 143 34.39 -0.56 -12.65
N GLY D 144 35.68 -0.61 -12.30
CA GLY D 144 36.21 -1.86 -11.75
C GLY D 144 36.88 -1.75 -10.40
N LYS D 145 36.63 -0.67 -9.68
CA LYS D 145 37.29 -0.54 -8.39
C LYS D 145 36.83 -1.58 -7.38
N LEU D 146 35.69 -2.20 -7.61
CA LEU D 146 35.24 -3.23 -6.69
C LEU D 146 36.14 -4.48 -6.81
N LEU D 147 36.96 -4.53 -7.87
CA LEU D 147 37.87 -5.67 -8.03
C LEU D 147 38.97 -5.59 -6.97
N ASN D 148 39.00 -4.49 -6.22
CA ASN D 148 39.96 -4.31 -5.16
C ASN D 148 39.49 -5.07 -3.92
N ILE D 149 38.22 -5.50 -3.90
CA ILE D 149 37.73 -6.25 -2.75
C ILE D 149 37.25 -7.65 -3.10
N VAL D 150 37.86 -8.23 -4.15
CA VAL D 150 37.52 -9.58 -4.55
C VAL D 150 38.71 -10.49 -4.28
N GLU D 151 38.48 -11.79 -4.38
CA GLU D 151 39.51 -12.79 -4.16
C GLU D 151 39.52 -13.75 -5.34
N GLN D 152 40.62 -14.46 -5.54
CA GLN D 152 40.66 -15.39 -6.65
C GLN D 152 39.86 -16.63 -6.28
N ASP D 153 39.08 -17.12 -7.24
CA ASP D 153 38.22 -18.29 -7.04
C ASP D 153 38.26 -19.15 -8.29
N GLY D 154 39.14 -20.15 -8.32
CA GLY D 154 39.25 -21.01 -9.48
C GLY D 154 39.74 -20.19 -10.68
N ASP D 155 38.95 -20.17 -11.75
CA ASP D 155 39.33 -19.40 -12.92
C ASP D 155 38.59 -18.05 -12.98
N THR D 156 38.02 -17.64 -11.85
CA THR D 156 37.35 -16.34 -11.76
C THR D 156 37.70 -15.69 -10.44
N PHE D 157 36.81 -14.82 -9.99
CA PHE D 157 36.99 -14.11 -8.74
C PHE D 157 35.64 -14.02 -8.04
N LYS D 158 35.69 -13.66 -6.77
CA LYS D 158 34.48 -13.55 -5.96
C LYS D 158 34.73 -12.53 -4.87
N TYR D 159 33.64 -11.88 -4.44
CA TYR D 159 33.72 -10.88 -3.40
C TYR D 159 34.31 -11.43 -2.11
N ASN D 160 34.99 -10.58 -1.35
CA ASN D 160 35.46 -10.99 -0.04
C ASN D 160 34.11 -10.93 0.67
N GLU D 161 33.64 -12.03 1.26
CA GLU D 161 32.34 -12.00 1.88
C GLU D 161 32.13 -10.97 3.01
N GLN D 162 33.17 -10.72 3.78
CA GLN D 162 33.06 -9.77 4.89
C GLN D 162 32.67 -8.37 4.40
N LEU D 163 33.45 -7.83 3.48
CA LEU D 163 33.20 -6.50 2.95
C LEU D 163 31.87 -6.46 2.21
N LEU D 164 31.56 -7.54 1.51
CA LEU D 164 30.31 -7.59 0.78
C LEU D 164 29.13 -7.53 1.73
N GLN D 165 29.06 -8.47 2.66
CA GLN D 165 27.94 -8.52 3.59
C GLN D 165 27.79 -7.28 4.46
N THR D 166 28.91 -6.72 4.89
CA THR D 166 28.86 -5.52 5.71
C THR D 166 28.20 -4.38 4.92
N ALA D 167 28.54 -4.29 3.65
CA ALA D 167 27.97 -3.25 2.79
C ALA D 167 26.47 -3.43 2.69
N VAL D 168 26.03 -4.69 2.58
CA VAL D 168 24.60 -4.97 2.49
C VAL D 168 23.93 -4.45 3.75
N LEU D 169 24.50 -4.76 4.91
CA LEU D 169 23.95 -4.28 6.17
C LEU D 169 23.78 -2.77 6.08
N ALA D 170 24.76 -2.10 5.48
CA ALA D 170 24.72 -0.65 5.33
C ALA D 170 23.55 -0.26 4.45
N GLY D 171 23.41 -0.97 3.33
CA GLY D 171 22.34 -0.69 2.39
C GLY D 171 20.98 -0.86 3.02
N LEU D 172 20.85 -1.84 3.91
CA LEU D 172 19.57 -2.08 4.58
C LEU D 172 19.23 -0.89 5.49
N GLN D 173 20.22 -0.37 6.22
CA GLN D 173 19.95 0.77 7.08
C GLN D 173 19.59 1.94 6.21
N TRP D 174 20.35 2.15 5.14
CA TRP D 174 20.10 3.25 4.21
C TRP D 174 18.65 3.15 3.77
N ARG D 175 18.27 1.96 3.28
CA ARG D 175 16.92 1.72 2.80
C ARG D 175 15.83 2.02 3.82
N LEU D 176 16.12 1.84 5.10
CA LEU D 176 15.13 2.08 6.14
C LEU D 176 14.96 3.52 6.59
N THR D 177 16.05 4.28 6.63
CA THR D 177 15.97 5.64 7.14
C THR D 177 16.48 6.76 6.24
N ALA D 178 17.14 6.41 5.15
CA ALA D 178 17.66 7.42 4.22
C ALA D 178 16.63 8.49 3.87
N THR D 179 15.44 8.05 3.45
CA THR D 179 14.39 8.98 3.08
C THR D 179 14.07 10.05 4.13
N SER D 180 14.21 9.71 5.41
CA SER D 180 13.90 10.66 6.47
C SER D 180 15.06 11.60 6.78
N ASN D 181 16.19 11.41 6.12
CA ASN D 181 17.35 12.25 6.38
C ASN D 181 17.77 13.07 5.17
N THR D 182 16.99 12.97 4.10
CA THR D 182 17.32 13.72 2.90
C THR D 182 16.99 15.18 3.13
N ALA D 183 17.73 16.04 2.45
CA ALA D 183 17.53 17.47 2.53
C ALA D 183 16.32 17.91 1.68
N ILE D 184 15.64 18.98 2.08
CA ILE D 184 14.50 19.48 1.32
C ILE D 184 14.99 20.32 0.14
N LYS D 185 14.61 19.90 -1.07
CA LYS D 185 15.02 20.63 -2.27
C LYS D 185 14.05 21.77 -2.54
N ASP D 186 14.60 22.96 -2.75
CA ASP D 186 13.80 24.15 -3.05
C ASP D 186 13.81 24.37 -4.56
N ALA D 187 13.02 25.33 -5.02
CA ALA D 187 12.95 25.64 -6.45
C ALA D 187 14.34 25.84 -7.06
N LYS D 188 15.19 26.57 -6.33
CA LYS D 188 16.55 26.85 -6.78
C LYS D 188 17.36 25.57 -7.00
N ASP D 189 17.19 24.62 -6.09
CA ASP D 189 17.88 23.33 -6.18
C ASP D 189 17.49 22.62 -7.47
N VAL D 190 16.18 22.56 -7.72
CA VAL D 190 15.68 21.89 -8.91
C VAL D 190 16.20 22.56 -10.18
N ALA D 191 16.26 23.89 -10.17
CA ALA D 191 16.75 24.64 -11.33
C ALA D 191 18.16 24.16 -11.67
N ALA D 192 19.01 24.10 -10.66
CA ALA D 192 20.39 23.66 -10.81
C ALA D 192 20.48 22.22 -11.31
N ILE D 193 19.61 21.36 -10.77
CA ILE D 193 19.57 19.96 -11.18
C ILE D 193 19.08 19.80 -12.62
N THR D 194 17.85 20.25 -12.87
CA THR D 194 17.23 20.13 -14.19
C THR D 194 17.74 21.10 -15.26
N GLY D 195 18.54 22.07 -14.85
CA GLY D 195 19.07 23.02 -15.81
C GLY D 195 18.01 23.96 -16.37
N ILE D 196 16.84 24.00 -15.73
CA ILE D 196 15.75 24.85 -16.18
C ILE D 196 15.68 26.11 -15.31
N ASP D 197 15.44 27.26 -15.93
CA ASP D 197 15.33 28.52 -15.20
C ASP D 197 14.23 28.39 -14.15
N GLN D 198 14.54 28.80 -12.92
CA GLN D 198 13.58 28.73 -11.82
C GLN D 198 12.17 29.11 -12.24
N ALA D 199 12.02 30.35 -12.68
CA ALA D 199 10.73 30.90 -13.09
C ALA D 199 9.94 30.04 -14.07
N LEU D 200 10.64 29.20 -14.84
CA LEU D 200 9.97 28.38 -15.85
C LEU D 200 9.83 26.90 -15.51
N LEU D 201 9.74 26.57 -14.24
CA LEU D 201 9.59 25.18 -13.85
C LEU D 201 8.12 24.78 -13.85
N PRO D 202 7.77 23.70 -14.56
CA PRO D 202 6.36 23.28 -14.57
C PRO D 202 5.95 22.92 -13.15
N GLU D 203 4.66 22.95 -12.86
CA GLU D 203 4.16 22.67 -11.51
C GLU D 203 4.82 21.51 -10.78
N GLY D 204 4.21 20.34 -10.89
CA GLY D 204 4.72 19.16 -10.20
C GLY D 204 6.21 18.86 -10.25
N LEU D 205 6.92 19.46 -11.20
CA LEU D 205 8.36 19.21 -11.33
C LEU D 205 9.11 19.35 -10.03
N VAL D 206 8.88 20.43 -9.31
CA VAL D 206 9.57 20.67 -8.05
C VAL D 206 9.30 19.52 -7.07
N GLU D 207 8.05 19.12 -6.95
CA GLU D 207 7.70 18.02 -6.05
C GLU D 207 8.37 16.74 -6.52
N GLN D 208 8.14 16.40 -7.79
CA GLN D 208 8.71 15.21 -8.38
C GLN D 208 10.19 15.05 -8.03
N PHE D 209 10.93 16.15 -8.03
CA PHE D 209 12.36 16.10 -7.73
C PHE D 209 12.70 16.15 -6.25
N ASP D 210 11.70 16.47 -5.43
CA ASP D 210 11.93 16.54 -3.99
C ASP D 210 11.57 15.20 -3.38
N THR D 211 10.58 14.53 -3.97
CA THR D 211 10.15 13.24 -3.50
C THR D 211 11.20 12.15 -3.76
N GLY D 212 12.22 12.48 -4.55
CA GLY D 212 13.25 11.49 -4.84
C GLY D 212 14.66 12.02 -4.81
N MET D 213 15.61 11.10 -4.77
CA MET D 213 17.03 11.43 -4.74
C MET D 213 17.71 11.42 -6.10
N THR D 214 18.66 12.33 -6.31
CA THR D 214 19.41 12.36 -7.55
C THR D 214 20.46 11.27 -7.39
N LEU D 215 21.15 10.92 -8.47
CA LEU D 215 22.17 9.88 -8.42
C LEU D 215 23.20 10.20 -7.37
N THR D 216 23.76 11.40 -7.44
CA THR D 216 24.77 11.87 -6.50
C THR D 216 24.28 11.81 -5.06
N GLU D 217 23.01 12.13 -4.88
CA GLU D 217 22.39 12.15 -3.56
C GLU D 217 22.23 10.74 -3.00
N ALA D 218 21.68 9.87 -3.82
CA ALA D 218 21.45 8.49 -3.42
C ALA D 218 22.73 7.76 -3.09
N VAL D 219 23.69 7.79 -4.00
CA VAL D 219 24.95 7.08 -3.81
C VAL D 219 25.89 7.69 -2.77
N SER D 220 25.82 9.00 -2.55
CA SER D 220 26.70 9.61 -1.54
C SER D 220 26.31 9.12 -0.14
N SER D 221 25.02 9.18 0.18
CA SER D 221 24.58 8.74 1.49
C SER D 221 24.82 7.24 1.68
N LEU D 222 24.62 6.44 0.63
CA LEU D 222 24.88 5.01 0.73
C LEU D 222 26.38 4.79 0.98
N ALA D 223 27.19 5.47 0.18
CA ALA D 223 28.64 5.35 0.28
C ALA D 223 29.14 5.76 1.67
N GLN D 224 28.47 6.70 2.29
CA GLN D 224 28.87 7.14 3.62
C GLN D 224 28.55 6.02 4.61
N LYS D 225 27.35 5.42 4.50
CA LYS D 225 26.97 4.32 5.38
C LYS D 225 27.92 3.14 5.19
N ILE D 226 28.13 2.75 3.94
CA ILE D 226 29.01 1.63 3.64
C ILE D 226 30.40 1.83 4.22
N GLU D 227 31.00 2.99 4.00
CA GLU D 227 32.33 3.24 4.54
C GLU D 227 32.35 3.26 6.06
N SER D 228 31.29 3.75 6.70
CA SER D 228 31.28 3.79 8.15
C SER D 228 31.12 2.41 8.76
N TYR D 229 30.34 1.54 8.11
CA TYR D 229 30.17 0.19 8.62
C TYR D 229 31.43 -0.63 8.40
N TRP D 230 32.17 -0.37 7.32
CA TRP D 230 33.42 -1.10 7.12
C TRP D 230 34.34 -0.73 8.28
N GLY D 231 34.02 0.41 8.90
CA GLY D 231 34.75 0.89 10.05
C GLY D 231 36.27 0.89 10.02
N LEU D 232 36.83 1.51 8.98
CA LEU D 232 38.27 1.60 8.86
C LEU D 232 38.61 3.08 8.81
N SER D 233 39.90 3.39 8.66
CA SER D 233 40.35 4.77 8.56
C SER D 233 41.04 5.01 7.22
N ARG D 234 40.76 6.17 6.64
CA ARG D 234 41.36 6.52 5.37
C ARG D 234 42.84 6.82 5.54
N ASN D 235 43.63 6.33 4.59
CA ASN D 235 45.07 6.56 4.62
C ASN D 235 45.31 7.89 3.91
N PRO D 236 45.77 8.92 4.66
CA PRO D 236 46.03 10.25 4.11
C PRO D 236 46.95 10.32 2.88
N ASN D 237 47.64 9.21 2.59
CA ASN D 237 48.55 9.18 1.43
C ASN D 237 48.05 8.26 0.32
N ALA D 238 46.76 7.95 0.35
CA ALA D 238 46.15 7.12 -0.66
C ALA D 238 45.29 8.05 -1.52
N PRO D 239 45.34 7.89 -2.85
CA PRO D 239 44.56 8.72 -3.77
C PRO D 239 43.06 8.71 -3.43
N LEU D 240 42.38 9.85 -3.57
CA LEU D 240 40.95 9.89 -3.27
C LEU D 240 40.19 9.05 -4.30
N GLY D 241 40.84 8.73 -5.40
CA GLY D 241 40.20 7.90 -6.42
C GLY D 241 39.86 6.54 -5.85
N TYR D 242 40.55 6.15 -4.77
CA TYR D 242 40.30 4.85 -4.15
C TYR D 242 39.68 4.91 -2.75
N THR D 243 40.10 5.86 -1.93
CA THR D 243 39.54 5.97 -0.59
C THR D 243 38.08 6.39 -0.70
N LYS D 244 37.77 7.12 -1.77
CA LYS D 244 36.40 7.57 -2.02
C LYS D 244 35.84 6.62 -3.07
N GLY D 245 36.69 6.26 -4.02
CA GLY D 245 36.29 5.40 -5.12
C GLY D 245 35.69 4.04 -4.79
N ILE D 246 36.38 3.27 -3.96
CA ILE D 246 35.90 1.95 -3.60
C ILE D 246 34.54 1.99 -2.91
N PRO D 247 34.40 2.78 -1.84
CA PRO D 247 33.09 2.83 -1.17
C PRO D 247 31.96 3.28 -2.12
N THR D 248 32.27 4.23 -3.00
CA THR D 248 31.30 4.76 -3.95
C THR D 248 30.92 3.71 -4.98
N ALA D 249 31.89 2.93 -5.44
CA ALA D 249 31.59 1.88 -6.41
C ALA D 249 30.67 0.84 -5.75
N MET D 250 30.91 0.55 -4.47
CA MET D 250 30.11 -0.41 -3.74
C MET D 250 28.68 0.11 -3.63
N ALA D 251 28.56 1.41 -3.36
CA ALA D 251 27.26 2.04 -3.23
C ALA D 251 26.51 2.01 -4.54
N ALA D 252 27.22 2.29 -5.64
CA ALA D 252 26.63 2.28 -6.98
C ALA D 252 26.06 0.88 -7.26
N GLU D 253 26.80 -0.14 -6.88
CA GLU D 253 26.36 -1.52 -7.07
C GLU D 253 25.14 -1.87 -6.22
N ILE D 254 25.12 -1.36 -4.99
CA ILE D 254 24.00 -1.64 -4.11
C ILE D 254 22.76 -0.90 -4.59
N LEU D 255 22.94 0.34 -5.03
CA LEU D 255 21.79 1.10 -5.52
C LEU D 255 21.22 0.32 -6.70
N ALA D 256 22.10 -0.20 -7.54
CA ALA D 256 21.67 -0.97 -8.70
C ALA D 256 20.95 -2.25 -8.28
N ALA D 257 21.38 -2.86 -7.17
CA ALA D 257 20.71 -4.08 -6.71
C ALA D 257 19.33 -3.68 -6.22
N PHE D 258 19.24 -2.57 -5.50
CA PHE D 258 17.95 -2.13 -5.00
C PHE D 258 16.97 -1.85 -6.14
N VAL D 259 17.46 -1.37 -7.27
CA VAL D 259 16.58 -1.12 -8.41
C VAL D 259 16.12 -2.45 -8.99
N GLU D 260 16.93 -3.49 -8.83
CA GLU D 260 16.55 -4.82 -9.34
C GLU D 260 15.61 -5.53 -8.37
N SER D 261 15.71 -5.19 -7.08
CA SER D 261 14.86 -5.83 -6.08
C SER D 261 13.58 -5.04 -5.80
N THR D 262 13.46 -3.86 -6.39
CA THR D 262 12.29 -3.01 -6.21
C THR D 262 12.28 -2.22 -4.90
N ASP D 263 13.34 -2.34 -4.10
CA ASP D 263 13.42 -1.58 -2.85
C ASP D 263 13.53 -0.12 -3.27
N VAL D 264 14.02 0.11 -4.48
CA VAL D 264 14.18 1.46 -5.02
C VAL D 264 13.63 1.53 -6.44
N VAL D 265 13.08 2.68 -6.81
CA VAL D 265 12.52 2.90 -8.15
C VAL D 265 13.36 3.94 -8.88
N GLU D 266 13.76 3.61 -10.10
CA GLU D 266 14.56 4.51 -10.92
C GLU D 266 13.66 5.12 -11.99
N ASN D 267 13.86 6.41 -12.22
CA ASN D 267 13.09 7.16 -13.22
C ASN D 267 14.05 8.15 -13.86
N ILE D 268 14.30 8.00 -15.16
CA ILE D 268 15.18 8.94 -15.83
C ILE D 268 14.31 9.96 -16.53
N VAL D 269 14.16 11.13 -15.89
CA VAL D 269 13.34 12.19 -16.42
C VAL D 269 13.98 12.89 -17.62
N ASP D 270 13.21 12.97 -18.71
CA ASP D 270 13.69 13.58 -19.94
C ASP D 270 13.32 15.07 -19.98
N MET D 271 14.31 15.93 -19.81
CA MET D 271 14.09 17.37 -19.84
C MET D 271 13.69 17.89 -21.21
N SER D 272 13.88 17.09 -22.26
CA SER D 272 13.51 17.53 -23.61
C SER D 272 11.99 17.59 -23.78
N GLU D 273 11.27 17.23 -22.72
CA GLU D 273 9.82 17.24 -22.75
C GLU D 273 9.28 18.51 -22.09
N ILE D 274 10.15 19.20 -21.36
CA ILE D 274 9.76 20.45 -20.69
C ILE D 274 10.33 21.54 -21.59
N ASP D 275 11.62 21.41 -21.87
CA ASP D 275 12.33 22.34 -22.71
C ASP D 275 13.04 21.53 -23.79
N PRO D 276 12.50 21.51 -25.02
CA PRO D 276 13.12 20.76 -26.11
C PRO D 276 14.58 21.12 -26.38
N ASP D 277 15.04 22.22 -25.78
CA ASP D 277 16.43 22.66 -25.95
C ASP D 277 17.33 21.97 -24.91
N ASN D 278 16.72 21.47 -23.83
CA ASN D 278 17.44 20.80 -22.75
C ASN D 278 17.75 19.34 -23.09
N LYS D 279 19.03 19.03 -23.26
CA LYS D 279 19.47 17.68 -23.60
C LYS D 279 19.67 16.78 -22.38
N LYS D 280 19.37 17.29 -21.19
CA LYS D 280 19.55 16.53 -19.96
C LYS D 280 18.54 15.42 -19.69
N THR D 281 19.06 14.24 -19.35
CA THR D 281 18.24 13.10 -18.97
C THR D 281 18.71 12.89 -17.54
N ILE D 282 17.80 13.06 -16.59
CA ILE D 282 18.15 12.99 -15.17
C ILE D 282 17.52 11.85 -14.39
N GLY D 283 18.36 11.09 -13.69
CA GLY D 283 17.86 9.98 -12.92
C GLY D 283 17.37 10.36 -11.53
N LEU D 284 16.23 9.77 -11.16
CA LEU D 284 15.62 9.99 -9.84
C LEU D 284 15.37 8.64 -9.18
N TYR D 285 15.70 8.53 -7.90
CA TYR D 285 15.54 7.29 -7.17
C TYR D 285 14.66 7.47 -5.95
N THR D 286 13.63 6.64 -5.86
CA THR D 286 12.70 6.72 -4.76
C THR D 286 12.70 5.42 -3.96
N ILE D 287 13.04 5.53 -2.68
CA ILE D 287 13.03 4.37 -1.82
C ILE D 287 11.57 4.02 -1.57
N THR D 288 11.19 2.78 -1.86
CA THR D 288 9.82 2.33 -1.63
C THR D 288 9.55 2.45 -0.13
N GLU D 289 8.36 2.94 0.21
CA GLU D 289 8.03 3.13 1.62
C GLU D 289 7.34 1.97 2.31
N LEU D 290 7.79 1.71 3.53
CA LEU D 290 7.24 0.65 4.37
C LEU D 290 5.89 1.12 4.89
N ASP D 291 4.92 0.22 4.96
CA ASP D 291 3.61 0.59 5.45
C ASP D 291 3.78 1.32 6.79
N SER D 292 2.99 2.37 6.99
CA SER D 292 3.07 3.16 8.21
C SER D 292 2.86 2.34 9.49
N PHE D 293 2.27 1.16 9.34
CA PHE D 293 2.00 0.29 10.48
C PHE D 293 3.04 -0.83 10.65
N ASP D 294 4.10 -0.79 9.84
CA ASP D 294 5.17 -1.78 9.93
C ASP D 294 5.84 -1.56 11.29
N PRO D 295 6.00 -2.62 12.08
CA PRO D 295 6.62 -2.51 13.40
C PRO D 295 8.06 -1.98 13.40
N ILE D 296 8.77 -2.14 12.28
CA ILE D 296 10.14 -1.65 12.18
C ILE D 296 10.17 -0.16 12.52
N ASN D 297 9.11 0.55 12.13
CA ASN D 297 9.04 1.99 12.37
C ASN D 297 9.30 2.42 13.81
N SER D 298 8.93 1.57 14.77
CA SER D 298 9.13 1.90 16.18
C SER D 298 10.60 1.82 16.60
N PHE D 299 11.41 1.16 15.79
CA PHE D 299 12.84 1.04 16.05
C PHE D 299 13.50 0.66 14.73
N PRO D 300 13.71 1.66 13.86
CA PRO D 300 14.31 1.53 12.53
C PRO D 300 15.83 1.59 12.46
N THR D 301 16.48 1.67 13.61
CA THR D 301 17.94 1.78 13.66
C THR D 301 18.71 0.67 14.41
N ALA D 302 18.10 -0.52 14.51
CA ALA D 302 18.73 -1.65 15.18
C ALA D 302 20.05 -2.06 14.50
N ILE D 303 20.06 -2.08 13.17
CA ILE D 303 21.28 -2.44 12.43
C ILE D 303 22.39 -1.45 12.80
N GLU D 304 22.09 -0.17 12.67
CA GLU D 304 23.02 0.90 12.98
C GLU D 304 23.55 0.80 14.41
N GLU D 305 22.64 0.74 15.38
CA GLU D 305 23.05 0.68 16.78
C GLU D 305 23.78 -0.59 17.21
N ALA D 306 23.75 -1.63 16.39
CA ALA D 306 24.45 -2.86 16.71
C ALA D 306 25.79 -2.88 15.99
N VAL D 307 25.80 -2.39 14.75
CA VAL D 307 27.03 -2.37 13.98
C VAL D 307 28.05 -1.34 14.45
N LEU D 308 27.60 -0.10 14.63
CA LEU D 308 28.51 0.97 15.05
C LEU D 308 28.65 1.19 16.56
N VAL D 309 29.90 1.28 17.01
CA VAL D 309 30.21 1.51 18.42
C VAL D 309 29.64 2.86 18.84
N ASN D 310 29.68 3.82 17.91
CA ASN D 310 29.14 5.14 18.15
C ASN D 310 28.18 5.51 17.04
N PRO D 311 26.98 4.94 17.07
CA PRO D 311 25.90 5.15 16.11
C PRO D 311 25.60 6.62 15.89
N THR D 312 25.11 6.96 14.71
CA THR D 312 24.75 8.34 14.41
C THR D 312 23.24 8.42 14.39
N GLU D 313 22.61 7.46 13.72
CA GLU D 313 21.16 7.40 13.61
C GLU D 313 20.58 6.71 14.83
N LYS D 314 19.76 7.44 15.59
CA LYS D 314 19.17 6.91 16.82
C LYS D 314 18.40 7.99 17.57
N MET D 315 17.61 7.55 18.54
CA MET D 315 16.84 8.44 19.40
C MET D 315 17.71 8.71 20.61
N PHE D 316 17.61 9.92 21.17
CA PHE D 316 18.38 10.27 22.35
C PHE D 316 17.42 10.47 23.53
N PHE D 317 17.35 9.47 24.40
CA PHE D 317 16.45 9.51 25.55
C PHE D 317 17.16 9.74 26.89
N GLY D 318 16.49 10.47 27.77
CA GLY D 318 17.02 10.74 29.10
C GLY D 318 18.45 11.20 29.18
N ASP D 319 19.28 10.44 29.90
CA ASP D 319 20.70 10.78 30.06
C ASP D 319 21.53 10.67 28.78
N ASP D 320 21.03 9.92 27.80
CA ASP D 320 21.74 9.71 26.54
C ASP D 320 21.71 10.98 25.70
N ILE D 321 22.67 11.86 25.91
CA ILE D 321 22.71 13.12 25.17
C ILE D 321 23.56 13.10 23.90
N PRO D 322 23.11 13.79 22.85
CA PRO D 322 23.86 13.84 21.59
C PRO D 322 25.21 14.52 21.80
N PRO D 323 26.24 14.10 21.07
CA PRO D 323 27.57 14.70 21.19
C PRO D 323 27.61 16.03 20.43
N VAL D 324 28.57 16.89 20.77
CA VAL D 324 28.70 18.19 20.10
C VAL D 324 29.60 18.08 18.86
N ALA D 325 29.06 18.49 17.72
CA ALA D 325 29.77 18.44 16.45
C ALA D 325 30.95 19.39 16.45
N ASN D 326 32.09 18.92 15.95
CA ASN D 326 33.29 19.72 15.89
C ASN D 326 33.38 20.62 14.67
N THR D 327 32.85 20.16 13.54
CA THR D 327 32.93 20.95 12.33
C THR D 327 31.59 21.45 11.81
N GLN D 328 31.67 22.57 11.11
CA GLN D 328 30.51 23.22 10.53
C GLN D 328 29.88 22.24 9.55
N LEU D 329 28.56 22.17 9.55
CA LEU D 329 27.82 21.25 8.67
C LEU D 329 28.25 21.38 7.20
N ARG D 330 29.00 20.39 6.72
CA ARG D 330 29.47 20.35 5.34
C ARG D 330 30.50 21.42 4.98
N ASN D 331 31.39 21.68 5.93
CA ASN D 331 32.47 22.65 5.74
C ASN D 331 33.61 22.20 6.64
N PRO D 332 34.18 21.02 6.33
CA PRO D 332 35.29 20.36 7.02
C PRO D 332 36.39 21.30 7.51
N ALA D 333 36.75 22.29 6.69
CA ALA D 333 37.80 23.23 7.06
C ALA D 333 37.38 24.20 8.16
N VAL D 334 36.09 24.18 8.51
CA VAL D 334 35.62 25.09 9.52
C VAL D 334 35.17 24.40 10.80
N ARG D 335 35.95 24.56 11.86
CA ARG D 335 35.60 23.97 13.13
C ARG D 335 34.62 24.92 13.82
N ASN D 336 33.70 24.38 14.59
CA ASN D 336 32.74 25.20 15.31
C ASN D 336 33.55 25.94 16.37
N THR D 337 33.26 27.21 16.57
CA THR D 337 33.99 27.98 17.55
C THR D 337 33.60 27.46 18.93
N PRO D 338 34.39 27.80 19.95
CA PRO D 338 34.09 27.34 21.31
C PRO D 338 32.70 27.79 21.77
N GLU D 339 32.27 28.98 21.35
CA GLU D 339 30.96 29.50 21.73
C GLU D 339 29.86 28.75 20.98
N GLN D 340 30.09 28.48 19.71
CA GLN D 340 29.11 27.75 18.93
C GLN D 340 28.94 26.32 19.47
N LYS D 341 30.00 25.74 20.03
CA LYS D 341 29.90 24.40 20.58
C LYS D 341 29.12 24.46 21.90
N ALA D 342 29.28 25.57 22.62
CA ALA D 342 28.57 25.77 23.88
C ALA D 342 27.08 25.94 23.57
N ALA D 343 26.77 26.68 22.52
CA ALA D 343 25.39 26.90 22.11
C ALA D 343 24.76 25.57 21.71
N LEU D 344 25.42 24.85 20.81
CA LEU D 344 24.91 23.56 20.38
C LEU D 344 24.71 22.67 21.61
N LYS D 345 25.66 22.72 22.54
CA LYS D 345 25.56 21.90 23.74
C LYS D 345 24.31 22.24 24.55
N ALA D 346 24.06 23.53 24.75
CA ALA D 346 22.89 23.97 25.50
C ALA D 346 21.59 23.52 24.84
N GLU D 347 21.50 23.68 23.52
CA GLU D 347 20.30 23.29 22.79
C GLU D 347 20.10 21.77 22.77
N GLN D 348 21.19 21.02 22.87
CA GLN D 348 21.10 19.57 22.86
C GLN D 348 20.77 19.02 24.25
N ALA D 349 20.96 19.83 25.28
CA ALA D 349 20.67 19.41 26.66
C ALA D 349 19.20 19.55 27.01
N THR D 350 18.49 20.38 26.25
CA THR D 350 17.08 20.59 26.48
C THR D 350 16.28 19.29 26.38
N GLU D 351 15.32 19.13 27.26
CA GLU D 351 14.47 17.95 27.27
C GLU D 351 13.13 18.23 26.61
N PHE D 352 12.78 17.43 25.61
CA PHE D 352 11.50 17.60 24.94
C PHE D 352 10.58 16.49 25.43
N TYR D 353 9.32 16.82 25.63
CA TYR D 353 8.35 15.86 26.08
C TYR D 353 7.12 15.78 25.21
N VAL D 354 6.61 14.58 25.05
CA VAL D 354 5.41 14.34 24.29
C VAL D 354 4.22 14.92 25.08
N HIS D 355 3.33 15.59 24.36
CA HIS D 355 2.12 16.14 24.97
C HIS D 355 0.99 15.22 24.51
N THR D 356 0.63 14.27 25.37
CA THR D 356 -0.38 13.29 25.08
C THR D 356 -1.72 13.79 24.54
N PRO D 357 -2.27 14.86 25.12
CA PRO D 357 -3.55 15.32 24.58
C PRO D 357 -3.54 15.57 23.06
N MET D 358 -2.47 16.18 22.56
CA MET D 358 -2.39 16.48 21.13
C MET D 358 -2.19 15.19 20.33
N VAL D 359 -1.39 14.28 20.87
CA VAL D 359 -1.15 13.02 20.17
C VAL D 359 -2.50 12.33 20.05
N GLN D 360 -3.22 12.27 21.15
CA GLN D 360 -4.52 11.64 21.18
C GLN D 360 -5.43 12.29 20.16
N PHE D 361 -5.44 13.62 20.13
CA PHE D 361 -6.28 14.34 19.18
C PHE D 361 -5.95 13.92 17.73
N TYR D 362 -4.68 13.99 17.37
CA TYR D 362 -4.25 13.60 16.03
C TYR D 362 -4.76 12.19 15.69
N GLU D 363 -4.52 11.24 16.58
CA GLU D 363 -4.96 9.85 16.37
C GLU D 363 -6.46 9.74 16.11
N THR D 364 -7.25 10.32 17.01
CA THR D 364 -8.70 10.28 16.90
C THR D 364 -9.16 10.92 15.61
N LEU D 365 -8.53 12.03 15.24
CA LEU D 365 -8.88 12.71 14.00
C LEU D 365 -8.63 11.72 12.89
N GLY D 366 -7.45 11.09 12.92
CA GLY D 366 -7.07 10.14 11.91
C GLY D 366 -6.26 10.84 10.83
N LYS D 367 -5.38 10.09 10.18
CA LYS D 367 -4.54 10.65 9.14
C LYS D 367 -5.32 11.19 7.94
N ASP D 368 -6.45 10.59 7.62
CA ASP D 368 -7.23 11.07 6.49
C ASP D 368 -7.96 12.37 6.80
N ARG D 369 -8.39 12.55 8.05
CA ARG D 369 -9.08 13.78 8.41
C ARG D 369 -8.11 14.91 8.68
N ILE D 370 -6.84 14.58 8.95
CA ILE D 370 -5.84 15.60 9.15
C ILE D 370 -5.46 16.10 7.76
N LEU D 371 -5.47 15.18 6.79
CA LEU D 371 -5.15 15.56 5.41
C LEU D 371 -6.28 16.41 4.84
N GLU D 372 -7.52 16.05 5.16
CA GLU D 372 -8.64 16.82 4.65
C GLU D 372 -8.69 18.19 5.31
N LEU D 373 -8.27 18.26 6.57
CA LEU D 373 -8.28 19.49 7.35
C LEU D 373 -7.08 20.39 7.11
N MET D 374 -5.88 19.79 7.14
CA MET D 374 -4.65 20.56 6.98
C MET D 374 -4.01 20.48 5.60
N GLY D 375 -4.36 19.45 4.84
CA GLY D 375 -3.80 19.30 3.50
C GLY D 375 -4.85 19.62 2.46
N ALA D 376 -4.98 18.75 1.47
CA ALA D 376 -5.96 18.94 0.41
C ALA D 376 -6.77 17.65 0.28
N GLY D 377 -6.65 16.79 1.29
CA GLY D 377 -7.32 15.51 1.35
C GLY D 377 -8.10 14.94 0.17
N THR D 378 -7.82 13.68 -0.16
CA THR D 378 -8.51 12.99 -1.24
C THR D 378 -8.65 13.79 -2.54
N LEU D 379 -7.66 13.66 -3.41
CA LEU D 379 -7.69 14.34 -4.71
C LEU D 379 -8.30 13.36 -5.70
N ASN D 380 -8.45 12.11 -5.26
CA ASN D 380 -9.00 11.03 -6.07
C ASN D 380 -9.84 11.57 -7.23
N LYS D 381 -10.67 12.59 -6.93
CA LYS D 381 -11.50 13.19 -7.97
C LYS D 381 -10.55 14.01 -8.83
N GLU D 382 -9.79 13.32 -9.66
CA GLU D 382 -8.83 13.97 -10.54
C GLU D 382 -9.60 14.75 -11.59
N LEU D 383 -10.61 15.47 -11.12
CA LEU D 383 -11.46 16.32 -11.91
C LEU D 383 -11.05 17.74 -11.55
N LEU D 384 -9.75 18.00 -11.75
CA LEU D 384 -9.18 19.30 -11.47
C LEU D 384 -7.97 19.47 -12.37
N ASN D 385 -7.58 20.72 -12.60
CA ASN D 385 -6.44 21.02 -13.44
C ASN D 385 -5.23 20.16 -13.11
N ASP D 386 -4.45 19.81 -14.13
CA ASP D 386 -3.25 19.00 -13.93
C ASP D 386 -2.31 19.68 -12.95
N ASN D 387 -1.87 20.88 -13.31
CA ASN D 387 -0.94 21.62 -12.47
C ASN D 387 -1.43 21.76 -11.04
N HIS D 388 -2.70 22.13 -10.88
CA HIS D 388 -3.29 22.29 -9.55
C HIS D 388 -3.16 20.98 -8.75
N ALA D 389 -3.47 19.87 -9.40
CA ALA D 389 -3.37 18.56 -8.78
C ALA D 389 -1.94 18.25 -8.37
N LYS D 390 -0.99 18.53 -9.25
CA LYS D 390 0.42 18.28 -8.97
C LYS D 390 0.89 19.02 -7.73
N SER D 391 0.27 20.17 -7.45
CA SER D 391 0.63 20.97 -6.29
C SER D 391 -0.08 20.46 -5.03
N LEU D 392 -1.36 20.12 -5.17
CA LEU D 392 -2.14 19.60 -4.06
C LEU D 392 -1.48 18.34 -3.48
N GLU D 393 -1.04 17.44 -4.35
CA GLU D 393 -0.39 16.21 -3.93
C GLU D 393 0.83 16.51 -3.06
N GLY D 394 1.51 17.61 -3.38
CA GLY D 394 2.69 18.00 -2.61
C GLY D 394 2.34 18.53 -1.24
N LYS D 395 1.19 19.19 -1.13
CA LYS D 395 0.76 19.73 0.15
C LYS D 395 0.29 18.57 1.04
N ASN D 396 -0.21 17.51 0.41
CA ASN D 396 -0.68 16.34 1.14
C ASN D 396 0.47 15.49 1.69
N ARG D 397 1.45 15.21 0.83
CA ARG D 397 2.59 14.39 1.23
C ARG D 397 3.32 14.99 2.43
N SER D 398 3.51 16.30 2.41
CA SER D 398 4.20 16.98 3.48
C SER D 398 3.49 16.77 4.81
N VAL D 399 2.16 16.84 4.78
CA VAL D 399 1.37 16.64 5.99
C VAL D 399 1.36 15.16 6.37
N GLU D 400 1.28 14.31 5.37
CA GLU D 400 1.26 12.87 5.58
C GLU D 400 2.57 12.30 6.13
N ASP D 401 3.69 12.76 5.59
CA ASP D 401 4.99 12.27 6.05
C ASP D 401 5.28 12.77 7.46
N SER D 402 4.90 14.01 7.75
CA SER D 402 5.12 14.58 9.07
C SER D 402 4.25 13.82 10.07
N TYR D 403 3.10 13.36 9.61
CA TYR D 403 2.20 12.60 10.46
C TYR D 403 2.84 11.24 10.76
N ASN D 404 3.11 10.48 9.71
CA ASN D 404 3.72 9.15 9.88
C ASN D 404 5.00 9.21 10.70
N GLN D 405 5.85 10.18 10.39
CA GLN D 405 7.11 10.33 11.11
C GLN D 405 6.85 10.61 12.59
N LEU D 406 5.87 11.47 12.88
CA LEU D 406 5.55 11.78 14.27
C LEU D 406 5.16 10.52 15.02
N PHE D 407 4.32 9.70 14.40
CA PHE D 407 3.86 8.49 15.07
C PHE D 407 4.85 7.34 15.15
N SER D 408 5.88 7.36 14.32
CA SER D 408 6.90 6.32 14.39
C SER D 408 7.69 6.67 15.63
N VAL D 409 7.93 7.97 15.80
CA VAL D 409 8.66 8.48 16.96
C VAL D 409 7.91 8.21 18.26
N ILE D 410 6.62 8.51 18.33
CA ILE D 410 5.90 8.27 19.58
C ILE D 410 5.83 6.79 19.91
N GLU D 411 5.86 5.93 18.90
CA GLU D 411 5.82 4.49 19.16
C GLU D 411 7.09 4.04 19.88
N GLN D 412 8.23 4.60 19.51
CA GLN D 412 9.48 4.24 20.16
C GLN D 412 9.52 4.82 21.58
N VAL D 413 9.00 6.03 21.72
CA VAL D 413 8.95 6.70 23.01
C VAL D 413 7.99 5.95 23.94
N ARG D 414 6.92 5.40 23.39
CA ARG D 414 5.95 4.65 24.18
C ARG D 414 6.58 3.44 24.85
N ALA D 415 7.64 2.91 24.26
CA ALA D 415 8.28 1.73 24.81
C ALA D 415 9.35 2.01 25.89
N GLN D 416 9.81 3.25 25.98
CA GLN D 416 10.85 3.62 26.95
C GLN D 416 10.39 3.58 28.40
N SER D 417 9.09 3.53 28.61
CA SER D 417 8.51 3.50 29.97
C SER D 417 6.99 3.52 29.86
N GLU D 418 6.31 3.48 31.00
CA GLU D 418 4.86 3.45 31.00
C GLU D 418 4.16 4.79 30.86
N ASP D 419 4.83 5.87 31.24
CA ASP D 419 4.22 7.20 31.11
C ASP D 419 4.90 8.00 30.00
N ILE D 420 4.33 7.92 28.81
CA ILE D 420 4.82 8.60 27.64
C ILE D 420 5.29 10.05 27.87
N SER D 421 4.54 10.82 28.65
CA SER D 421 4.88 12.22 28.87
C SER D 421 6.09 12.54 29.76
N THR D 422 6.69 11.53 30.39
CA THR D 422 7.84 11.77 31.25
C THR D 422 9.14 11.25 30.66
N VAL D 423 9.10 10.86 29.39
CA VAL D 423 10.30 10.35 28.70
C VAL D 423 11.05 11.55 28.13
N PRO D 424 12.30 11.76 28.57
CA PRO D 424 13.09 12.89 28.06
C PRO D 424 13.70 12.61 26.68
N ILE D 425 13.34 13.43 25.71
CA ILE D 425 13.84 13.28 24.35
C ILE D 425 14.83 14.41 24.02
N HIS D 426 16.02 14.04 23.55
CA HIS D 426 17.02 15.04 23.19
C HIS D 426 17.19 15.07 21.69
N TYR D 427 17.41 16.27 21.15
CA TYR D 427 17.61 16.44 19.72
C TYR D 427 19.00 16.94 19.41
N ALA D 428 19.59 16.36 18.37
CA ALA D 428 20.91 16.76 17.93
C ALA D 428 20.77 17.94 16.98
N TYR D 429 21.66 18.91 17.13
CA TYR D 429 21.70 20.11 16.28
C TYR D 429 23.11 20.21 15.70
N ASN D 430 23.25 20.98 14.64
CA ASN D 430 24.56 21.24 14.06
C ASN D 430 24.54 22.67 13.54
N MET D 431 25.71 23.26 13.44
CA MET D 431 25.81 24.63 12.96
C MET D 431 25.95 24.60 11.44
N THR D 432 25.18 25.45 10.74
CA THR D 432 25.25 25.51 9.28
C THR D 432 26.22 26.61 8.81
N ARG D 433 26.40 26.72 7.51
CA ARG D 433 27.28 27.71 6.89
C ARG D 433 26.93 29.15 7.27
N VAL D 434 25.67 29.40 7.55
CA VAL D 434 25.28 30.75 7.88
C VAL D 434 25.12 31.01 9.36
N GLY D 435 25.62 30.08 10.18
CA GLY D 435 25.55 30.25 11.62
C GLY D 435 24.29 29.84 12.33
N ARG D 436 23.38 29.17 11.63
CA ARG D 436 22.14 28.75 12.25
C ARG D 436 22.28 27.39 12.93
N MET D 437 21.58 27.23 14.04
CA MET D 437 21.61 25.96 14.77
C MET D 437 20.42 25.16 14.28
N GLN D 438 20.66 24.27 13.33
CA GLN D 438 19.60 23.46 12.75
C GLN D 438 19.44 22.11 13.42
N MET D 439 18.20 21.74 13.69
CA MET D 439 17.90 20.47 14.31
C MET D 439 18.02 19.42 13.20
N LEU D 440 18.75 18.34 13.44
CA LEU D 440 18.90 17.33 12.40
C LEU D 440 17.59 16.59 12.16
N GLY D 441 17.33 16.23 10.91
CA GLY D 441 16.11 15.53 10.59
C GLY D 441 15.18 16.34 9.68
N LYS D 442 14.40 15.63 8.89
CA LYS D 442 13.48 16.27 7.97
C LYS D 442 12.28 16.81 8.75
N TYR D 443 11.62 15.91 9.50
CA TYR D 443 10.46 16.26 10.30
C TYR D 443 10.81 16.19 11.78
N ASN D 444 10.89 17.36 12.41
CA ASN D 444 11.21 17.50 13.83
C ASN D 444 10.55 18.78 14.35
N PRO D 445 10.48 18.94 15.68
CA PRO D 445 9.86 20.12 16.30
C PRO D 445 10.18 21.45 15.61
N GLN D 446 11.45 21.69 15.37
CA GLN D 446 11.88 22.92 14.73
C GLN D 446 11.41 23.04 13.28
N SER D 447 11.37 21.91 12.58
CA SER D 447 11.00 21.90 11.16
C SER D 447 9.57 21.57 10.76
N ALA D 448 8.90 20.70 11.50
CA ALA D 448 7.54 20.31 11.13
C ALA D 448 6.49 20.83 12.10
N LYS D 449 5.67 21.75 11.63
CA LYS D 449 4.63 22.32 12.48
C LYS D 449 3.78 21.26 13.19
N LEU D 450 3.36 20.24 12.46
CA LEU D 450 2.55 19.18 13.06
C LEU D 450 3.24 18.54 14.27
N VAL D 451 4.54 18.32 14.16
CA VAL D 451 5.34 17.70 15.20
C VAL D 451 5.60 18.65 16.36
N ARG D 452 5.73 19.93 16.03
CA ARG D 452 6.00 20.99 17.00
C ARG D 452 4.91 21.11 18.07
N GLU D 453 3.70 20.65 17.75
CA GLU D 453 2.61 20.74 18.70
C GLU D 453 2.40 19.44 19.48
N ALA D 454 3.18 18.42 19.16
CA ALA D 454 3.07 17.13 19.85
C ALA D 454 4.27 16.82 20.72
N ILE D 455 5.38 17.50 20.45
CA ILE D 455 6.61 17.31 21.23
C ILE D 455 7.22 18.68 21.52
N LEU D 456 7.09 19.10 22.78
CA LEU D 456 7.55 20.41 23.22
C LEU D 456 8.51 20.31 24.38
N PRO D 457 9.31 21.37 24.61
CA PRO D 457 10.29 21.48 25.68
C PRO D 457 9.68 22.49 26.67
N THR D 458 8.59 23.12 26.23
CA THR D 458 7.91 24.14 27.01
C THR D 458 6.94 23.56 28.03
N LYS D 459 6.96 24.09 29.24
CA LYS D 459 6.05 23.63 30.27
C LYS D 459 5.79 24.70 31.33
N ALA D 460 4.57 24.74 31.85
CA ALA D 460 4.23 25.72 32.87
C ALA D 460 3.09 25.27 33.77
N THR D 461 3.13 25.73 35.02
CA THR D 461 2.08 25.41 35.99
C THR D 461 1.39 26.74 36.23
N LEU D 462 0.10 26.79 35.96
CA LEU D 462 -0.64 28.04 36.09
C LEU D 462 -1.88 27.98 36.99
N ASP D 463 -2.10 29.07 37.73
CA ASP D 463 -3.28 29.18 38.56
C ASP D 463 -4.25 29.96 37.68
N LEU D 464 -5.23 29.26 37.10
CA LEU D 464 -6.20 29.92 36.23
C LEU D 464 -7.54 30.06 36.90
N SER D 465 -7.55 30.04 38.23
CA SER D 465 -8.78 30.16 39.00
C SER D 465 -9.31 31.59 38.94
N ASN D 466 -8.40 32.56 38.90
CA ASN D 466 -8.77 33.97 38.83
C ASN D 466 -8.28 34.53 37.49
N GLN D 467 -9.21 35.04 36.69
CA GLN D 467 -8.86 35.57 35.38
C GLN D 467 -8.18 36.94 35.39
N ASN D 468 -8.04 37.53 36.58
CA ASN D 468 -7.38 38.82 36.73
C ASN D 468 -5.90 38.64 37.05
N ASN D 469 -5.52 37.39 37.35
CA ASN D 469 -4.13 37.03 37.67
C ASN D 469 -3.23 37.11 36.44
N GLU D 470 -1.94 37.32 36.66
CA GLU D 470 -0.99 37.40 35.57
C GLU D 470 -0.87 36.03 34.86
N ASP D 471 -1.00 34.94 35.62
CA ASP D 471 -0.91 33.60 35.03
C ASP D 471 -2.01 33.44 33.98
N PHE D 472 -3.21 33.94 34.28
CA PHE D 472 -4.27 33.80 33.30
C PHE D 472 -4.00 34.70 32.11
N SER D 473 -3.35 35.84 32.36
CA SER D 473 -3.04 36.75 31.26
C SER D 473 -2.05 36.08 30.32
N ALA D 474 -1.04 35.43 30.87
CA ALA D 474 -0.02 34.73 30.08
C ALA D 474 -0.67 33.62 29.24
N PHE D 475 -1.66 32.97 29.82
CA PHE D 475 -2.40 31.90 29.16
C PHE D 475 -3.16 32.52 27.98
N GLN D 476 -3.72 33.71 28.17
CA GLN D 476 -4.46 34.38 27.11
C GLN D 476 -3.52 34.75 25.97
N LEU D 477 -2.34 35.24 26.32
CA LEU D 477 -1.34 35.63 25.32
C LEU D 477 -0.96 34.44 24.43
N GLY D 478 -0.85 33.27 25.05
CA GLY D 478 -0.50 32.07 24.30
C GLY D 478 -1.64 31.66 23.39
N LEU D 479 -2.87 31.69 23.93
CA LEU D 479 -4.04 31.32 23.15
C LEU D 479 -4.23 32.30 21.99
N ALA D 480 -4.24 33.59 22.33
CA ALA D 480 -4.41 34.65 21.35
C ALA D 480 -3.38 34.54 20.21
N GLN D 481 -2.11 34.38 20.56
CA GLN D 481 -1.10 34.30 19.52
C GLN D 481 -1.27 33.06 18.64
N ALA D 482 -1.68 31.94 19.25
CA ALA D 482 -1.87 30.72 18.49
C ALA D 482 -3.05 30.84 17.54
N LEU D 483 -4.04 31.64 17.93
CA LEU D 483 -5.25 31.85 17.15
C LEU D 483 -5.12 32.99 16.15
N ASP D 484 -3.88 33.30 15.80
CA ASP D 484 -3.54 34.36 14.86
C ASP D 484 -3.92 35.79 15.21
N ILE D 485 -4.15 36.08 16.48
CA ILE D 485 -4.44 37.46 16.85
C ILE D 485 -3.08 38.17 16.81
N LYS D 486 -3.04 39.41 16.33
CA LYS D 486 -1.76 40.12 16.22
C LYS D 486 -1.26 40.63 17.56
N VAL D 487 -0.87 39.68 18.39
CA VAL D 487 -0.38 39.88 19.76
C VAL D 487 0.65 40.98 20.05
N HIS D 488 1.64 41.14 19.19
CA HIS D 488 2.68 42.13 19.41
C HIS D 488 2.28 43.57 19.04
N THR D 489 1.10 43.74 18.44
CA THR D 489 0.65 45.06 18.04
C THR D 489 -0.39 45.69 18.97
N MET D 490 -0.65 45.05 20.11
CA MET D 490 -1.65 45.57 21.05
C MET D 490 -1.31 45.19 22.48
N THR D 491 -1.95 45.88 23.43
CA THR D 491 -1.72 45.64 24.84
C THR D 491 -2.48 44.41 25.35
N ARG D 492 -2.08 43.88 26.51
CA ARG D 492 -2.72 42.71 27.12
C ARG D 492 -4.22 42.92 27.25
N GLU D 493 -4.60 44.07 27.79
CA GLU D 493 -6.00 44.41 27.98
C GLU D 493 -6.76 44.35 26.65
N VAL D 494 -6.18 44.94 25.61
CA VAL D 494 -6.82 44.96 24.30
C VAL D 494 -6.91 43.58 23.70
N MET D 495 -5.81 42.82 23.75
CA MET D 495 -5.84 41.48 23.18
C MET D 495 -6.73 40.57 24.02
N SER D 496 -6.89 40.92 25.29
CA SER D 496 -7.74 40.14 26.18
C SER D 496 -9.19 40.24 25.71
N ASP D 497 -9.63 41.45 25.37
CA ASP D 497 -11.01 41.65 24.90
C ASP D 497 -11.21 41.03 23.54
N GLU D 498 -10.16 41.06 22.71
CA GLU D 498 -10.23 40.48 21.38
C GLU D 498 -10.33 38.97 21.45
N LEU D 499 -9.49 38.35 22.26
CA LEU D 499 -9.51 36.90 22.40
C LEU D 499 -10.84 36.40 22.93
N THR D 500 -11.35 37.10 23.94
CA THR D 500 -12.62 36.75 24.59
C THR D 500 -13.80 36.78 23.63
N LYS D 501 -13.86 37.82 22.80
CA LYS D 501 -14.96 37.94 21.84
C LYS D 501 -14.88 36.83 20.79
N LEU D 502 -13.67 36.32 20.56
CA LEU D 502 -13.45 35.26 19.59
C LEU D 502 -13.73 33.86 20.16
N LEU D 503 -13.50 33.68 21.46
CA LEU D 503 -13.73 32.38 22.10
C LEU D 503 -15.21 32.17 22.37
N GLU D 504 -15.94 33.27 22.52
CA GLU D 504 -17.37 33.23 22.77
C GLU D 504 -18.09 33.40 21.44
N GLY D 505 -17.32 33.65 20.39
CA GLY D 505 -17.91 33.86 19.07
C GLY D 505 -17.72 32.72 18.10
N ASN D 506 -16.95 32.97 17.05
CA ASN D 506 -16.70 31.96 16.03
C ASN D 506 -16.09 30.64 16.48
N LEU D 507 -15.14 30.69 17.42
CA LEU D 507 -14.49 29.47 17.89
C LEU D 507 -15.34 28.62 18.83
N LYS D 508 -16.35 29.22 19.45
CA LYS D 508 -17.19 28.49 20.40
C LYS D 508 -17.54 27.05 20.00
N PRO D 509 -18.21 26.84 18.84
CA PRO D 509 -18.57 25.49 18.40
C PRO D 509 -17.41 24.49 18.49
N ALA D 510 -16.22 24.95 18.13
CA ALA D 510 -15.02 24.13 18.16
C ALA D 510 -14.60 23.89 19.60
N ILE D 511 -14.75 24.93 20.44
CA ILE D 511 -14.39 24.79 21.84
C ILE D 511 -15.29 23.75 22.48
N ASP D 512 -16.60 23.84 22.22
CA ASP D 512 -17.54 22.89 22.78
C ASP D 512 -17.17 21.48 22.33
N MET D 513 -16.95 21.32 21.03
CA MET D 513 -16.56 20.01 20.50
C MET D 513 -15.28 19.51 21.17
N MET D 514 -14.34 20.42 21.40
CA MET D 514 -13.08 20.06 22.03
C MET D 514 -13.25 19.71 23.48
N VAL D 515 -14.20 20.38 24.13
CA VAL D 515 -14.49 20.14 25.54
C VAL D 515 -15.04 18.71 25.64
N GLU D 516 -15.82 18.32 24.64
CA GLU D 516 -16.43 16.99 24.59
C GLU D 516 -15.35 15.94 24.36
N PHE D 517 -14.39 16.25 23.50
CA PHE D 517 -13.32 15.31 23.23
C PHE D 517 -12.54 15.06 24.51
N ASN D 518 -12.20 16.12 25.22
CA ASN D 518 -11.44 15.99 26.47
C ASN D 518 -12.29 15.44 27.60
N THR D 519 -13.57 15.14 27.31
CA THR D 519 -14.45 14.60 28.33
C THR D 519 -14.72 13.13 28.07
N THR D 520 -14.99 12.76 26.82
CA THR D 520 -15.29 11.36 26.50
C THR D 520 -14.24 10.73 25.59
N GLY D 521 -13.30 11.55 25.11
CA GLY D 521 -12.26 11.04 24.24
C GLY D 521 -12.76 10.66 22.85
N SER D 522 -13.86 11.28 22.43
CA SER D 522 -14.42 10.99 21.11
C SER D 522 -14.68 12.27 20.30
N LEU D 523 -14.82 12.13 18.98
CA LEU D 523 -15.08 13.26 18.10
C LEU D 523 -16.31 13.01 17.27
N PRO D 524 -16.91 14.10 16.75
CA PRO D 524 -18.11 13.97 15.92
C PRO D 524 -17.69 13.59 14.50
N GLU D 525 -18.62 13.09 13.70
CA GLU D 525 -18.30 12.73 12.32
C GLU D 525 -17.99 13.98 11.52
N ASN D 526 -18.47 15.13 11.98
CA ASN D 526 -18.24 16.38 11.26
C ASN D 526 -17.13 17.21 11.86
N ALA D 527 -16.32 16.59 12.71
CA ALA D 527 -15.20 17.26 13.36
C ALA D 527 -14.43 18.21 12.41
N VAL D 528 -14.13 17.74 11.21
CA VAL D 528 -13.39 18.55 10.23
C VAL D 528 -14.15 19.84 9.85
N ASP D 529 -15.46 19.74 9.63
CA ASP D 529 -16.26 20.92 9.26
C ASP D 529 -16.37 21.93 10.39
N VAL D 530 -16.52 21.45 11.62
CA VAL D 530 -16.61 22.34 12.78
C VAL D 530 -15.34 23.16 12.91
N LEU D 531 -14.19 22.50 12.82
CA LEU D 531 -12.90 23.17 12.92
C LEU D 531 -12.67 24.21 11.81
N ASN D 532 -12.99 23.83 10.57
CA ASN D 532 -12.82 24.72 9.43
C ASN D 532 -13.66 25.99 9.54
N THR D 533 -14.95 25.79 9.79
CA THR D 533 -15.87 26.91 9.91
C THR D 533 -15.45 27.81 11.07
N ALA D 534 -15.13 27.20 12.20
CA ALA D 534 -14.74 27.94 13.40
C ALA D 534 -13.44 28.73 13.25
N LEU D 535 -12.38 28.06 12.78
CA LEU D 535 -11.08 28.72 12.63
C LEU D 535 -10.92 29.63 11.41
N GLY D 536 -11.45 29.24 10.26
CA GLY D 536 -11.33 30.06 9.08
C GLY D 536 -9.87 30.26 8.66
N ASP D 537 -9.46 31.50 8.46
CA ASP D 537 -8.09 31.80 8.05
C ASP D 537 -7.07 31.65 9.19
N ARG D 538 -7.56 31.34 10.37
CA ARG D 538 -6.72 31.17 11.54
C ARG D 538 -6.19 29.74 11.64
N LYS D 539 -6.78 28.84 10.84
CA LYS D 539 -6.40 27.44 10.86
C LYS D 539 -4.91 27.16 10.73
N SER D 540 -4.38 26.41 11.70
CA SER D 540 -2.98 26.03 11.74
C SER D 540 -2.86 24.98 12.83
N PHE D 541 -1.72 24.30 12.87
CA PHE D 541 -1.50 23.30 13.90
C PHE D 541 -1.43 23.93 15.28
N VAL D 542 -0.68 25.01 15.42
CA VAL D 542 -0.58 25.66 16.73
C VAL D 542 -1.96 26.15 17.16
N ALA D 543 -2.88 26.28 16.20
CA ALA D 543 -4.23 26.72 16.54
C ALA D 543 -5.03 25.56 17.14
N LEU D 544 -4.76 24.35 16.67
CA LEU D 544 -5.45 23.17 17.20
C LEU D 544 -5.03 23.04 18.65
N MET D 545 -3.75 23.28 18.91
CA MET D 545 -3.18 23.21 20.25
C MET D 545 -3.87 24.21 21.17
N ALA D 546 -4.12 25.40 20.66
CA ALA D 546 -4.77 26.45 21.43
C ALA D 546 -6.21 26.06 21.76
N LEU D 547 -6.90 25.46 20.80
CA LEU D 547 -8.27 25.02 21.04
C LEU D 547 -8.26 23.90 22.07
N MET D 548 -7.30 22.99 21.90
CA MET D 548 -7.13 21.85 22.78
C MET D 548 -6.89 22.27 24.22
N GLU D 549 -5.86 23.08 24.44
CA GLU D 549 -5.53 23.52 25.79
C GLU D 549 -6.65 24.34 26.42
N TYR D 550 -7.20 25.29 25.68
CA TYR D 550 -8.28 26.08 26.27
C TYR D 550 -9.39 25.14 26.72
N SER D 551 -9.70 24.14 25.90
CA SER D 551 -10.74 23.19 26.27
C SER D 551 -10.29 22.31 27.45
N ARG D 552 -9.01 21.95 27.51
CA ARG D 552 -8.52 21.13 28.62
C ARG D 552 -8.74 21.94 29.89
N TYR D 553 -8.39 23.22 29.83
CA TYR D 553 -8.55 24.13 30.96
C TYR D 553 -10.01 24.20 31.41
N LEU D 554 -10.93 24.16 30.45
CA LEU D 554 -12.35 24.26 30.76
C LEU D 554 -12.87 23.07 31.57
N VAL D 555 -12.33 21.89 31.34
CA VAL D 555 -12.79 20.70 32.05
C VAL D 555 -11.86 20.28 33.19
N ALA D 556 -10.72 20.94 33.31
CA ALA D 556 -9.74 20.64 34.33
C ALA D 556 -10.32 20.64 35.74
N GLU D 557 -9.94 19.64 36.52
CA GLU D 557 -10.41 19.52 37.90
C GLU D 557 -9.63 20.49 38.79
N ASP D 558 -8.39 20.78 38.42
CA ASP D 558 -7.56 21.67 39.22
C ASP D 558 -7.11 22.88 38.42
N LYS D 559 -8.04 23.78 38.15
CA LYS D 559 -7.75 24.98 37.40
C LYS D 559 -6.76 25.85 38.17
N SER D 560 -6.62 25.58 39.46
CA SER D 560 -5.71 26.36 40.30
C SER D 560 -4.23 26.06 40.08
N ALA D 561 -3.95 24.95 39.40
CA ALA D 561 -2.56 24.55 39.09
C ALA D 561 -2.56 23.75 37.79
N PHE D 562 -2.99 24.41 36.73
CA PHE D 562 -3.08 23.80 35.41
C PHE D 562 -1.70 23.70 34.78
N VAL D 563 -1.36 22.51 34.29
CA VAL D 563 -0.07 22.28 33.65
C VAL D 563 -0.23 22.24 32.13
N THR D 564 0.55 23.05 31.42
CA THR D 564 0.43 23.10 29.98
C THR D 564 1.74 23.43 29.30
N PRO D 565 1.89 22.99 28.04
CA PRO D 565 3.09 23.24 27.25
C PRO D 565 2.85 24.39 26.25
N LEU D 566 1.63 24.93 26.25
CA LEU D 566 1.24 26.04 25.38
C LEU D 566 2.32 27.11 25.57
N TYR D 567 2.80 27.66 24.47
CA TYR D 567 3.87 28.63 24.57
C TYR D 567 3.58 29.93 23.87
N VAL D 568 4.46 30.90 24.09
CA VAL D 568 4.37 32.17 23.42
C VAL D 568 5.70 32.32 22.70
N GLU D 569 5.65 32.68 21.44
CA GLU D 569 6.88 32.85 20.71
C GLU D 569 7.29 34.30 20.74
N ALA D 570 8.46 34.58 21.32
CA ALA D 570 8.97 35.95 21.31
C ALA D 570 9.34 35.95 19.82
N ASP D 571 8.66 36.76 19.02
CA ASP D 571 8.89 36.73 17.58
C ASP D 571 9.52 37.95 16.90
N GLY D 572 10.57 37.70 16.11
CA GLY D 572 11.24 38.79 15.43
C GLY D 572 10.33 39.52 14.48
N VAL D 573 10.35 40.85 14.54
CA VAL D 573 9.53 41.65 13.65
C VAL D 573 10.43 42.06 12.48
N THR D 574 10.12 41.58 11.29
CA THR D 574 10.94 41.85 10.12
C THR D 574 12.39 41.70 10.55
N ASN D 575 12.69 40.57 11.18
CA ASN D 575 14.02 40.24 11.70
C ASN D 575 15.19 40.46 10.72
N GLY D 576 15.15 39.76 9.58
CA GLY D 576 16.22 39.87 8.60
C GLY D 576 16.58 41.27 8.15
N PRO D 577 15.61 42.04 7.63
CA PRO D 577 15.91 43.40 7.18
C PRO D 577 16.32 44.32 8.35
N ILE D 578 15.66 44.20 9.48
CA ILE D 578 16.01 45.04 10.62
C ILE D 578 17.45 44.77 11.04
N ASN D 579 17.82 43.49 11.14
CA ASN D 579 19.20 43.14 11.51
C ASN D 579 20.18 43.77 10.53
N ALA D 580 19.94 43.61 9.25
CA ALA D 580 20.82 44.20 8.26
C ALA D 580 20.85 45.72 8.36
N MET D 581 19.70 46.33 8.59
CA MET D 581 19.66 47.79 8.69
C MET D 581 20.51 48.27 9.86
N MET D 582 20.53 47.50 10.93
CA MET D 582 21.30 47.86 12.10
C MET D 582 22.78 47.47 12.01
N LEU D 583 23.07 46.35 11.35
CA LEU D 583 24.44 45.87 11.22
C LEU D 583 25.26 46.50 10.11
N MET D 584 24.61 46.97 9.06
CA MET D 584 25.36 47.54 7.96
C MET D 584 25.05 48.93 7.43
N THR D 585 24.13 49.65 8.06
CA THR D 585 23.87 51.02 7.63
C THR D 585 25.13 51.76 8.09
N GLY D 586 25.76 52.50 7.20
CA GLY D 586 27.00 53.15 7.60
C GLY D 586 27.21 54.65 7.60
N GLY D 587 26.22 55.44 7.23
CA GLY D 587 26.46 56.88 7.24
C GLY D 587 26.14 57.55 8.56
N LEU D 588 25.77 58.81 8.49
CA LEU D 588 25.38 59.58 9.66
C LEU D 588 23.95 59.15 9.95
N PHE D 589 23.43 59.52 11.12
CA PHE D 589 22.07 59.16 11.44
C PHE D 589 21.12 60.05 10.67
N THR D 590 20.01 59.47 10.24
CA THR D 590 18.99 60.19 9.48
C THR D 590 17.67 59.95 10.18
N PRO D 591 16.79 60.96 10.24
CA PRO D 591 15.50 60.78 10.90
C PRO D 591 14.65 59.61 10.34
N ASP D 592 14.72 59.40 9.02
CA ASP D 592 13.96 58.30 8.39
C ASP D 592 14.45 56.97 8.92
N TRP D 593 15.77 56.80 8.97
CA TRP D 593 16.35 55.58 9.47
C TRP D 593 15.82 55.31 10.87
N ILE D 594 15.77 56.37 11.69
CA ILE D 594 15.28 56.27 13.08
C ILE D 594 13.83 55.81 13.14
N ARG D 595 12.98 56.36 12.28
CA ARG D 595 11.58 55.96 12.25
C ARG D 595 11.44 54.52 11.74
N ASN D 596 12.17 54.18 10.69
CA ASN D 596 12.08 52.84 10.13
C ASN D 596 12.63 51.72 10.99
N ILE D 597 13.77 51.96 11.65
CA ILE D 597 14.36 50.94 12.49
C ILE D 597 13.48 50.75 13.73
N ALA D 598 12.75 51.81 14.11
CA ALA D 598 11.84 51.72 15.25
C ALA D 598 10.72 50.71 14.96
N LYS D 599 10.44 50.53 13.67
CA LYS D 599 9.42 49.58 13.26
C LYS D 599 9.90 48.18 13.62
N GLY D 600 11.19 48.09 13.94
CA GLY D 600 11.79 46.80 14.29
C GLY D 600 12.13 46.58 15.76
N GLY D 601 11.66 47.47 16.64
CA GLY D 601 11.94 47.30 18.05
C GLY D 601 13.10 48.06 18.63
N LEU D 602 13.69 48.96 17.84
CA LEU D 602 14.80 49.75 18.31
C LEU D 602 14.23 51.12 18.69
N PHE D 603 14.01 51.33 19.97
CA PHE D 603 13.42 52.57 20.43
C PHE D 603 14.43 53.50 21.10
N ILE D 604 14.52 54.72 20.58
CA ILE D 604 15.43 55.69 21.13
C ILE D 604 14.66 56.72 21.95
N GLY D 605 15.10 56.97 23.17
CA GLY D 605 14.43 57.95 24.01
C GLY D 605 13.03 57.56 24.44
N SER D 606 12.87 56.31 24.85
CA SER D 606 11.59 55.80 25.30
C SER D 606 11.84 54.62 26.23
N PRO D 607 12.19 54.93 27.49
CA PRO D 607 12.47 53.88 28.49
C PRO D 607 11.30 52.93 28.65
N ASN D 608 11.59 51.64 28.57
CA ASN D 608 10.57 50.60 28.74
C ASN D 608 9.47 50.61 27.70
N LYS D 609 9.72 51.22 26.56
CA LYS D 609 8.72 51.21 25.51
C LYS D 609 8.75 49.82 24.87
N THR D 610 7.58 49.25 24.65
CA THR D 610 7.45 47.91 24.05
C THR D 610 6.97 48.00 22.61
N MET D 611 7.01 46.89 21.88
CA MET D 611 6.55 46.86 20.50
C MET D 611 5.04 47.05 20.48
N ASN D 612 4.41 46.56 21.54
CA ASN D 612 2.95 46.65 21.68
C ASN D 612 2.52 48.11 21.74
N GLU D 613 3.20 48.87 22.59
CA GLU D 613 2.89 50.29 22.76
C GLU D 613 3.20 51.03 21.47
N HIS D 614 4.27 50.63 20.79
CA HIS D 614 4.68 51.28 19.56
C HIS D 614 3.74 51.10 18.38
N ARG D 615 3.15 49.91 18.24
CA ARG D 615 2.22 49.62 17.16
C ARG D 615 0.85 50.22 17.40
N SER D 616 0.41 50.18 18.66
CA SER D 616 -0.90 50.72 18.98
C SER D 616 -0.89 52.23 19.16
N THR D 617 0.29 52.80 19.39
CA THR D 617 0.36 54.23 19.65
C THR D 617 1.24 55.14 18.80
N ALA D 618 2.30 54.62 18.20
CA ALA D 618 3.19 55.49 17.41
C ALA D 618 3.21 55.26 15.91
N ASP D 619 3.23 53.99 15.51
CA ASP D 619 3.30 53.63 14.09
C ASP D 619 2.84 52.18 13.90
N ASN D 620 1.68 52.02 13.26
CA ASN D 620 1.13 50.69 13.05
C ASN D 620 1.61 50.04 11.74
N ASN D 621 2.61 50.61 11.09
CA ASN D 621 3.14 50.02 9.85
C ASN D 621 4.50 49.36 10.03
N ASP D 622 4.57 48.06 9.77
CA ASP D 622 5.85 47.37 9.86
C ASP D 622 6.64 47.66 8.59
N LEU D 623 7.83 47.08 8.49
CA LEU D 623 8.70 47.29 7.35
C LEU D 623 8.06 46.85 6.03
N TYR D 624 7.09 45.93 6.10
CA TYR D 624 6.40 45.44 4.91
C TYR D 624 5.45 46.52 4.35
N GLN D 625 4.65 47.13 5.23
CA GLN D 625 3.73 48.19 4.82
C GLN D 625 4.52 49.36 4.26
N ALA D 626 5.63 49.68 4.91
CA ALA D 626 6.48 50.78 4.46
C ALA D 626 6.98 50.46 3.05
N SER D 627 7.43 49.23 2.85
CA SER D 627 7.91 48.80 1.55
C SER D 627 6.76 48.86 0.56
N THR D 628 5.61 48.37 1.01
CA THR D 628 4.42 48.36 0.19
C THR D 628 3.93 49.76 -0.18
N ASN D 629 4.01 50.70 0.76
CA ASN D 629 3.57 52.06 0.49
C ASN D 629 4.56 52.75 -0.43
N ALA D 630 5.83 52.39 -0.29
CA ALA D 630 6.88 52.97 -1.13
C ALA D 630 6.73 52.44 -2.55
N LEU D 631 6.28 51.19 -2.69
CA LEU D 631 6.05 50.57 -4.00
C LEU D 631 4.92 51.33 -4.69
N MET D 632 3.87 51.60 -3.92
CA MET D 632 2.70 52.33 -4.40
C MET D 632 3.15 53.66 -5.01
N GLU D 633 4.08 54.33 -4.34
CA GLU D 633 4.59 55.61 -4.82
C GLU D 633 5.40 55.50 -6.11
N SER D 634 6.41 54.63 -6.10
CA SER D 634 7.25 54.43 -7.28
C SER D 634 6.40 53.93 -8.45
N LEU D 635 5.47 53.02 -8.18
CA LEU D 635 4.62 52.51 -9.26
C LEU D 635 3.91 53.70 -9.89
N GLY D 636 3.45 54.63 -9.05
CA GLY D 636 2.76 55.82 -9.52
C GLY D 636 3.68 56.77 -10.27
N LYS D 637 4.93 56.85 -9.84
CA LYS D 637 5.88 57.72 -10.50
C LYS D 637 6.16 57.14 -11.89
N LEU D 638 6.06 55.82 -12.02
CA LEU D 638 6.29 55.15 -13.29
C LEU D 638 5.11 55.38 -14.23
N ARG D 639 3.90 55.13 -13.73
CA ARG D 639 2.69 55.32 -14.51
C ARG D 639 2.64 56.78 -15.01
N SER D 640 3.05 57.70 -14.15
CA SER D 640 3.04 59.11 -14.50
C SER D 640 4.00 59.45 -15.61
N ASN D 641 5.17 58.81 -15.61
CA ASN D 641 6.18 59.07 -16.63
C ASN D 641 5.71 58.65 -18.02
N TYR D 642 5.00 57.53 -18.10
CA TYR D 642 4.51 57.04 -19.37
C TYR D 642 3.00 57.26 -19.50
N ALA D 643 2.49 58.21 -18.71
CA ALA D 643 1.07 58.53 -18.71
C ALA D 643 0.53 58.87 -20.11
N SER D 644 1.40 59.37 -20.96
CA SER D 644 1.04 59.73 -22.34
C SER D 644 1.20 58.56 -23.29
N ASN D 645 1.99 57.58 -22.90
CA ASN D 645 2.24 56.39 -23.71
C ASN D 645 1.12 55.38 -23.47
N MET D 646 0.02 55.49 -24.20
CA MET D 646 -1.12 54.60 -24.01
C MET D 646 -0.84 53.11 -24.05
N PRO D 647 -0.02 52.63 -24.99
CA PRO D 647 0.24 51.19 -24.99
C PRO D 647 0.94 50.72 -23.70
N ILE D 648 1.81 51.56 -23.15
CA ILE D 648 2.51 51.21 -21.91
C ILE D 648 1.50 51.13 -20.76
N GLN D 649 0.56 52.08 -20.74
CA GLN D 649 -0.47 52.12 -19.71
C GLN D 649 -1.34 50.88 -19.77
N SER D 650 -1.78 50.53 -20.98
CA SER D 650 -2.62 49.36 -21.16
C SER D 650 -1.92 48.09 -20.67
N GLN D 651 -0.60 48.02 -20.84
CA GLN D 651 0.13 46.85 -20.39
C GLN D 651 0.16 46.81 -18.86
N ILE D 652 0.45 47.96 -18.26
CA ILE D 652 0.50 48.07 -16.81
C ILE D 652 -0.86 47.75 -16.23
N ASP D 653 -1.90 48.38 -16.78
CA ASP D 653 -3.27 48.15 -16.32
C ASP D 653 -3.59 46.66 -16.41
N SER D 654 -3.21 46.05 -17.53
CA SER D 654 -3.44 44.63 -17.74
C SER D 654 -2.74 43.77 -16.69
N LEU D 655 -1.53 44.16 -16.29
CA LEU D 655 -0.81 43.39 -15.27
C LEU D 655 -1.53 43.52 -13.93
N LEU D 656 -1.78 44.74 -13.51
CA LEU D 656 -2.47 44.97 -12.25
C LEU D 656 -3.84 44.28 -12.25
N SER D 657 -4.51 44.30 -13.41
CA SER D 657 -5.82 43.68 -13.54
C SER D 657 -5.75 42.17 -13.34
N LEU D 658 -4.86 41.51 -14.06
CA LEU D 658 -4.73 40.07 -13.93
C LEU D 658 -4.42 39.72 -12.47
N MET D 659 -3.58 40.53 -11.84
CA MET D 659 -3.22 40.29 -10.44
C MET D 659 -4.46 40.49 -9.58
N ASP D 660 -5.20 41.56 -9.83
CA ASP D 660 -6.40 41.82 -9.04
C ASP D 660 -7.34 40.64 -9.12
N LEU D 661 -7.37 40.00 -10.29
CA LEU D 661 -8.24 38.87 -10.49
C LEU D 661 -7.94 37.65 -9.61
N PHE D 662 -6.67 37.45 -9.26
CA PHE D 662 -6.33 36.27 -8.46
C PHE D 662 -5.62 36.44 -7.13
N LEU D 663 -5.02 37.60 -6.88
CA LEU D 663 -4.31 37.81 -5.62
C LEU D 663 -5.04 38.75 -4.64
N PRO D 664 -5.17 38.31 -3.38
CA PRO D 664 -5.84 39.10 -2.34
C PRO D 664 -5.09 40.40 -2.04
N ASP D 665 -3.77 40.33 -2.16
CA ASP D 665 -2.91 41.48 -1.90
C ASP D 665 -3.02 42.58 -2.95
N ILE D 666 -3.72 42.32 -4.05
CA ILE D 666 -3.87 43.33 -5.09
C ILE D 666 -5.33 43.58 -5.41
N ASN D 667 -5.81 44.78 -5.12
CA ASN D 667 -7.19 45.12 -5.40
C ASN D 667 -7.37 46.42 -6.17
N LEU D 668 -7.80 46.29 -7.43
CA LEU D 668 -8.05 47.44 -8.28
C LEU D 668 -9.46 47.92 -7.97
N GLY D 669 -9.61 49.23 -7.82
CA GLY D 669 -10.91 49.78 -7.53
C GLY D 669 -11.57 50.31 -8.78
N GLU D 670 -12.83 50.71 -8.65
CA GLU D 670 -13.59 51.26 -9.76
C GLU D 670 -12.88 52.52 -10.26
N ASN D 671 -12.51 53.40 -9.33
CA ASN D 671 -11.82 54.64 -9.67
C ASN D 671 -10.64 54.35 -10.58
N GLY D 672 -10.12 53.13 -10.46
CA GLY D 672 -8.94 52.73 -11.21
C GLY D 672 -7.91 52.86 -10.11
N ALA D 673 -8.41 53.14 -8.91
CA ALA D 673 -7.57 53.30 -7.72
C ALA D 673 -6.84 51.99 -7.49
N LEU D 674 -5.70 52.05 -6.83
CA LEU D 674 -4.92 50.85 -6.57
C LEU D 674 -4.67 50.63 -5.10
N GLU D 675 -5.20 49.53 -4.56
CA GLU D 675 -4.99 49.21 -3.16
C GLU D 675 -3.87 48.17 -3.04
N LEU D 676 -2.84 48.56 -2.30
CA LEU D 676 -1.68 47.72 -2.05
C LEU D 676 -2.04 46.54 -1.14
N LYS D 677 -1.21 46.27 -0.14
CA LYS D 677 -1.38 45.18 0.83
C LYS D 677 0.00 44.65 1.22
N ARG D 678 0.40 44.91 2.45
CA ARG D 678 1.72 44.49 2.92
C ARG D 678 2.14 43.10 2.46
N GLY D 679 1.17 42.23 2.20
CA GLY D 679 1.48 40.88 1.77
C GLY D 679 2.43 40.71 0.58
N ILE D 680 2.23 41.47 -0.48
CA ILE D 680 3.08 41.34 -1.65
C ILE D 680 4.56 41.64 -1.44
N ALA D 681 4.87 42.49 -0.47
CA ALA D 681 6.25 42.85 -0.21
C ALA D 681 6.95 41.95 0.82
N LYS D 682 6.17 41.17 1.54
CA LYS D 682 6.73 40.29 2.57
C LYS D 682 7.90 39.45 2.08
N ASN D 683 7.67 38.58 1.11
CA ASN D 683 8.74 37.73 0.59
C ASN D 683 9.84 38.47 -0.17
N PRO D 684 9.47 39.35 -1.11
CA PRO D 684 10.52 40.07 -1.85
C PRO D 684 11.46 40.89 -0.98
N LEU D 685 10.95 41.42 0.14
CA LEU D 685 11.80 42.19 1.02
C LEU D 685 12.79 41.25 1.69
N THR D 686 12.28 40.11 2.15
CA THR D 686 13.10 39.13 2.83
C THR D 686 14.26 38.66 1.96
N ILE D 687 13.94 38.17 0.76
CA ILE D 687 14.99 37.66 -0.13
C ILE D 687 15.87 38.73 -0.76
N THR D 688 15.43 39.99 -0.71
CA THR D 688 16.24 41.06 -1.25
C THR D 688 17.39 41.29 -0.27
N ILE D 689 17.16 40.95 0.99
CA ILE D 689 18.20 41.09 2.01
C ILE D 689 19.11 39.87 1.96
N TYR D 690 18.62 38.81 1.30
CA TYR D 690 19.40 37.59 1.12
C TYR D 690 20.14 37.68 -0.21
N GLY D 691 20.11 38.87 -0.82
CA GLY D 691 20.80 39.09 -2.09
C GLY D 691 20.05 38.83 -3.40
N SER D 692 18.85 38.28 -3.32
CA SER D 692 18.06 37.97 -4.51
C SER D 692 18.05 39.05 -5.61
N GLY D 693 17.97 38.61 -6.86
CA GLY D 693 17.92 39.55 -7.97
C GLY D 693 16.48 39.94 -8.22
N ALA D 694 16.25 40.90 -9.11
CA ALA D 694 14.90 41.35 -9.43
C ALA D 694 14.14 40.28 -10.22
N ARG D 695 14.82 39.61 -11.14
CA ARG D 695 14.18 38.58 -11.94
C ARG D 695 13.54 37.48 -11.10
N GLY D 696 14.27 36.96 -10.12
CA GLY D 696 13.76 35.90 -9.27
C GLY D 696 12.46 36.29 -8.57
N ILE D 697 12.39 37.53 -8.10
CA ILE D 697 11.20 38.02 -7.44
C ILE D 697 10.08 38.05 -8.46
N ALA D 698 10.39 38.42 -9.70
CA ALA D 698 9.38 38.46 -10.74
C ALA D 698 8.86 37.03 -10.89
N GLY D 699 9.79 36.10 -11.08
CA GLY D 699 9.42 34.71 -11.24
C GLY D 699 8.48 34.29 -10.13
N LYS D 700 8.82 34.67 -8.91
CA LYS D 700 8.00 34.34 -7.75
C LYS D 700 6.56 34.84 -7.89
N LEU D 701 6.42 36.14 -8.14
CA LEU D 701 5.10 36.77 -8.27
C LEU D 701 4.25 36.12 -9.36
N VAL D 702 4.84 35.85 -10.52
CA VAL D 702 4.08 35.20 -11.59
C VAL D 702 3.65 33.82 -11.09
N SER D 703 4.54 33.16 -10.36
CA SER D 703 4.25 31.84 -9.84
C SER D 703 3.06 31.85 -8.89
N SER D 704 2.81 32.98 -8.22
CA SER D 704 1.68 33.11 -7.31
C SER D 704 0.40 33.27 -8.13
N VAL D 705 0.53 33.94 -9.27
CA VAL D 705 -0.58 34.18 -10.18
C VAL D 705 -0.94 32.90 -10.92
N THR D 706 0.06 32.20 -11.46
CA THR D 706 -0.19 30.96 -12.18
C THR D 706 -0.88 29.91 -11.28
N ASP D 707 -0.44 29.81 -10.03
CA ASP D 707 -1.04 28.84 -9.12
C ASP D 707 -2.51 29.15 -8.89
N ALA D 708 -2.85 30.44 -8.83
CA ALA D 708 -4.23 30.85 -8.61
C ALA D 708 -5.03 30.50 -9.86
N ILE D 709 -4.54 30.91 -11.02
CA ILE D 709 -5.22 30.62 -12.27
C ILE D 709 -5.50 29.13 -12.33
N TYR D 710 -4.45 28.33 -12.10
CA TYR D 710 -4.57 26.89 -12.13
C TYR D 710 -5.66 26.42 -11.18
N GLU D 711 -5.74 27.06 -10.01
CA GLU D 711 -6.75 26.72 -9.00
C GLU D 711 -8.15 27.00 -9.52
N ARG D 712 -8.31 28.04 -10.32
CA ARG D 712 -9.62 28.36 -10.89
C ARG D 712 -9.98 27.35 -11.96
N MET D 713 -8.99 26.85 -12.70
CA MET D 713 -9.26 25.88 -13.76
C MET D 713 -9.84 24.63 -13.15
N SER D 714 -9.53 24.37 -11.88
CA SER D 714 -10.05 23.19 -11.21
C SER D 714 -11.47 23.51 -10.76
N ASP D 715 -11.68 24.77 -10.36
CA ASP D 715 -12.98 25.27 -9.92
C ASP D 715 -14.04 25.11 -11.00
N VAL D 716 -13.69 25.48 -12.24
CA VAL D 716 -14.63 25.37 -13.35
C VAL D 716 -15.05 23.91 -13.59
N LEU D 717 -14.08 23.05 -13.86
CA LEU D 717 -14.36 21.63 -14.09
C LEU D 717 -15.33 21.09 -13.04
N LYS D 718 -15.31 21.72 -11.87
CA LYS D 718 -16.16 21.33 -10.76
C LYS D 718 -17.57 21.90 -10.90
N ALA D 719 -17.66 23.19 -11.22
CA ALA D 719 -18.94 23.86 -11.38
C ALA D 719 -19.74 23.34 -12.57
N ARG D 720 -19.06 22.77 -13.56
CA ARG D 720 -19.73 22.23 -14.74
C ARG D 720 -20.04 20.74 -14.59
N ALA D 721 -19.19 20.03 -13.84
CA ALA D 721 -19.43 18.61 -13.60
C ALA D 721 -20.57 18.54 -12.58
N LYS D 722 -21.12 19.71 -12.31
CA LYS D 722 -22.22 19.89 -11.36
C LYS D 722 -23.19 20.89 -12.00
N ASP D 723 -23.24 20.85 -13.33
CA ASP D 723 -24.10 21.71 -14.15
C ASP D 723 -23.44 21.81 -15.53
N PRO D 724 -23.55 20.74 -16.34
CA PRO D 724 -22.94 20.71 -17.69
C PRO D 724 -23.34 21.91 -18.56
N ASN D 725 -24.29 22.69 -18.07
CA ASN D 725 -24.79 23.87 -18.77
C ASN D 725 -24.47 25.13 -17.98
N ILE D 726 -23.41 25.09 -17.18
CA ILE D 726 -23.01 26.25 -16.38
C ILE D 726 -22.63 27.37 -17.34
N SER D 727 -22.79 28.63 -16.89
CA SER D 727 -22.49 29.78 -17.71
C SER D 727 -21.25 29.61 -18.59
N ALA D 728 -20.31 28.78 -18.14
CA ALA D 728 -19.08 28.53 -18.87
C ALA D 728 -18.22 29.79 -18.81
N ALA D 729 -18.60 30.68 -17.90
CA ALA D 729 -17.92 31.95 -17.69
C ALA D 729 -18.22 32.31 -16.24
N MET D 730 -19.09 31.50 -15.64
CA MET D 730 -19.46 31.68 -14.24
C MET D 730 -18.92 30.43 -13.56
N ALA D 731 -18.21 29.63 -14.35
CA ALA D 731 -17.59 28.41 -13.86
C ALA D 731 -16.19 28.78 -13.35
N MET D 732 -15.64 29.84 -13.93
CA MET D 732 -14.31 30.33 -13.59
C MET D 732 -14.38 31.55 -12.65
N PHE D 733 -15.45 32.33 -12.77
CA PHE D 733 -15.63 33.51 -11.92
C PHE D 733 -17.08 33.57 -11.44
N GLY D 734 -17.58 34.77 -11.23
CA GLY D 734 -18.95 34.95 -10.79
C GLY D 734 -19.07 35.00 -9.28
N LYS D 735 -17.93 34.79 -8.61
CA LYS D 735 -17.88 34.81 -7.16
C LYS D 735 -17.79 36.28 -6.76
N GLN D 736 -16.92 37.01 -7.46
CA GLN D 736 -16.71 38.44 -7.21
C GLN D 736 -17.90 39.26 -7.70
N ALA D 737 -18.62 38.71 -8.68
CA ALA D 737 -19.77 39.39 -9.25
C ALA D 737 -21.06 39.08 -8.50
N ALA D 738 -22.18 39.49 -9.09
CA ALA D 738 -23.50 39.26 -8.53
C ALA D 738 -24.44 39.16 -9.71
N SER D 739 -23.93 39.55 -10.87
CA SER D 739 -24.68 39.52 -12.12
C SER D 739 -24.02 38.53 -13.09
N GLU D 740 -24.66 38.32 -14.23
CA GLU D 740 -24.14 37.45 -15.27
C GLU D 740 -23.31 38.33 -16.20
N ALA D 741 -23.27 39.62 -15.86
CA ALA D 741 -22.53 40.61 -16.63
C ALA D 741 -21.20 40.91 -15.93
N HIS D 742 -21.25 41.08 -14.62
CA HIS D 742 -20.06 41.34 -13.84
C HIS D 742 -19.31 40.02 -13.72
N ALA D 743 -19.99 38.95 -14.10
CA ALA D 743 -19.40 37.60 -14.05
C ALA D 743 -19.07 37.18 -15.48
N GLU D 744 -19.18 38.15 -16.38
CA GLU D 744 -18.89 37.93 -17.78
C GLU D 744 -17.76 38.89 -18.12
N GLU D 745 -17.68 39.99 -17.37
CA GLU D 745 -16.64 40.98 -17.56
C GLU D 745 -15.33 40.50 -16.96
N LEU D 746 -15.42 39.59 -16.00
CA LEU D 746 -14.23 39.04 -15.37
C LEU D 746 -13.53 38.17 -16.39
N LEU D 747 -14.32 37.41 -17.16
CA LEU D 747 -13.78 36.54 -18.19
C LEU D 747 -13.16 37.38 -19.30
N ALA D 748 -13.84 38.48 -19.66
CA ALA D 748 -13.36 39.38 -20.69
C ALA D 748 -11.99 39.91 -20.30
N ARG D 749 -11.88 40.36 -19.05
CA ARG D 749 -10.63 40.88 -18.52
C ARG D 749 -9.54 39.82 -18.54
N PHE D 750 -9.83 38.67 -17.96
CA PHE D 750 -8.87 37.57 -17.92
C PHE D 750 -8.26 37.32 -19.30
N LEU D 751 -9.09 36.82 -20.22
CA LEU D 751 -8.64 36.53 -21.58
C LEU D 751 -7.89 37.69 -22.22
N LYS D 752 -8.35 38.91 -21.92
CA LYS D 752 -7.75 40.14 -22.46
C LYS D 752 -6.38 40.45 -21.88
N ASP D 753 -6.23 40.26 -20.57
CA ASP D 753 -4.96 40.52 -19.92
C ASP D 753 -3.94 39.46 -20.33
N MET D 754 -4.37 38.20 -20.40
CA MET D 754 -3.46 37.14 -20.79
C MET D 754 -2.96 37.37 -22.21
N GLU D 755 -3.80 37.98 -23.04
CA GLU D 755 -3.43 38.27 -24.43
C GLU D 755 -2.38 39.35 -24.45
N THR D 756 -2.70 40.46 -23.77
CA THR D 756 -1.81 41.61 -23.67
C THR D 756 -0.45 41.25 -23.09
N LEU D 757 -0.48 40.51 -21.98
CA LEU D 757 0.73 40.13 -21.25
C LEU D 757 1.64 39.08 -21.88
N THR D 758 1.08 38.19 -22.71
CA THR D 758 1.89 37.15 -23.33
C THR D 758 2.33 37.48 -24.75
N SER D 759 1.60 38.37 -25.42
CA SER D 759 1.91 38.73 -26.80
C SER D 759 2.88 39.90 -26.87
N THR D 760 2.93 40.68 -25.79
CA THR D 760 3.82 41.84 -25.74
C THR D 760 4.55 41.90 -24.41
N VAL D 761 5.84 42.23 -24.48
CA VAL D 761 6.67 42.33 -23.29
C VAL D 761 7.45 43.64 -23.32
N PRO D 762 7.73 44.21 -22.13
CA PRO D 762 8.47 45.46 -22.05
C PRO D 762 9.98 45.20 -22.01
N VAL D 763 10.74 46.07 -22.65
CA VAL D 763 12.20 45.99 -22.66
C VAL D 763 12.79 47.34 -22.29
N LYS D 764 14.09 47.36 -22.00
CA LYS D 764 14.76 48.59 -21.63
C LYS D 764 15.80 48.97 -22.69
N ARG D 765 15.44 49.94 -23.53
CA ARG D 765 16.31 50.43 -24.60
C ARG D 765 16.60 51.92 -24.35
N LYS D 766 17.83 52.35 -24.64
CA LYS D 766 18.21 53.74 -24.44
C LYS D 766 17.85 54.20 -23.01
N GLY D 767 17.85 53.25 -22.08
CA GLY D 767 17.52 53.58 -20.70
C GLY D 767 16.05 53.95 -20.53
N VAL D 768 15.22 53.53 -21.48
CA VAL D 768 13.78 53.82 -21.47
C VAL D 768 13.01 52.52 -21.72
N LEU D 769 11.77 52.44 -21.23
CA LEU D 769 10.95 51.25 -21.42
C LEU D 769 10.24 51.34 -22.78
N GLU D 770 10.18 50.21 -23.49
CA GLU D 770 9.55 50.15 -24.81
C GLU D 770 8.87 48.80 -25.01
N LEU D 771 7.71 48.80 -25.65
CA LEU D 771 6.98 47.56 -25.90
C LEU D 771 7.50 46.84 -27.13
N GLN D 772 7.53 45.52 -27.04
CA GLN D 772 8.03 44.68 -28.12
C GLN D 772 7.18 43.40 -28.21
N SER D 773 6.86 42.97 -29.43
CA SER D 773 6.06 41.76 -29.62
C SER D 773 6.87 40.51 -29.31
N THR D 774 6.18 39.45 -28.90
CA THR D 774 6.84 38.20 -28.57
C THR D 774 6.53 37.13 -29.60
N GLY D 775 5.41 37.28 -30.31
CA GLY D 775 5.01 36.31 -31.31
C GLY D 775 4.56 35.01 -30.66
N THR D 776 3.68 35.12 -29.67
CA THR D 776 3.19 33.95 -28.96
C THR D 776 2.05 34.29 -28.00
N GLY D 777 1.39 35.41 -28.23
CA GLY D 777 0.30 35.83 -27.36
C GLY D 777 -0.79 34.81 -27.14
N ALA D 778 -0.83 34.23 -25.92
CA ALA D 778 -1.82 33.22 -25.56
C ALA D 778 -3.12 33.41 -26.33
N LYS D 779 -3.44 32.44 -27.18
CA LYS D 779 -4.63 32.48 -28.01
C LYS D 779 -5.23 31.09 -28.22
N GLY D 780 -6.52 30.96 -27.91
CA GLY D 780 -7.19 29.68 -28.10
C GLY D 780 -8.25 29.36 -27.05
N LYS D 781 -9.12 28.41 -27.34
CA LYS D 781 -10.17 28.01 -26.40
C LYS D 781 -9.53 27.25 -25.24
N ILE D 782 -9.93 27.61 -24.02
CA ILE D 782 -9.35 27.00 -22.83
C ILE D 782 -9.96 25.68 -22.39
N ASN D 783 -9.08 24.74 -22.05
CA ASN D 783 -9.48 23.42 -21.55
C ASN D 783 -8.92 23.33 -20.13
N PRO D 784 -9.75 23.61 -19.12
CA PRO D 784 -9.33 23.56 -17.71
C PRO D 784 -8.49 22.35 -17.33
N LYS D 785 -9.05 21.16 -17.52
CA LYS D 785 -8.34 19.93 -17.19
C LYS D 785 -6.88 19.92 -17.62
N THR D 786 -6.55 20.66 -18.68
CA THR D 786 -5.18 20.68 -19.17
C THR D 786 -4.54 22.05 -19.30
N TYR D 787 -5.36 23.10 -19.20
CA TYR D 787 -4.87 24.47 -19.34
C TYR D 787 -3.53 24.68 -18.64
N THR D 788 -2.47 24.81 -19.42
CA THR D 788 -1.12 25.01 -18.91
C THR D 788 -0.47 26.23 -19.56
N ILE D 789 0.05 27.14 -18.73
CA ILE D 789 0.71 28.33 -19.24
C ILE D 789 2.15 27.97 -19.56
N LYS D 790 2.39 27.57 -20.80
CA LYS D 790 3.73 27.15 -21.24
C LYS D 790 4.86 28.15 -21.02
N GLY D 791 6.08 27.64 -21.12
CA GLY D 791 7.28 28.42 -20.91
C GLY D 791 7.42 29.73 -21.66
N GLU D 792 6.97 29.77 -22.91
CA GLU D 792 7.07 31.00 -23.70
C GLU D 792 6.19 32.10 -23.14
N GLN D 793 4.95 31.75 -22.80
CA GLN D 793 4.02 32.72 -22.24
C GLN D 793 4.43 33.08 -20.81
N LEU D 794 4.91 32.09 -20.05
CA LEU D 794 5.35 32.35 -18.68
C LEU D 794 6.48 33.37 -18.66
N LYS D 795 7.41 33.22 -19.59
CA LYS D 795 8.55 34.13 -19.67
C LYS D 795 8.08 35.55 -19.96
N ALA D 796 6.99 35.66 -20.71
CA ALA D 796 6.44 36.97 -21.05
C ALA D 796 5.80 37.63 -19.83
N LEU D 797 5.02 36.85 -19.09
CA LEU D 797 4.35 37.36 -17.89
C LEU D 797 5.42 37.88 -16.94
N GLN D 798 6.50 37.12 -16.84
CA GLN D 798 7.61 37.47 -15.98
C GLN D 798 8.28 38.79 -16.35
N GLU D 799 8.45 39.04 -17.64
CA GLU D 799 9.09 40.28 -18.07
C GLU D 799 8.20 41.49 -17.79
N ASN D 800 6.89 41.34 -17.98
CA ASN D 800 5.96 42.43 -17.71
C ASN D 800 5.96 42.72 -16.20
N MET D 801 5.94 41.64 -15.40
CA MET D 801 5.94 41.73 -13.95
C MET D 801 7.21 42.42 -13.45
N LEU D 802 8.32 42.10 -14.08
CA LEU D 802 9.63 42.67 -13.75
C LEU D 802 9.73 44.19 -13.86
N HIS D 803 9.46 44.72 -15.05
CA HIS D 803 9.56 46.16 -15.33
C HIS D 803 8.34 46.98 -14.92
N PHE D 804 7.20 46.33 -14.72
CA PHE D 804 6.00 47.07 -14.36
C PHE D 804 5.52 46.89 -12.94
N PHE D 805 6.23 46.09 -12.14
CA PHE D 805 5.83 45.90 -10.76
C PHE D 805 7.02 45.72 -9.83
N VAL D 806 7.86 44.74 -10.18
CA VAL D 806 9.04 44.44 -9.38
C VAL D 806 10.06 45.56 -9.32
N GLU D 807 10.38 46.19 -10.44
CA GLU D 807 11.37 47.27 -10.41
C GLU D 807 10.94 48.34 -9.41
N PRO D 808 9.68 48.81 -9.49
CA PRO D 808 9.32 49.84 -8.52
C PRO D 808 9.26 49.32 -7.07
N LEU D 809 9.07 48.02 -6.91
CA LEU D 809 9.02 47.45 -5.57
C LEU D 809 10.43 47.49 -4.98
N ARG D 810 11.44 47.25 -5.82
CA ARG D 810 12.82 47.27 -5.37
C ARG D 810 13.23 48.69 -4.99
N ASN D 811 12.70 49.67 -5.72
CA ASN D 811 13.01 51.06 -5.42
C ASN D 811 12.39 51.44 -4.08
N GLY D 812 11.20 50.90 -3.81
CA GLY D 812 10.53 51.18 -2.56
C GLY D 812 11.29 50.55 -1.41
N ILE D 813 11.75 49.32 -1.63
CA ILE D 813 12.52 48.59 -0.64
C ILE D 813 13.79 49.37 -0.33
N THR D 814 14.45 49.84 -1.36
CA THR D 814 15.69 50.60 -1.19
C THR D 814 15.45 51.86 -0.38
N GLN D 815 14.30 52.49 -0.60
CA GLN D 815 13.98 53.71 0.12
C GLN D 815 13.57 53.42 1.55
N THR D 816 13.08 52.21 1.81
CA THR D 816 12.67 51.83 3.14
C THR D 816 13.89 51.41 3.97
N VAL D 817 14.75 50.56 3.41
CA VAL D 817 15.92 50.10 4.14
C VAL D 817 17.10 51.06 4.12
N GLY D 818 17.10 51.97 3.15
CA GLY D 818 18.17 52.94 3.05
C GLY D 818 19.22 52.63 2.01
N GLU D 819 19.64 53.67 1.28
CA GLU D 819 20.65 53.53 0.24
C GLU D 819 21.98 53.11 0.85
N SER D 820 22.26 53.63 2.05
CA SER D 820 23.50 53.30 2.73
C SER D 820 23.66 51.78 2.88
N LEU D 821 22.62 51.12 3.39
CA LEU D 821 22.69 49.67 3.56
C LEU D 821 22.93 48.98 2.21
N VAL D 822 22.15 49.37 1.20
CA VAL D 822 22.30 48.80 -0.13
C VAL D 822 23.75 48.90 -0.57
N TYR D 823 24.33 50.08 -0.39
CA TYR D 823 25.72 50.32 -0.74
C TYR D 823 26.63 49.34 0.03
N SER D 824 26.37 49.19 1.33
CA SER D 824 27.14 48.25 2.14
C SER D 824 27.09 46.85 1.57
N THR D 825 25.88 46.36 1.29
CA THR D 825 25.75 45.01 0.74
C THR D 825 26.43 44.86 -0.61
N GLU D 826 26.50 45.94 -1.40
CA GLU D 826 27.16 45.87 -2.70
C GLU D 826 28.67 45.73 -2.49
N GLN D 827 29.22 46.46 -1.53
CA GLN D 827 30.65 46.38 -1.25
C GLN D 827 31.01 45.03 -0.64
N LEU D 828 30.08 44.47 0.14
CA LEU D 828 30.28 43.16 0.78
C LEU D 828 30.31 42.06 -0.28
N GLN D 829 29.40 42.16 -1.25
CA GLN D 829 29.32 41.20 -2.34
C GLN D 829 30.57 41.25 -3.24
N LYS D 830 30.95 42.46 -3.63
CA LYS D 830 32.14 42.63 -4.48
C LYS D 830 33.39 42.08 -3.79
N ALA D 831 33.61 42.50 -2.55
CA ALA D 831 34.78 42.05 -1.80
C ALA D 831 34.84 40.53 -1.70
N THR D 832 33.74 39.92 -1.28
CA THR D 832 33.69 38.47 -1.10
C THR D 832 33.75 37.75 -2.44
N GLN D 833 33.10 38.30 -3.46
CA GLN D 833 33.13 37.67 -4.77
C GLN D 833 34.55 37.74 -5.32
N ILE D 834 35.16 38.92 -5.22
CA ILE D 834 36.51 39.12 -5.72
C ILE D 834 37.50 38.13 -5.10
N GLN D 835 37.38 37.94 -3.79
CA GLN D 835 38.27 37.04 -3.08
C GLN D 835 38.00 35.57 -3.41
N SER D 836 36.74 35.21 -3.62
CA SER D 836 36.41 33.83 -3.95
C SER D 836 36.95 33.49 -5.34
N VAL D 837 37.05 34.48 -6.20
CA VAL D 837 37.57 34.22 -7.53
C VAL D 837 39.03 33.79 -7.45
N VAL D 838 39.79 34.46 -6.59
CA VAL D 838 41.20 34.14 -6.43
C VAL D 838 41.37 32.80 -5.73
N LEU D 839 40.62 32.60 -4.64
CA LEU D 839 40.71 31.32 -3.92
C LEU D 839 40.48 30.17 -4.90
N GLU D 840 39.44 30.30 -5.71
CA GLU D 840 39.09 29.28 -6.70
C GLU D 840 40.17 29.08 -7.75
N ASP D 841 40.67 30.17 -8.31
CA ASP D 841 41.70 30.09 -9.33
C ASP D 841 43.01 29.53 -8.79
N MET D 842 43.37 29.95 -7.59
CA MET D 842 44.61 29.48 -6.98
C MET D 842 44.55 28.00 -6.67
N PHE D 843 43.40 27.54 -6.16
CA PHE D 843 43.24 26.12 -5.83
C PHE D 843 43.23 25.26 -7.10
N LYS D 844 42.57 25.75 -8.14
CA LYS D 844 42.49 25.06 -9.41
C LYS D 844 43.90 24.87 -9.99
N GLN D 845 44.67 25.96 -9.99
CA GLN D 845 46.03 25.94 -10.52
C GLN D 845 46.99 25.05 -9.72
N ARG D 846 46.92 25.11 -8.40
CA ARG D 846 47.79 24.29 -7.55
C ARG D 846 47.42 22.82 -7.71
N VAL D 847 46.15 22.55 -8.00
CA VAL D 847 45.71 21.18 -8.19
C VAL D 847 46.28 20.69 -9.53
N GLN D 848 46.22 21.54 -10.54
CA GLN D 848 46.75 21.16 -11.84
C GLN D 848 48.26 20.99 -11.80
N GLU D 849 48.95 21.78 -10.99
CA GLU D 849 50.41 21.63 -10.89
C GLU D 849 50.75 20.26 -10.31
N LYS D 850 50.07 19.89 -9.23
CA LYS D 850 50.28 18.59 -8.57
C LYS D 850 50.02 17.45 -9.55
N LEU D 851 48.93 17.54 -10.31
CA LEU D 851 48.61 16.49 -11.27
C LEU D 851 49.72 16.31 -12.32
N ALA D 852 50.28 17.42 -12.81
CA ALA D 852 51.35 17.40 -13.79
C ALA D 852 52.55 16.69 -13.16
N GLU D 853 52.73 16.90 -11.86
CA GLU D 853 53.81 16.27 -11.10
C GLU D 853 53.57 14.76 -11.07
N LYS D 854 52.39 14.35 -10.60
CA LYS D 854 52.05 12.95 -10.50
C LYS D 854 51.97 12.27 -11.87
N ALA D 855 51.93 13.08 -12.92
CA ALA D 855 51.87 12.51 -14.27
C ALA D 855 53.21 11.84 -14.57
N LYS D 856 54.24 12.25 -13.84
CA LYS D 856 55.58 11.69 -13.97
C LYS D 856 55.79 10.52 -13.02
N ASP D 857 54.88 10.37 -12.05
CA ASP D 857 54.96 9.28 -11.07
C ASP D 857 54.44 7.99 -11.71
N PRO D 858 55.31 6.98 -11.87
CA PRO D 858 54.95 5.69 -12.48
C PRO D 858 54.00 4.80 -11.69
N THR D 859 53.71 5.18 -10.45
CA THR D 859 52.79 4.40 -9.62
C THR D 859 51.39 4.99 -9.71
N TRP D 860 51.32 6.21 -10.21
CA TRP D 860 50.07 6.95 -10.35
C TRP D 860 49.42 6.82 -11.73
N LYS D 861 48.09 6.70 -11.72
CA LYS D 861 47.29 6.57 -12.93
C LYS D 861 46.31 7.76 -12.94
N LYS D 862 46.04 8.33 -14.11
CA LYS D 862 45.19 9.52 -14.20
C LYS D 862 43.94 9.59 -13.30
N GLY D 863 43.02 8.65 -13.43
CA GLY D 863 41.83 8.70 -12.59
C GLY D 863 42.09 8.68 -11.09
N ASP D 864 43.32 8.43 -10.66
CA ASP D 864 43.61 8.38 -9.22
C ASP D 864 43.39 9.71 -8.49
N PHE D 865 43.84 10.80 -9.08
CA PHE D 865 43.71 12.12 -8.49
C PHE D 865 44.67 12.28 -7.31
N LEU D 866 44.35 13.17 -6.38
CA LEU D 866 45.23 13.44 -5.24
C LEU D 866 44.92 12.69 -3.95
N THR D 867 45.87 12.71 -3.04
CA THR D 867 45.70 12.06 -1.73
C THR D 867 45.11 13.12 -0.80
N GLN D 868 44.55 12.72 0.33
CA GLN D 868 43.97 13.70 1.22
C GLN D 868 45.04 14.69 1.68
N LYS D 869 46.22 14.18 2.01
CA LYS D 869 47.35 14.99 2.45
C LYS D 869 47.68 16.08 1.41
N GLU D 870 47.69 15.68 0.14
CA GLU D 870 47.98 16.61 -0.93
C GLU D 870 46.88 17.66 -1.09
N LEU D 871 45.65 17.28 -0.78
CA LEU D 871 44.55 18.22 -0.91
C LEU D 871 44.58 19.17 0.27
N ASN D 872 44.97 18.66 1.45
CA ASN D 872 45.03 19.52 2.64
C ASN D 872 46.07 20.62 2.47
N ASP D 873 47.26 20.24 2.00
CA ASP D 873 48.35 21.20 1.78
C ASP D 873 47.93 22.31 0.83
N ILE D 874 47.20 21.95 -0.23
CA ILE D 874 46.73 22.94 -1.17
C ILE D 874 45.69 23.87 -0.54
N GLN D 875 44.87 23.32 0.35
CA GLN D 875 43.87 24.11 1.06
C GLN D 875 44.61 25.11 1.97
N ALA D 876 45.56 24.59 2.74
CA ALA D 876 46.36 25.41 3.65
C ALA D 876 47.19 26.46 2.91
N SER D 877 47.51 26.20 1.65
CA SER D 877 48.29 27.14 0.85
C SER D 877 47.47 28.39 0.57
N LEU D 878 46.17 28.32 0.80
CA LEU D 878 45.29 29.46 0.55
C LEU D 878 45.13 30.32 1.81
N ASN D 879 45.54 29.78 2.96
CA ASN D 879 45.41 30.52 4.21
C ASN D 879 45.91 31.95 4.19
N ASN D 880 46.99 32.25 3.48
CA ASN D 880 47.46 33.63 3.46
C ASN D 880 46.54 34.61 2.70
N LEU D 881 45.46 34.10 2.08
CA LEU D 881 44.51 34.97 1.36
C LEU D 881 43.31 35.23 2.27
N ALA D 882 43.34 34.66 3.46
CA ALA D 882 42.28 34.82 4.46
C ALA D 882 40.88 34.38 4.03
N PRO D 883 40.72 33.09 3.66
CA PRO D 883 39.44 32.54 3.23
C PRO D 883 38.34 32.58 4.32
N MET D 884 38.75 32.65 5.58
CA MET D 884 37.80 32.67 6.68
C MET D 884 37.58 34.08 7.24
N ILE D 885 36.33 34.42 7.53
CA ILE D 885 35.99 35.71 8.11
C ILE D 885 35.70 35.43 9.60
N GLU D 886 36.52 35.99 10.49
CA GLU D 886 36.34 35.77 11.93
C GLU D 886 35.57 36.90 12.61
N THR D 887 34.74 36.56 13.58
CA THR D 887 33.98 37.59 14.31
C THR D 887 34.40 37.51 15.77
N GLY D 888 35.22 36.52 16.10
CA GLY D 888 35.65 36.35 17.46
C GLY D 888 34.78 35.30 18.12
N SER D 889 33.59 35.05 17.57
CA SER D 889 32.67 34.07 18.13
C SER D 889 32.06 33.18 17.06
N GLN D 890 32.18 33.59 15.79
CA GLN D 890 31.67 32.80 14.66
C GLN D 890 32.73 32.79 13.56
N THR D 891 32.63 31.84 12.65
CA THR D 891 33.57 31.75 11.53
C THR D 891 32.78 31.42 10.28
N PHE D 892 33.05 32.13 9.19
CA PHE D 892 32.34 31.92 7.93
C PHE D 892 33.30 31.66 6.76
N TYR D 893 32.93 30.71 5.90
CA TYR D 893 33.71 30.34 4.72
C TYR D 893 32.78 30.39 3.52
N ILE D 894 32.60 31.60 3.02
CA ILE D 894 31.74 31.88 1.89
C ILE D 894 32.05 31.07 0.63
N ALA D 895 33.34 30.96 0.30
CA ALA D 895 33.75 30.22 -0.89
C ALA D 895 33.65 28.71 -0.72
N GLY D 896 33.49 28.26 0.52
CA GLY D 896 33.41 26.84 0.80
C GLY D 896 32.41 26.07 -0.03
N SER D 897 32.87 25.00 -0.66
CA SER D 897 31.97 24.19 -1.50
C SER D 897 32.52 22.81 -1.84
N GLU D 898 31.67 22.02 -2.47
CA GLU D 898 32.06 20.70 -2.92
C GLU D 898 31.54 20.60 -4.35
N ASN D 899 32.43 20.64 -5.32
CA ASN D 899 32.00 20.57 -6.70
C ASN D 899 32.77 19.54 -7.51
N ALA D 900 32.31 19.31 -8.73
CA ALA D 900 32.92 18.35 -9.62
C ALA D 900 33.80 19.00 -10.66
N GLU D 901 33.94 20.33 -10.60
CA GLU D 901 34.76 21.04 -11.56
C GLU D 901 36.25 20.78 -11.35
N VAL D 902 36.67 20.75 -10.08
CA VAL D 902 38.08 20.53 -9.72
C VAL D 902 38.71 19.30 -10.37
N ALA D 903 38.08 18.14 -10.19
CA ALA D 903 38.60 16.89 -10.73
C ALA D 903 38.14 16.64 -12.16
N ASN D 904 36.93 17.08 -12.48
CA ASN D 904 36.36 16.89 -13.81
C ASN D 904 36.51 15.45 -14.30
N GLN D 905 36.05 14.49 -13.51
CA GLN D 905 36.13 13.09 -13.90
C GLN D 905 35.16 12.24 -13.11
N VAL D 906 34.91 11.04 -13.62
CA VAL D 906 34.02 10.11 -12.95
C VAL D 906 34.76 9.52 -11.76
N LEU D 907 34.05 9.33 -10.65
CA LEU D 907 34.65 8.75 -9.47
C LEU D 907 34.50 7.22 -9.53
N ALA D 908 33.33 6.79 -9.95
CA ALA D 908 33.02 5.36 -10.06
C ALA D 908 31.68 5.16 -10.77
N THR D 909 31.50 3.96 -11.33
CA THR D 909 30.24 3.60 -11.99
C THR D 909 29.86 2.22 -11.44
N ASN D 910 28.64 1.76 -11.72
CA ASN D 910 28.27 0.43 -11.28
C ASN D 910 28.81 -0.53 -12.33
N LEU D 911 28.60 -1.82 -12.12
CA LEU D 911 29.11 -2.84 -13.03
C LEU D 911 28.49 -2.88 -14.43
N ASP D 912 27.49 -2.04 -14.68
CA ASP D 912 26.86 -2.00 -15.98
C ASP D 912 27.29 -0.78 -16.79
N ASP D 913 28.35 -0.13 -16.34
CA ASP D 913 28.88 1.06 -16.98
C ASP D 913 27.89 2.22 -16.87
N ARG D 914 27.03 2.18 -15.85
CA ARG D 914 26.05 3.23 -15.61
C ARG D 914 26.16 3.75 -14.18
N MET D 915 25.30 4.69 -13.81
CA MET D 915 25.37 5.29 -12.49
C MET D 915 26.77 5.86 -12.35
N ARG D 916 27.11 6.77 -13.26
CA ARG D 916 28.43 7.40 -13.25
C ARG D 916 28.45 8.62 -12.36
N VAL D 917 28.92 8.40 -11.14
CA VAL D 917 29.01 9.45 -10.11
C VAL D 917 30.22 10.34 -10.32
N PRO D 918 29.99 11.66 -10.46
CA PRO D 918 31.12 12.58 -10.65
C PRO D 918 31.97 12.59 -9.39
N MET D 919 33.21 13.02 -9.53
CA MET D 919 34.13 13.10 -8.40
C MET D 919 34.02 14.50 -7.82
N SER D 920 33.39 14.64 -6.66
CA SER D 920 33.24 15.95 -6.03
C SER D 920 34.32 16.13 -4.98
N ILE D 921 34.85 17.35 -4.90
CA ILE D 921 35.91 17.68 -3.96
C ILE D 921 35.55 18.94 -3.19
N TYR D 922 35.94 18.99 -1.92
CA TYR D 922 35.70 20.18 -1.13
C TYR D 922 36.75 21.16 -1.60
N ALA D 923 36.31 22.31 -2.10
CA ALA D 923 37.22 23.33 -2.59
C ALA D 923 36.47 24.66 -2.63
N PRO D 924 37.20 25.76 -2.82
CA PRO D 924 36.52 27.06 -2.87
C PRO D 924 35.98 27.35 -4.27
N ALA D 925 34.79 27.94 -4.34
CA ALA D 925 34.18 28.30 -5.61
C ALA D 925 33.73 29.75 -5.52
N GLN D 926 33.30 30.32 -6.63
CA GLN D 926 32.85 31.70 -6.63
C GLN D 926 31.67 31.90 -5.70
N ALA D 927 31.69 32.99 -4.96
CA ALA D 927 30.63 33.31 -4.01
C ALA D 927 29.40 33.86 -4.72
N GLY D 928 29.63 34.72 -5.69
CA GLY D 928 28.52 35.32 -6.39
C GLY D 928 27.94 36.31 -5.40
N VAL D 929 26.67 36.13 -5.05
CA VAL D 929 26.00 37.05 -4.13
C VAL D 929 25.94 36.47 -2.71
N ALA D 930 26.42 35.23 -2.55
CA ALA D 930 26.38 34.53 -1.27
C ALA D 930 26.95 35.24 -0.04
N GLY D 931 27.83 36.21 -0.23
CA GLY D 931 28.38 36.90 0.93
C GLY D 931 27.33 37.64 1.74
N ILE D 932 26.37 38.25 1.06
CA ILE D 932 25.30 39.00 1.70
C ILE D 932 24.50 38.13 2.68
N PRO D 933 23.91 37.02 2.20
CA PRO D 933 23.13 36.18 3.11
C PRO D 933 24.00 35.64 4.25
N PHE D 934 25.20 35.18 3.90
CA PHE D 934 26.08 34.62 4.91
C PHE D 934 26.29 35.56 6.08
N MET D 935 26.70 36.79 5.80
CA MET D 935 26.98 37.75 6.86
C MET D 935 25.74 38.32 7.54
N THR D 936 24.68 38.56 6.78
CA THR D 936 23.45 39.11 7.30
C THR D 936 22.70 38.12 8.18
N ILE D 937 22.72 36.84 7.80
CA ILE D 937 22.07 35.81 8.59
C ILE D 937 23.01 35.43 9.73
N GLY D 938 24.27 35.23 9.37
CA GLY D 938 25.29 34.87 10.34
C GLY D 938 25.40 35.78 11.54
N THR D 939 25.69 37.05 11.32
CA THR D 939 25.83 37.99 12.43
C THR D 939 24.51 38.56 12.92
N GLY D 940 23.43 38.21 12.23
CA GLY D 940 22.11 38.68 12.61
C GLY D 940 21.39 37.68 13.51
N ASP D 941 20.48 36.89 12.94
CA ASP D 941 19.77 35.92 13.75
C ASP D 941 20.71 34.83 14.28
N GLY D 942 21.70 34.45 13.47
CA GLY D 942 22.64 33.43 13.89
C GLY D 942 23.36 33.79 15.17
N MET D 943 23.98 34.96 15.18
CA MET D 943 24.71 35.41 16.35
C MET D 943 23.78 35.59 17.54
N MET D 944 22.59 36.11 17.28
CA MET D 944 21.62 36.34 18.34
C MET D 944 21.18 35.07 19.07
N MET D 945 20.94 34.00 18.32
CA MET D 945 20.50 32.74 18.94
C MET D 945 21.65 32.07 19.68
N GLN D 946 22.82 32.04 19.05
CA GLN D 946 24.01 31.45 19.66
C GLN D 946 24.26 32.19 20.97
N THR D 947 24.06 33.51 20.95
CA THR D 947 24.27 34.33 22.15
C THR D 947 23.19 34.02 23.17
N LEU D 948 21.94 34.02 22.72
CA LEU D 948 20.80 33.76 23.60
C LEU D 948 20.91 32.45 24.41
N SER D 949 21.52 31.42 23.82
CA SER D 949 21.63 30.18 24.55
C SER D 949 22.92 29.99 25.35
N THR D 950 23.83 30.97 25.30
CA THR D 950 25.08 30.86 26.04
C THR D 950 25.31 32.01 27.01
N MET D 951 24.51 33.07 26.86
CA MET D 951 24.63 34.28 27.68
C MET D 951 24.30 34.05 29.15
N LYS D 952 24.73 35.01 29.99
CA LYS D 952 24.43 34.95 31.41
C LYS D 952 22.90 34.94 31.56
N GLY D 953 22.37 33.91 32.23
CA GLY D 953 20.93 33.81 32.41
C GLY D 953 20.22 33.31 31.17
N ALA D 954 20.89 32.46 30.41
CA ALA D 954 20.33 31.89 29.19
C ALA D 954 19.02 31.15 29.49
N PRO D 955 17.92 31.56 28.83
CA PRO D 955 16.63 30.92 29.05
C PRO D 955 16.70 29.44 28.71
N LYS D 956 16.09 28.61 29.56
CA LYS D 956 16.09 27.17 29.34
C LYS D 956 14.72 26.65 28.90
N ASN D 957 14.72 25.45 28.33
CA ASN D 957 13.50 24.83 27.87
C ASN D 957 12.78 25.65 26.80
N THR D 958 13.52 26.04 25.78
CA THR D 958 12.95 26.80 24.68
C THR D 958 13.19 26.04 23.38
N LEU D 959 12.51 26.48 22.32
CA LEU D 959 12.70 25.90 21.01
C LEU D 959 13.03 27.12 20.16
N LYS D 960 14.24 27.15 19.61
CA LYS D 960 14.64 28.29 18.80
C LYS D 960 14.40 27.96 17.33
N ILE D 961 13.87 28.93 16.60
CA ILE D 961 13.59 28.73 15.19
C ILE D 961 14.15 29.88 14.37
N PHE D 962 15.40 30.21 14.65
CA PHE D 962 16.14 31.24 13.92
C PHE D 962 15.76 32.68 14.21
N ASP D 963 14.48 33.03 14.07
CA ASP D 963 14.08 34.41 14.33
C ASP D 963 12.89 34.47 15.28
N GLY D 964 12.70 33.39 16.02
CA GLY D 964 11.62 33.31 16.98
C GLY D 964 11.95 32.21 17.98
N MET D 965 11.51 32.41 19.21
CA MET D 965 11.78 31.43 20.25
C MET D 965 10.52 31.14 21.07
N ASN D 966 10.14 29.86 21.15
CA ASN D 966 8.97 29.43 21.90
C ASN D 966 9.32 29.38 23.38
N ILE D 967 8.47 29.95 24.21
CA ILE D 967 8.74 30.01 25.64
C ILE D 967 7.58 29.51 26.48
N GLY D 968 7.90 28.77 27.55
CA GLY D 968 6.87 28.27 28.45
C GLY D 968 6.26 29.47 29.16
N LEU D 969 4.98 29.37 29.51
CA LEU D 969 4.24 30.48 30.13
C LEU D 969 4.75 31.09 31.45
N ASN D 970 5.58 30.37 32.20
CA ASN D 970 6.10 30.93 33.46
C ASN D 970 7.37 31.74 33.24
N ASP D 971 7.87 31.78 32.00
CA ASP D 971 9.13 32.48 31.68
C ASP D 971 9.07 33.50 30.56
N ILE D 972 7.90 33.67 29.96
CA ILE D 972 7.75 34.59 28.84
C ILE D 972 8.39 35.95 29.06
N THR D 973 8.29 36.49 30.27
CA THR D 973 8.87 37.79 30.55
C THR D 973 10.39 37.81 30.54
N ASP D 974 11.00 36.99 31.40
CA ASP D 974 12.44 36.96 31.45
C ASP D 974 13.08 36.44 30.16
N ALA D 975 12.52 35.39 29.56
CA ALA D 975 13.09 34.86 28.32
C ALA D 975 13.07 35.89 27.20
N SER D 976 11.98 36.64 27.08
CA SER D 976 11.88 37.66 26.03
C SER D 976 12.93 38.73 26.26
N ARG D 977 13.00 39.22 27.48
CA ARG D 977 13.96 40.25 27.84
C ARG D 977 15.34 39.76 27.45
N LYS D 978 15.67 38.53 27.81
CA LYS D 978 16.95 37.98 27.43
C LYS D 978 17.08 37.95 25.90
N ALA D 979 16.04 37.51 25.21
CA ALA D 979 16.07 37.43 23.75
C ALA D 979 16.36 38.81 23.15
N ASN D 980 15.70 39.83 23.68
CA ASN D 980 15.92 41.18 23.20
C ASN D 980 17.32 41.64 23.57
N GLU D 981 17.87 41.06 24.64
CA GLU D 981 19.20 41.42 25.08
C GLU D 981 20.23 40.84 24.09
N ALA D 982 20.00 39.61 23.64
CA ALA D 982 20.88 38.93 22.70
C ALA D 982 20.82 39.64 21.34
N VAL D 983 19.66 40.23 21.05
CA VAL D 983 19.47 40.98 19.84
C VAL D 983 20.43 42.15 19.93
N TYR D 984 20.36 42.84 21.06
CA TYR D 984 21.21 43.99 21.31
C TYR D 984 22.71 43.71 21.21
N THR D 985 23.19 42.59 21.78
CA THR D 985 24.62 42.33 21.69
C THR D 985 24.95 41.99 20.24
N SER D 986 24.04 41.28 19.58
CA SER D 986 24.25 40.92 18.18
C SER D 986 24.35 42.18 17.32
N TRP D 987 23.65 43.23 17.71
CA TRP D 987 23.70 44.49 16.95
C TRP D 987 24.95 45.31 17.25
N GLN D 988 25.82 44.77 18.10
CA GLN D 988 27.06 45.44 18.42
C GLN D 988 28.09 44.85 17.45
N GLY D 989 27.64 43.88 16.65
CA GLY D 989 28.51 43.25 15.69
C GLY D 989 28.87 44.19 14.55
N ASN D 990 29.78 43.76 13.69
CA ASN D 990 30.20 44.59 12.56
C ASN D 990 30.67 43.67 11.43
N PRO D 991 29.73 43.06 10.68
CA PRO D 991 30.13 42.17 9.58
C PRO D 991 31.05 42.81 8.54
N ILE D 992 30.71 44.02 8.09
CA ILE D 992 31.54 44.70 7.11
C ILE D 992 32.99 44.81 7.60
N LYS D 993 33.17 45.02 8.90
CA LYS D 993 34.52 45.13 9.45
C LYS D 993 35.20 43.76 9.44
N ASN D 994 34.43 42.70 9.71
CA ASN D 994 34.98 41.35 9.71
C ASN D 994 35.49 41.03 8.29
N VAL D 995 34.70 41.40 7.29
CA VAL D 995 35.06 41.18 5.89
C VAL D 995 36.31 42.00 5.54
N TYR D 996 36.34 43.24 6.03
CA TYR D 996 37.47 44.11 5.78
C TYR D 996 38.79 43.50 6.21
N GLU D 997 38.86 43.03 7.45
CA GLU D 997 40.09 42.44 7.97
C GLU D 997 40.58 41.31 7.09
N SER D 998 39.66 40.49 6.63
CA SER D 998 39.99 39.36 5.77
C SER D 998 40.40 39.86 4.37
N TYR D 999 39.68 40.86 3.86
CA TYR D 999 39.97 41.41 2.56
C TYR D 999 41.33 42.13 2.55
N ALA D 1000 41.61 42.87 3.63
CA ALA D 1000 42.87 43.59 3.75
C ALA D 1000 44.02 42.60 3.70
N LYS D 1001 43.87 41.49 4.41
CA LYS D 1001 44.93 40.47 4.40
C LYS D 1001 45.01 39.88 3.00
N PHE D 1002 43.86 39.71 2.36
CA PHE D 1002 43.80 39.17 1.02
C PHE D 1002 44.63 40.03 0.04
N MET D 1003 44.43 41.35 0.08
CA MET D 1003 45.14 42.28 -0.79
C MET D 1003 46.66 42.23 -0.61
N LYS D 1004 47.11 41.77 0.55
CA LYS D 1004 48.53 41.71 0.85
C LYS D 1004 49.19 40.42 0.39
N ASN D 1005 48.38 39.41 0.09
CA ASN D 1005 48.93 38.14 -0.32
C ASN D 1005 48.47 37.67 -1.68
N VAL D 1006 47.64 38.46 -2.34
CA VAL D 1006 47.15 38.12 -3.67
C VAL D 1006 48.21 38.44 -4.73
N ASP D 1007 48.37 37.55 -5.70
CA ASP D 1007 49.34 37.73 -6.79
C ASP D 1007 48.51 37.83 -8.07
N PHE D 1008 48.19 39.05 -8.53
CA PHE D 1008 47.37 39.20 -9.73
C PHE D 1008 48.08 38.70 -10.99
N SER D 1009 49.41 38.68 -10.94
CA SER D 1009 50.18 38.24 -12.09
C SER D 1009 50.09 36.73 -12.32
N LYS D 1010 49.60 35.99 -11.34
CA LYS D 1010 49.48 34.53 -11.48
C LYS D 1010 48.06 34.10 -11.81
N LEU D 1011 47.13 35.04 -11.79
CA LEU D 1011 45.74 34.73 -12.08
C LEU D 1011 45.53 34.45 -13.55
N SER D 1012 44.67 33.47 -13.84
CA SER D 1012 44.36 33.15 -15.22
C SER D 1012 43.49 34.28 -15.77
N PRO D 1013 43.54 34.53 -17.09
CA PRO D 1013 42.72 35.60 -17.63
C PRO D 1013 41.24 35.46 -17.27
N GLU D 1014 40.74 34.23 -17.15
CA GLU D 1014 39.34 34.02 -16.78
C GLU D 1014 39.09 34.67 -15.42
N ALA D 1015 40.02 34.45 -14.50
CA ALA D 1015 39.92 35.01 -13.16
C ALA D 1015 40.04 36.53 -13.18
N LEU D 1016 41.07 37.04 -13.87
CA LEU D 1016 41.27 38.48 -13.95
C LEU D 1016 40.01 39.19 -14.43
N GLU D 1017 39.38 38.61 -15.44
CA GLU D 1017 38.17 39.20 -15.99
C GLU D 1017 37.04 39.15 -14.97
N ALA D 1018 36.91 38.05 -14.24
CA ALA D 1018 35.86 37.93 -13.23
C ALA D 1018 36.01 39.06 -12.20
N ILE D 1019 37.24 39.29 -11.75
CA ILE D 1019 37.50 40.35 -10.78
C ILE D 1019 37.12 41.70 -11.35
N GLY D 1020 37.46 41.90 -12.63
CA GLY D 1020 37.12 43.14 -13.29
C GLY D 1020 35.64 43.44 -13.29
N LYS D 1021 34.79 42.40 -13.43
CA LYS D 1021 33.35 42.62 -13.45
C LYS D 1021 32.83 43.12 -12.10
N SER D 1022 33.58 42.86 -11.03
CA SER D 1022 33.15 43.31 -9.72
C SER D 1022 33.78 44.62 -9.30
N ALA D 1023 35.04 44.82 -9.67
CA ALA D 1023 35.75 46.03 -9.26
C ALA D 1023 35.74 47.21 -10.22
N LEU D 1024 35.50 46.97 -11.49
CA LEU D 1024 35.49 48.04 -12.49
C LEU D 1024 34.14 48.32 -13.14
N GLU D 1025 33.90 49.58 -13.48
CA GLU D 1025 32.65 49.96 -14.15
C GLU D 1025 32.68 49.28 -15.51
N TYR D 1026 31.50 49.16 -16.13
CA TYR D 1026 31.35 48.51 -17.42
C TYR D 1026 32.34 48.92 -18.51
N ASP D 1027 32.23 50.17 -18.97
CA ASP D 1027 33.08 50.66 -20.05
C ASP D 1027 34.58 50.61 -19.82
N GLN D 1028 35.01 50.25 -18.61
CA GLN D 1028 36.43 50.18 -18.29
C GLN D 1028 36.97 48.78 -18.12
N ARG D 1029 36.24 47.78 -18.62
CA ARG D 1029 36.67 46.40 -18.47
C ARG D 1029 37.48 45.80 -19.62
N GLU D 1030 37.01 45.97 -20.85
CA GLU D 1030 37.71 45.38 -21.99
C GLU D 1030 39.13 45.91 -22.14
N ASN D 1031 39.31 47.20 -21.83
CA ASN D 1031 40.63 47.82 -21.91
C ASN D 1031 41.14 48.09 -20.51
N ALA D 1032 41.32 47.02 -19.74
CA ALA D 1032 41.81 47.14 -18.38
C ALA D 1032 43.04 46.26 -18.21
N THR D 1033 44.13 46.86 -17.74
CA THR D 1033 45.37 46.13 -17.53
C THR D 1033 45.27 45.43 -16.19
N VAL D 1034 46.22 44.54 -15.91
CA VAL D 1034 46.23 43.83 -14.66
C VAL D 1034 46.25 44.89 -13.55
N ASP D 1035 47.20 45.82 -13.63
CA ASP D 1035 47.33 46.88 -12.63
C ASP D 1035 46.04 47.69 -12.46
N ASP D 1036 45.22 47.76 -13.51
CA ASP D 1036 43.95 48.49 -13.42
C ASP D 1036 43.01 47.74 -12.48
N ILE D 1037 42.88 46.45 -12.73
CA ILE D 1037 42.02 45.58 -11.95
C ILE D 1037 42.58 45.49 -10.53
N ALA D 1038 43.90 45.41 -10.42
CA ALA D 1038 44.55 45.33 -9.12
C ALA D 1038 44.15 46.56 -8.32
N ASN D 1039 44.31 47.73 -8.93
CA ASN D 1039 43.98 49.00 -8.28
C ASN D 1039 42.50 49.14 -7.92
N ALA D 1040 41.62 48.59 -8.76
CA ALA D 1040 40.19 48.67 -8.49
C ALA D 1040 39.84 47.79 -7.28
N ALA D 1041 40.46 46.62 -7.21
CA ALA D 1041 40.22 45.70 -6.10
C ALA D 1041 40.70 46.36 -4.82
N SER D 1042 41.77 47.15 -4.96
CA SER D 1042 42.39 47.84 -3.84
C SER D 1042 41.49 48.94 -3.30
N LEU D 1043 40.82 49.66 -4.20
CA LEU D 1043 39.93 50.74 -3.79
C LEU D 1043 38.74 50.20 -2.98
N ILE D 1044 38.32 48.98 -3.29
CA ILE D 1044 37.21 48.35 -2.58
C ILE D 1044 37.61 48.15 -1.11
N GLU D 1045 38.87 47.91 -0.86
CA GLU D 1045 39.30 47.74 0.53
C GLU D 1045 39.11 49.04 1.31
N ARG D 1046 39.31 50.19 0.64
CA ARG D 1046 39.14 51.48 1.29
C ARG D 1046 37.65 51.72 1.55
N ASN D 1047 36.81 51.30 0.62
CA ASN D 1047 35.37 51.44 0.77
C ASN D 1047 34.94 50.66 2.01
N LEU D 1048 35.31 49.39 2.05
CA LEU D 1048 34.99 48.52 3.17
C LEU D 1048 35.42 49.21 4.46
N ARG D 1049 36.70 49.61 4.51
CA ARG D 1049 37.25 50.27 5.69
C ARG D 1049 36.42 51.42 6.27
N ASN D 1050 36.00 52.35 5.42
CA ASN D 1050 35.20 53.47 5.92
C ASN D 1050 33.81 53.06 6.39
N ILE D 1051 33.21 52.06 5.75
CA ILE D 1051 31.89 51.61 6.16
C ILE D 1051 32.07 50.96 7.54
N ALA D 1052 33.16 50.24 7.72
CA ALA D 1052 33.44 49.59 9.00
C ALA D 1052 33.59 50.63 10.10
N LEU D 1053 34.29 51.71 9.79
CA LEU D 1053 34.51 52.77 10.77
C LEU D 1053 33.15 53.38 11.11
N GLY D 1054 32.41 53.77 10.08
CA GLY D 1054 31.10 54.34 10.30
C GLY D 1054 30.20 53.48 11.18
N VAL D 1055 30.24 52.17 10.98
CA VAL D 1055 29.40 51.26 11.76
C VAL D 1055 29.85 51.22 13.21
N ASP D 1056 31.16 51.14 13.43
CA ASP D 1056 31.72 51.09 14.77
C ASP D 1056 31.28 52.30 15.57
N ILE D 1057 31.36 53.49 14.95
CA ILE D 1057 31.00 54.72 15.64
C ILE D 1057 29.50 54.78 15.93
N ARG D 1058 28.69 54.47 14.91
CA ARG D 1058 27.24 54.47 15.09
C ARG D 1058 26.87 53.61 16.31
N HIS D 1059 27.39 52.39 16.38
CA HIS D 1059 27.09 51.50 17.50
C HIS D 1059 27.53 52.04 18.86
N LYS D 1060 28.70 52.69 18.92
CA LYS D 1060 29.19 53.23 20.19
C LYS D 1060 28.35 54.41 20.63
N VAL D 1061 27.93 55.22 19.66
CA VAL D 1061 27.11 56.39 19.91
C VAL D 1061 25.71 55.99 20.40
N LEU D 1062 25.16 54.96 19.79
CA LEU D 1062 23.82 54.50 20.15
C LEU D 1062 23.86 53.87 21.55
N ASP D 1063 24.96 53.21 21.89
CA ASP D 1063 25.08 52.60 23.20
C ASP D 1063 25.19 53.63 24.33
N LYS D 1064 25.43 54.90 23.99
CA LYS D 1064 25.54 55.95 25.00
C LYS D 1064 24.19 56.59 25.26
N VAL D 1065 23.21 56.24 24.44
CA VAL D 1065 21.87 56.78 24.57
C VAL D 1065 20.90 55.78 25.18
N ASN D 1066 19.81 56.28 25.77
CA ASN D 1066 18.82 55.42 26.39
C ASN D 1066 17.96 54.71 25.32
N LEU D 1067 18.12 53.39 25.24
CA LEU D 1067 17.38 52.60 24.26
C LEU D 1067 16.55 51.51 24.94
N SER D 1068 15.43 51.17 24.31
CA SER D 1068 14.56 50.10 24.80
C SER D 1068 14.43 49.20 23.57
N ILE D 1069 14.83 47.94 23.67
CA ILE D 1069 14.77 47.04 22.53
C ILE D 1069 13.73 45.94 22.68
N ASP D 1070 12.86 45.84 21.68
CA ASP D 1070 11.81 44.84 21.66
C ASP D 1070 11.64 44.31 20.23
N GLN D 1071 12.69 43.66 19.72
CA GLN D 1071 12.71 43.07 18.39
C GLN D 1071 12.00 41.72 18.42
N MET D 1072 12.23 40.96 19.49
CA MET D 1072 11.59 39.64 19.64
C MET D 1072 10.28 39.88 20.40
N ALA D 1073 9.34 40.52 19.72
CA ALA D 1073 8.08 40.91 20.33
C ALA D 1073 6.99 39.88 20.55
N ALA D 1074 6.06 40.29 21.43
CA ALA D 1074 4.85 39.59 21.86
C ALA D 1074 4.49 39.89 23.32
N VAL D 1075 5.38 39.52 24.22
CA VAL D 1075 5.20 39.68 25.66
C VAL D 1075 5.21 41.11 26.22
N GLY D 1076 5.98 41.99 25.59
CA GLY D 1076 6.06 43.34 26.10
C GLY D 1076 7.10 43.38 27.21
N ALA D 1077 8.29 42.81 26.94
CA ALA D 1077 9.40 42.78 27.89
C ALA D 1077 10.69 43.20 27.20
N PRO D 1078 10.86 44.51 26.99
CA PRO D 1078 12.02 45.12 26.34
C PRO D 1078 13.29 45.18 27.16
N TYR D 1079 14.42 45.11 26.47
CA TYR D 1079 15.72 45.20 27.12
C TYR D 1079 16.14 46.67 27.13
N GLN D 1080 16.71 47.11 28.25
CA GLN D 1080 17.17 48.49 28.41
C GLN D 1080 18.70 48.49 28.39
N ASN D 1081 19.29 49.37 27.59
CA ASN D 1081 20.76 49.43 27.51
C ASN D 1081 21.40 50.32 28.56
N ASN D 1082 20.59 50.96 29.39
CA ASN D 1082 21.09 51.85 30.43
C ASN D 1082 22.06 52.89 29.89
N GLY D 1083 21.69 53.52 28.77
CA GLY D 1083 22.51 54.56 28.20
C GLY D 1083 22.13 55.79 29.00
N LYS D 1084 23.06 56.70 29.21
CA LYS D 1084 22.77 57.88 30.01
C LYS D 1084 22.19 59.09 29.29
N ILE D 1085 22.65 59.33 28.06
CA ILE D 1085 22.15 60.47 27.29
C ILE D 1085 20.68 60.27 26.95
N ASP D 1086 19.84 61.02 27.66
CA ASP D 1086 18.39 60.96 27.48
C ASP D 1086 17.95 61.65 26.20
N LEU D 1087 17.38 60.91 25.26
CA LEU D 1087 16.90 61.49 24.02
C LEU D 1087 15.38 61.54 23.95
N SER D 1088 14.73 61.50 25.11
CA SER D 1088 13.27 61.56 25.17
C SER D 1088 12.75 62.97 24.88
N ASN D 1089 11.45 63.07 24.59
CA ASN D 1089 10.82 64.35 24.27
C ASN D 1089 11.58 65.11 23.17
N MET D 1090 11.87 64.39 22.10
CA MET D 1090 12.58 64.92 20.94
C MET D 1090 11.96 64.31 19.69
N THR D 1091 12.11 64.98 18.55
CA THR D 1091 11.58 64.44 17.31
C THR D 1091 12.70 63.62 16.70
N PRO D 1092 12.39 62.83 15.67
CA PRO D 1092 13.46 62.04 15.06
C PRO D 1092 14.55 62.98 14.51
N GLU D 1093 14.12 64.10 13.95
CA GLU D 1093 15.04 65.09 13.39
C GLU D 1093 16.01 65.54 14.48
N GLN D 1094 15.48 65.81 15.66
CA GLN D 1094 16.29 66.26 16.78
C GLN D 1094 17.21 65.18 17.32
N GLN D 1095 16.75 63.93 17.29
CA GLN D 1095 17.58 62.83 17.79
C GLN D 1095 18.73 62.63 16.82
N ALA D 1096 18.44 62.71 15.52
CA ALA D 1096 19.47 62.55 14.51
C ALA D 1096 20.61 63.52 14.82
N ASP D 1097 20.28 64.81 14.91
CA ASP D 1097 21.27 65.85 15.21
C ASP D 1097 22.15 65.54 16.42
N GLU D 1098 21.54 65.20 17.55
CA GLU D 1098 22.34 64.89 18.73
C GLU D 1098 23.16 63.63 18.50
N LEU D 1099 22.55 62.62 17.88
CA LEU D 1099 23.24 61.37 17.60
C LEU D 1099 24.46 61.67 16.73
N ASN D 1100 24.29 62.54 15.73
CA ASN D 1100 25.38 62.90 14.84
C ASN D 1100 26.43 63.76 15.55
N LYS D 1101 25.99 64.58 16.50
CA LYS D 1101 26.92 65.42 17.23
C LYS D 1101 27.84 64.46 18.00
N LEU D 1102 27.24 63.40 18.55
CA LEU D 1102 27.99 62.39 19.28
C LEU D 1102 28.87 61.62 18.31
N PHE D 1103 28.45 61.61 17.04
CA PHE D 1103 29.19 60.94 15.99
C PHE D 1103 30.48 61.70 15.73
N ARG D 1104 30.34 62.97 15.33
CA ARG D 1104 31.50 63.82 15.05
C ARG D 1104 32.39 63.96 16.29
N GLU D 1105 31.75 63.93 17.46
CA GLU D 1105 32.46 64.06 18.71
C GLU D 1105 33.15 62.74 19.08
N GLU D 1106 32.58 61.64 18.61
CA GLU D 1106 33.13 60.31 18.88
C GLU D 1106 34.43 60.06 18.14
N LEU D 1107 35.16 61.13 17.83
CA LEU D 1107 36.43 61.01 17.13
C LEU D 1107 37.51 61.80 17.86
#